data_4KOE
#
_entry.id   4KOE
#
_cell.length_a   158.040
_cell.length_b   158.040
_cell.length_c   210.420
_cell.angle_alpha   90.00
_cell.angle_beta   90.00
_cell.angle_gamma   120.00
#
_symmetry.space_group_name_H-M   'P 31 2 1'
#
loop_
_entity.id
_entity.type
_entity.pdbx_description
1 polymer 'DNA topoisomerase 4 subunit A'
2 polymer 'DNA topoisomerase 4 subunit B'
3 polymer 'E-site DNA1'
4 polymer 'E-site DNA2'
5 polymer 'E-site DNA3'
6 polymer 'E-site DNA4'
7 non-polymer 'MAGNESIUM ION'
8 non-polymer Trovafloxacin
#
loop_
_entity_poly.entity_id
_entity_poly.type
_entity_poly.pdbx_seq_one_letter_code
_entity_poly.pdbx_strand_id
1 'polypeptide(L)'
;MSNIQNMSLEDIMGERFGRYSKYIIQDRALPDIRDGLKPVQRRILYSMNKDSNTFDKSYRKSAKSVGNIMGNFHPHGDSS
IYDAMVRMSQNWKNREILVEMHGNNGSMDGDPPAAMRYTEARLSEIAGYLLQDIEKKTVPFAWNFDDTEKEPTVLPAAFP
NLLVNGSTGISAGYATDIPPHNLAEVIDAAVYMIDHPTAKIDKLMEFLPGPDFPTGAIIQGRDEIKKAYETGKGRVVVRS
KTEIEKLKGGKEQIVITEIPYEINKANLVKKIDDVRVNNKVAGIAEVRDESDRDGLRIAIELKKDANTELVLNYLFKYTD
LQINYNFNMVAIDNFTPRQVGIVPILSSYIAHRREVILARSRFDKEKAEKRLHIVEGLIRVISILDEVIALIRASENKAD
AKENLKVSYDFTEEQAEAIVTLQLYRLTNTDVVVLQEEEAELREKIAMLAAIIGDERTMYNLMKKELREVKKKFATPRLS
SLEDTAKALEHHHHHH
;
A,B
2 'polypeptide(L)'
;MGHHHHHHHHHHSSGHIDDDDKHMKNKKDKGLLSGKLTPAQSKNPAKNELYLVEGDSAGGSAKQGRDRKFQAILPLRGKV
INTAKAKMADILKNEEINTMIYTIGAGVGADFSIEDANYDKIIIMTDADTDGAHIQTLLLTFFYRYMRPLVEAGHVYIAL
PPLYKMSKGKGKKEEVAYAWTDGELEELRKQFGKGATLQRYKGLGEMNADQLWETTMNPETRTLIRVTIEDLARAERRVN
VLMGDKVEPRRKWIEDNVKFTLEEATVF
;
C,D
3 'polydeoxyribonucleotide' (DC)(DA)(DT)(DG)(DA)(DA)(DT) E
4 'polydeoxyribonucleotide' (DA)(DG)(DT)(DC)(DA)(DT)(DT)(DC)(DA)(DT)(DG) F
5 'polydeoxyribonucleotide' (DC)(DG)(DT)(DG)(DC)(DA)(DT) G
6 'polydeoxyribonucleotide' (DG)(DA)(DC)(DT)(DA)(DT)(DG)(DC)(DA)(DC)(DG) H
#
loop_
_chem_comp.id
_chem_comp.type
_chem_comp.name
_chem_comp.formula
DA DNA linking 2'-DEOXYADENOSINE-5'-MONOPHOSPHATE 'C10 H14 N5 O6 P'
DC DNA linking 2'-DEOXYCYTIDINE-5'-MONOPHOSPHATE 'C9 H14 N3 O7 P'
DG DNA linking 2'-DEOXYGUANOSINE-5'-MONOPHOSPHATE 'C10 H14 N5 O7 P'
DT DNA linking THYMIDINE-5'-MONOPHOSPHATE 'C10 H15 N2 O8 P'
MG non-polymer 'MAGNESIUM ION' 'Mg 2'
TR6 non-polymer Trovafloxacin 'C20 H15 F3 N4 O3'
#
# COMPACT_ATOMS: atom_id res chain seq x y z
N ASN A 3 -13.14 36.44 -13.21
CA ASN A 3 -13.05 35.40 -14.25
C ASN A 3 -11.60 35.11 -14.62
N ILE A 4 -10.83 36.15 -14.87
CA ILE A 4 -9.39 36.01 -15.18
C ILE A 4 -8.57 37.03 -14.40
N GLN A 5 -7.31 36.70 -14.14
CA GLN A 5 -6.44 37.56 -13.34
C GLN A 5 -5.00 37.57 -13.85
N ASN A 6 -4.45 38.77 -14.01
CA ASN A 6 -3.10 38.93 -14.54
C ASN A 6 -2.03 38.93 -13.46
N MET A 7 -1.01 38.10 -13.66
CA MET A 7 0.20 38.15 -12.87
C MET A 7 1.34 38.30 -13.86
N SER A 8 2.41 38.99 -13.47
CA SER A 8 3.58 39.10 -14.35
C SER A 8 4.35 37.79 -14.41
N LEU A 9 5.10 37.59 -15.50
CA LEU A 9 6.01 36.45 -15.57
C LEU A 9 7.01 36.56 -14.43
N GLU A 10 7.44 37.79 -14.12
CA GLU A 10 8.37 38.05 -13.03
C GLU A 10 7.83 37.53 -11.68
N ASP A 11 6.67 38.04 -11.29
CA ASP A 11 6.00 37.61 -10.06
C ASP A 11 5.63 36.13 -10.04
N ILE A 12 5.04 35.62 -11.13
CA ILE A 12 4.61 34.23 -11.18
C ILE A 12 5.79 33.29 -10.93
N MET A 13 6.94 33.59 -11.53
CA MET A 13 8.11 32.72 -11.36
C MET A 13 8.74 32.87 -9.98
N GLY A 14 8.29 33.86 -9.22
CA GLY A 14 8.79 34.08 -7.87
C GLY A 14 8.01 33.26 -6.85
N GLU A 15 6.74 33.60 -6.68
CA GLU A 15 5.85 32.90 -5.73
C GLU A 15 5.84 31.38 -5.98
N ARG A 16 6.28 30.96 -7.15
CA ARG A 16 6.34 29.54 -7.45
C ARG A 16 7.66 28.89 -7.04
N PHE A 17 8.77 29.43 -7.52
CA PHE A 17 10.07 28.83 -7.24
C PHE A 17 10.48 29.05 -5.79
N GLY A 18 10.03 30.18 -5.24
CA GLY A 18 10.17 30.41 -3.83
C GLY A 18 9.55 29.26 -3.06
N ARG A 19 8.28 28.97 -3.37
CA ARG A 19 7.52 27.92 -2.70
C ARG A 19 8.22 26.55 -2.75
N TYR A 20 8.48 26.07 -3.98
CA TYR A 20 9.23 24.83 -4.21
C TYR A 20 10.59 24.82 -3.52
N SER A 21 11.39 25.87 -3.76
CA SER A 21 12.71 26.00 -3.14
C SER A 21 12.63 25.75 -1.63
N LYS A 22 11.77 26.51 -0.96
CA LYS A 22 11.67 26.42 0.49
C LYS A 22 11.39 24.99 0.94
N TYR A 23 10.42 24.36 0.30
CA TYR A 23 9.96 23.03 0.69
C TYR A 23 11.04 21.95 0.47
N ILE A 24 11.67 22.00 -0.70
CA ILE A 24 12.73 21.04 -1.05
C ILE A 24 13.89 21.12 -0.03
N ILE A 25 14.14 22.32 0.48
CA ILE A 25 15.20 22.54 1.44
C ILE A 25 14.83 22.10 2.85
N GLN A 26 13.67 22.54 3.34
CA GLN A 26 13.29 22.21 4.71
C GLN A 26 12.70 20.81 4.85
N ASP A 27 11.95 20.37 3.84
CA ASP A 27 11.06 19.22 4.00
C ASP A 27 11.22 18.09 2.99
N ARG A 28 12.34 18.06 2.25
CA ARG A 28 12.62 16.95 1.35
C ARG A 28 14.06 16.43 1.40
N ALA A 29 14.97 17.14 0.73
CA ALA A 29 16.30 16.61 0.44
C ALA A 29 17.31 16.66 1.58
N LEU A 30 17.14 17.61 2.53
CA LEU A 30 18.17 17.82 3.54
C LEU A 30 17.78 17.31 4.93
N PRO A 31 18.73 16.63 5.61
CA PRO A 31 18.52 16.10 6.96
C PRO A 31 18.50 17.19 8.02
N ASP A 32 17.75 16.95 9.09
CA ASP A 32 17.78 17.78 10.28
C ASP A 32 19.11 17.51 10.98
N ILE A 33 19.77 18.57 11.46
CA ILE A 33 21.12 18.46 12.03
C ILE A 33 21.19 17.61 13.29
N ARG A 34 20.07 17.56 14.03
CA ARG A 34 19.98 16.84 15.31
C ARG A 34 19.77 15.30 15.25
N ASP A 35 18.76 14.83 14.52
CA ASP A 35 18.54 13.38 14.45
C ASP A 35 19.06 12.76 13.15
N GLY A 36 19.52 13.61 12.24
CA GLY A 36 20.09 13.15 10.99
C GLY A 36 19.13 12.57 9.95
N LEU A 37 17.82 12.78 10.16
CA LEU A 37 16.80 12.28 9.24
C LEU A 37 16.22 13.33 8.29
N LYS A 38 15.97 12.93 7.04
CA LYS A 38 15.09 13.71 6.16
C LYS A 38 13.65 13.34 6.54
N PRO A 39 12.69 14.22 6.27
CA PRO A 39 11.30 13.99 6.72
C PRO A 39 10.70 12.60 6.35
N VAL A 40 10.98 12.11 5.15
CA VAL A 40 10.47 10.81 4.78
C VAL A 40 10.99 9.69 5.67
N GLN A 41 12.27 9.76 6.07
CA GLN A 41 12.77 8.70 6.95
C GLN A 41 12.17 8.80 8.33
N ARG A 42 12.02 10.02 8.85
CA ARG A 42 11.42 10.20 10.18
C ARG A 42 10.03 9.58 10.24
N ARG A 43 9.23 9.77 9.19
CA ARG A 43 7.87 9.29 9.14
C ARG A 43 7.84 7.78 9.05
N ILE A 44 8.69 7.21 8.21
CA ILE A 44 8.85 5.78 8.19
C ILE A 44 9.14 5.20 9.58
N LEU A 45 10.14 5.75 10.29
CA LEU A 45 10.48 5.21 11.59
C LEU A 45 9.36 5.43 12.62
N TYR A 46 8.74 6.59 12.56
CA TYR A 46 7.69 6.93 13.51
C TYR A 46 6.41 6.10 13.29
N SER A 47 6.03 5.92 12.02
CA SER A 47 4.83 5.16 11.72
C SER A 47 5.07 3.71 12.13
N MET A 48 6.22 3.15 11.72
CA MET A 48 6.48 1.76 12.03
C MET A 48 6.45 1.57 13.53
N ASN A 49 6.98 2.56 14.24
CA ASN A 49 7.07 2.47 15.69
C ASN A 49 5.68 2.63 16.33
N LYS A 50 4.86 3.55 15.79
CA LYS A 50 3.48 3.67 16.27
C LYS A 50 2.77 2.33 16.11
N ASP A 51 3.01 1.65 14.99
CA ASP A 51 2.38 0.38 14.68
C ASP A 51 3.01 -0.83 15.41
N SER A 52 3.98 -0.58 16.29
CA SER A 52 4.54 -1.65 17.11
C SER A 52 5.38 -2.61 16.29
N ASN A 53 5.82 -2.14 15.13
CA ASN A 53 6.57 -2.97 14.19
C ASN A 53 8.08 -2.87 14.51
N THR A 54 8.47 -3.51 15.61
CA THR A 54 9.79 -3.34 16.19
C THR A 54 10.67 -4.59 16.13
N PHE A 55 11.96 -4.41 16.34
CA PHE A 55 12.96 -5.47 16.17
C PHE A 55 12.62 -6.74 16.94
N ASP A 56 11.76 -6.63 17.96
CA ASP A 56 11.48 -7.76 18.83
C ASP A 56 10.14 -8.44 18.53
N LYS A 57 9.47 -8.00 17.48
CA LYS A 57 8.20 -8.58 17.10
C LYS A 57 8.24 -9.07 15.65
N SER A 58 7.21 -9.79 15.22
CA SER A 58 7.21 -10.43 13.90
C SER A 58 7.39 -9.41 12.80
N TYR A 59 8.03 -9.82 11.70
CA TYR A 59 8.09 -8.95 10.54
C TYR A 59 6.67 -8.67 10.04
N ARG A 60 6.49 -7.50 9.45
CA ARG A 60 5.20 -7.06 8.94
C ARG A 60 5.37 -6.79 7.45
N LYS A 61 4.37 -7.15 6.65
CA LYS A 61 4.41 -6.90 5.22
C LYS A 61 4.71 -5.43 4.85
N SER A 62 5.70 -5.22 4.00
CA SER A 62 6.09 -3.86 3.60
C SER A 62 4.93 -3.00 3.13
N ALA A 63 4.08 -3.56 2.28
CA ALA A 63 2.91 -2.85 1.74
C ALA A 63 1.99 -2.28 2.83
N LYS A 64 1.87 -3.00 3.94
CA LYS A 64 1.06 -2.53 5.05
C LYS A 64 1.75 -1.34 5.73
N SER A 65 3.05 -1.45 5.97
CA SER A 65 3.78 -0.32 6.56
C SER A 65 3.67 0.89 5.64
N VAL A 66 3.93 0.68 4.35
CA VAL A 66 3.95 1.77 3.41
C VAL A 66 2.60 2.49 3.24
N GLY A 67 1.51 1.74 3.21
CA GLY A 67 0.19 2.33 3.10
C GLY A 67 -0.13 3.17 4.32
N ASN A 68 0.27 2.69 5.50
CA ASN A 68 0.01 3.42 6.73
C ASN A 68 0.80 4.73 6.76
N ILE A 69 2.07 4.70 6.34
CA ILE A 69 2.87 5.91 6.24
C ILE A 69 2.25 6.90 5.28
N MET A 70 1.88 6.42 4.11
CA MET A 70 1.25 7.25 3.09
C MET A 70 -0.08 7.89 3.54
N GLY A 71 -0.89 7.16 4.29
CA GLY A 71 -2.21 7.63 4.61
C GLY A 71 -2.23 8.54 5.82
N ASN A 72 -1.26 8.35 6.70
CA ASN A 72 -1.27 9.06 7.96
C ASN A 72 -0.29 10.23 8.05
N PHE A 73 0.80 10.17 7.27
CA PHE A 73 1.94 11.05 7.51
C PHE A 73 2.60 11.72 6.31
N HIS A 74 2.84 10.96 5.26
CA HIS A 74 3.67 11.40 4.13
C HIS A 74 2.89 11.32 2.85
N PRO A 75 2.37 12.47 2.40
CA PRO A 75 1.42 12.56 1.29
C PRO A 75 2.11 12.47 -0.08
N HIS A 76 2.87 11.40 -0.30
CA HIS A 76 3.57 11.25 -1.57
C HIS A 76 3.49 9.83 -2.10
N GLY A 77 4.26 9.55 -3.14
CA GLY A 77 4.16 8.27 -3.81
C GLY A 77 4.57 7.11 -2.92
N ASP A 78 3.86 5.99 -3.07
CA ASP A 78 4.17 4.79 -2.31
C ASP A 78 5.54 4.23 -2.70
N SER A 79 5.86 4.28 -3.99
CA SER A 79 7.15 3.79 -4.48
C SER A 79 8.38 4.50 -3.88
N SER A 80 8.31 5.83 -3.77
CA SER A 80 9.39 6.59 -3.13
C SER A 80 9.52 6.24 -1.65
N ILE A 81 8.38 6.17 -0.96
CA ILE A 81 8.41 5.78 0.43
C ILE A 81 9.08 4.42 0.56
N TYR A 82 8.71 3.49 -0.31
CA TYR A 82 9.23 2.15 -0.20
C TYR A 82 10.72 2.16 -0.47
N ASP A 83 11.13 2.76 -1.59
CA ASP A 83 12.55 2.91 -1.94
C ASP A 83 13.42 3.42 -0.79
N ALA A 84 12.91 4.45 -0.10
CA ALA A 84 13.53 4.96 1.11
C ALA A 84 13.57 3.96 2.27
N MET A 85 12.46 3.26 2.50
CA MET A 85 12.42 2.18 3.49
C MET A 85 13.49 1.13 3.19
N VAL A 86 13.51 0.69 1.95
CA VAL A 86 14.46 -0.31 1.49
C VAL A 86 15.87 0.20 1.76
N ARG A 87 16.12 1.45 1.39
CA ARG A 87 17.46 1.97 1.53
C ARG A 87 17.98 1.88 2.96
N MET A 88 17.13 2.24 3.92
CA MET A 88 17.51 2.22 5.32
C MET A 88 17.79 0.80 5.83
N SER A 89 17.69 -0.20 4.95
CA SER A 89 17.83 -1.59 5.36
C SER A 89 19.07 -2.18 4.72
N GLN A 90 19.59 -1.45 3.75
CA GLN A 90 20.74 -1.91 2.99
C GLN A 90 22.00 -1.59 3.79
N ASN A 91 22.69 -2.63 4.23
CA ASN A 91 23.83 -2.43 5.10
C ASN A 91 25.14 -2.12 4.35
N TRP A 92 25.06 -1.94 3.04
CA TRP A 92 26.20 -1.46 2.26
C TRP A 92 25.98 0.00 1.90
N LYS A 93 24.91 0.58 2.43
CA LYS A 93 24.61 2.00 2.23
C LYS A 93 24.44 2.72 3.58
N ASN A 94 24.12 1.96 4.62
CA ASN A 94 23.97 2.52 5.95
C ASN A 94 24.91 1.85 6.95
N ARG A 95 25.70 2.68 7.66
CA ARG A 95 26.70 2.16 8.59
C ARG A 95 26.00 1.42 9.70
N GLU A 96 24.86 1.95 10.11
CA GLU A 96 24.01 1.26 11.10
C GLU A 96 22.52 1.18 10.65
N ILE A 97 22.12 0.07 10.01
CA ILE A 97 20.77 0.00 9.43
C ILE A 97 19.67 0.17 10.46
N LEU A 98 18.64 0.92 10.04
CA LEU A 98 17.51 1.30 10.90
C LEU A 98 16.27 0.45 10.60
N VAL A 99 16.23 -0.12 9.41
CA VAL A 99 15.18 -1.03 9.06
C VAL A 99 15.78 -2.38 8.73
N GLU A 100 15.20 -3.40 9.33
CA GLU A 100 15.51 -4.79 9.02
C GLU A 100 14.45 -5.37 8.03
N MET A 101 14.92 -5.83 6.88
CA MET A 101 14.05 -6.29 5.81
C MET A 101 14.34 -7.73 5.44
N HIS A 102 13.31 -8.56 5.55
CA HIS A 102 13.37 -9.95 5.11
C HIS A 102 13.11 -9.99 3.61
N GLY A 103 14.00 -10.65 2.88
CA GLY A 103 13.81 -10.82 1.44
C GLY A 103 14.81 -10.04 0.63
N ASN A 104 14.56 -10.01 -0.67
CA ASN A 104 15.39 -9.31 -1.64
C ASN A 104 15.29 -7.79 -1.49
N ASN A 105 16.19 -7.21 -0.71
CA ASN A 105 16.22 -5.76 -0.56
C ASN A 105 17.25 -5.11 -1.47
N GLY A 106 17.85 -5.92 -2.33
CA GLY A 106 18.83 -5.43 -3.29
C GLY A 106 20.17 -6.11 -3.10
N SER A 107 21.15 -5.67 -3.88
CA SER A 107 22.51 -6.15 -3.73
C SER A 107 23.47 -4.98 -3.99
N MET A 108 24.76 -5.19 -3.73
CA MET A 108 25.77 -4.20 -4.10
C MET A 108 25.85 -4.09 -5.61
N ASP A 109 25.36 -5.12 -6.30
CA ASP A 109 25.28 -5.12 -7.77
C ASP A 109 24.15 -4.21 -8.25
N GLY A 110 23.41 -3.66 -7.30
CA GLY A 110 22.33 -2.74 -7.61
C GLY A 110 21.19 -3.36 -8.40
N ASP A 111 20.95 -4.65 -8.23
CA ASP A 111 19.72 -5.18 -8.80
C ASP A 111 18.53 -4.82 -7.91
N PRO A 112 17.35 -4.63 -8.53
CA PRO A 112 16.15 -4.07 -7.91
C PRO A 112 15.69 -4.89 -6.73
N PRO A 113 15.34 -4.24 -5.62
CA PRO A 113 14.67 -4.90 -4.49
C PRO A 113 13.38 -5.51 -4.97
N ALA A 114 13.03 -6.68 -4.43
CA ALA A 114 11.68 -7.24 -4.57
C ALA A 114 10.64 -6.13 -4.33
N ALA A 115 9.50 -6.21 -5.02
CA ALA A 115 8.45 -5.18 -4.83
C ALA A 115 7.83 -5.23 -3.42
N MET A 116 7.22 -4.15 -2.97
CA MET A 116 6.72 -4.19 -1.60
C MET A 116 5.70 -5.30 -1.31
N ARG A 117 5.02 -5.79 -2.34
CA ARG A 117 4.13 -6.93 -2.15
C ARG A 117 4.86 -8.19 -1.68
N TYR A 118 6.16 -8.26 -1.97
CA TYR A 118 6.97 -9.44 -1.66
C TYR A 118 7.76 -9.39 -0.33
N THR A 119 7.99 -8.21 0.23
CA THR A 119 8.95 -8.12 1.33
C THR A 119 8.28 -7.88 2.68
N GLU A 120 9.02 -8.15 3.75
CA GLU A 120 8.55 -7.77 5.07
C GLU A 120 9.67 -7.07 5.84
N ALA A 121 9.29 -6.31 6.88
CA ALA A 121 10.22 -5.40 7.53
C ALA A 121 9.89 -5.12 9.00
N ARG A 122 10.83 -4.47 9.67
CA ARG A 122 10.62 -3.99 11.03
C ARG A 122 11.79 -3.10 11.38
N LEU A 123 11.57 -2.22 12.34
CA LEU A 123 12.62 -1.43 12.91
C LEU A 123 13.74 -2.33 13.46
N SER A 124 14.99 -1.89 13.29
CA SER A 124 16.12 -2.59 13.88
C SER A 124 16.17 -2.22 15.36
N GLU A 125 16.93 -2.97 16.15
CA GLU A 125 17.09 -2.60 17.56
C GLU A 125 17.64 -1.17 17.72
N ILE A 126 18.66 -0.79 16.93
CA ILE A 126 19.22 0.54 17.11
C ILE A 126 18.23 1.64 16.79
N ALA A 127 17.45 1.41 15.73
CA ALA A 127 16.36 2.31 15.36
C ALA A 127 15.53 2.64 16.58
N GLY A 128 15.28 1.62 17.39
CA GLY A 128 14.63 1.80 18.68
C GLY A 128 15.19 2.98 19.46
N TYR A 129 16.51 3.10 19.48
CA TYR A 129 17.16 4.14 20.24
C TYR A 129 16.96 5.53 19.64
N LEU A 130 16.88 5.62 18.32
CA LEU A 130 16.42 6.86 17.69
C LEU A 130 15.04 7.31 18.22
N LEU A 131 14.19 6.36 18.61
CA LEU A 131 12.82 6.69 19.02
C LEU A 131 12.67 6.72 20.53
N GLN A 132 13.72 6.32 21.23
CA GLN A 132 13.68 6.20 22.67
C GLN A 132 13.04 7.42 23.34
N ASP A 133 12.05 7.16 24.19
CA ASP A 133 11.37 8.19 24.97
C ASP A 133 10.40 9.08 24.20
N ILE A 134 10.08 8.74 22.95
CA ILE A 134 9.12 9.57 22.20
C ILE A 134 7.73 9.70 22.85
N GLU A 135 7.36 8.74 23.70
CA GLU A 135 6.06 8.77 24.35
C GLU A 135 6.06 9.60 25.63
N LYS A 136 7.16 10.32 25.84
CA LYS A 136 7.34 11.07 27.07
C LYS A 136 7.40 12.59 26.84
N LYS A 137 6.85 13.03 25.71
CA LYS A 137 6.69 14.45 25.42
C LYS A 137 8.04 15.14 25.45
N THR A 138 8.97 14.58 24.69
CA THR A 138 10.39 14.94 24.74
C THR A 138 10.83 15.75 23.52
N VAL A 139 9.92 15.93 22.58
CA VAL A 139 10.26 16.40 21.26
C VAL A 139 8.99 17.02 20.69
N PRO A 140 9.12 18.03 19.81
CA PRO A 140 7.94 18.77 19.37
C PRO A 140 7.14 18.05 18.29
N PHE A 141 5.82 18.13 18.39
CA PHE A 141 4.94 17.54 17.38
C PHE A 141 4.20 18.61 16.57
N ALA A 142 3.85 18.25 15.34
CA ALA A 142 3.03 19.09 14.50
C ALA A 142 1.83 18.29 14.06
N TRP A 143 0.88 18.95 13.43
CA TRP A 143 -0.22 18.26 12.76
C TRP A 143 0.25 17.69 11.44
N ASN A 144 -0.17 16.46 11.15
CA ASN A 144 0.09 15.87 9.86
C ASN A 144 -0.68 16.61 8.79
N PHE A 145 -0.42 16.30 7.53
CA PHE A 145 -1.08 16.96 6.41
C PHE A 145 -2.61 16.96 6.52
N ASP A 146 -3.15 16.03 7.30
CA ASP A 146 -4.59 15.80 7.36
C ASP A 146 -5.22 16.56 8.50
N ASP A 147 -4.39 17.06 9.41
CA ASP A 147 -4.87 17.64 10.67
C ASP A 147 -5.66 16.59 11.45
N THR A 148 -5.28 15.34 11.25
CA THR A 148 -5.98 14.24 11.89
C THR A 148 -5.12 13.63 13.00
N GLU A 149 -3.81 13.83 12.91
CA GLU A 149 -2.89 13.17 13.82
C GLU A 149 -1.60 13.98 13.98
N LYS A 150 -0.99 13.91 15.15
CA LYS A 150 0.28 14.60 15.38
C LYS A 150 1.47 13.72 14.96
N GLU A 151 2.50 14.36 14.40
CA GLU A 151 3.74 13.68 14.04
C GLU A 151 4.96 14.45 14.59
N PRO A 152 6.03 13.73 14.98
CA PRO A 152 7.19 14.47 15.53
C PRO A 152 7.93 15.23 14.42
N THR A 153 8.44 16.41 14.75
CA THR A 153 9.24 17.21 13.81
C THR A 153 10.71 16.83 13.85
N VAL A 154 11.14 16.23 14.96
CA VAL A 154 12.45 15.60 15.10
C VAL A 154 12.32 14.40 16.06
N LEU A 155 13.23 13.44 15.98
CA LEU A 155 13.26 12.35 16.96
C LEU A 155 14.25 12.61 18.12
N PRO A 156 14.04 11.94 19.26
CA PRO A 156 14.88 12.05 20.47
C PRO A 156 16.35 11.70 20.26
N ALA A 157 16.62 10.79 19.33
CA ALA A 157 17.98 10.45 18.93
C ALA A 157 18.98 10.12 20.06
N ALA A 158 18.79 8.98 20.69
CA ALA A 158 19.72 8.53 21.71
C ALA A 158 21.11 8.18 21.16
N PHE A 159 21.29 8.25 19.85
CA PHE A 159 22.65 8.30 19.28
C PHE A 159 22.71 9.33 18.15
N PRO A 160 23.92 9.78 17.78
CA PRO A 160 24.20 10.86 16.81
C PRO A 160 24.14 10.38 15.35
N ASN A 161 22.91 10.13 14.91
CA ASN A 161 22.65 9.46 13.66
C ASN A 161 23.25 10.19 12.44
N LEU A 162 23.18 11.52 12.45
CA LEU A 162 23.71 12.33 11.34
C LEU A 162 25.12 11.89 10.92
N LEU A 163 26.02 11.76 11.89
CA LEU A 163 27.37 11.37 11.57
C LEU A 163 27.48 9.88 11.36
N VAL A 164 26.83 9.11 12.22
CA VAL A 164 26.89 7.66 12.14
C VAL A 164 26.43 7.12 10.78
N ASN A 165 25.29 7.59 10.28
CA ASN A 165 24.76 7.06 9.01
C ASN A 165 24.98 7.95 7.83
N GLY A 166 25.23 9.22 8.10
CA GLY A 166 25.43 10.19 7.03
C GLY A 166 24.15 10.64 6.37
N SER A 167 24.28 11.17 5.18
CA SER A 167 23.15 11.71 4.44
C SER A 167 23.60 12.20 3.06
N THR A 168 22.65 12.44 2.17
CA THR A 168 22.91 12.78 0.77
C THR A 168 21.55 12.79 0.10
N GLY A 169 21.10 13.89 -0.47
CA GLY A 169 21.78 15.16 -0.49
C GLY A 169 21.71 15.93 -1.80
N ILE A 170 20.50 16.24 -2.29
CA ILE A 170 20.37 17.22 -3.41
C ILE A 170 19.06 18.01 -3.42
N SER A 171 19.08 19.28 -3.04
CA SER A 171 17.87 20.10 -3.11
C SER A 171 17.93 21.21 -4.17
N ALA A 172 17.52 22.42 -3.80
CA ALA A 172 17.66 23.57 -4.68
C ALA A 172 18.53 24.65 -4.02
N GLY A 173 19.54 25.12 -4.75
CA GLY A 173 20.52 26.00 -4.15
C GLY A 173 21.50 25.27 -3.24
N TYR A 174 21.13 24.07 -2.81
CA TYR A 174 21.97 23.33 -1.87
C TYR A 174 21.97 21.84 -2.19
N ALA A 175 23.03 21.16 -1.76
CA ALA A 175 23.14 19.70 -1.81
C ALA A 175 23.80 19.26 -0.52
N THR A 176 23.81 17.96 -0.25
CA THR A 176 24.50 17.50 0.95
C THR A 176 25.23 16.17 0.74
N ASP A 177 26.44 16.08 1.26
CA ASP A 177 27.15 14.81 1.34
C ASP A 177 27.87 14.73 2.67
N ILE A 178 27.42 13.80 3.50
CA ILE A 178 28.00 13.54 4.80
C ILE A 178 28.24 12.06 4.92
N PRO A 179 29.50 11.63 5.01
CA PRO A 179 29.75 10.19 5.05
C PRO A 179 29.39 9.62 6.42
N PRO A 180 29.20 8.30 6.51
CA PRO A 180 28.96 7.62 7.79
C PRO A 180 30.22 7.51 8.63
N HIS A 181 30.04 7.35 9.93
CA HIS A 181 31.15 7.20 10.85
C HIS A 181 30.93 6.04 11.81
N ASN A 182 32.01 5.60 12.43
CA ASN A 182 31.95 4.60 13.48
C ASN A 182 31.22 5.09 14.72
N LEU A 183 30.18 4.37 15.13
CA LEU A 183 29.33 4.76 16.26
C LEU A 183 30.17 5.07 17.50
N ALA A 184 31.09 4.17 17.81
CA ALA A 184 31.96 4.31 18.96
C ALA A 184 32.81 5.61 18.93
N GLU A 185 33.43 5.88 17.80
CA GLU A 185 34.22 7.08 17.65
C GLU A 185 33.37 8.35 17.80
N VAL A 186 32.20 8.38 17.16
CA VAL A 186 31.34 9.55 17.25
C VAL A 186 30.94 9.85 18.69
N ILE A 187 30.65 8.81 19.45
CA ILE A 187 30.21 8.97 20.83
C ILE A 187 31.35 9.44 21.72
N ASP A 188 32.53 8.89 21.47
CA ASP A 188 33.72 9.35 22.17
C ASP A 188 33.94 10.87 22.03
N ALA A 189 33.81 11.38 20.81
CA ALA A 189 33.89 12.81 20.57
C ALA A 189 32.81 13.55 21.33
N ALA A 190 31.57 13.07 21.23
CA ALA A 190 30.45 13.76 21.90
C ALA A 190 30.68 13.83 23.40
N VAL A 191 31.16 12.73 23.97
CA VAL A 191 31.43 12.70 25.40
C VAL A 191 32.52 13.71 25.75
N TYR A 192 33.62 13.71 24.99
CA TYR A 192 34.69 14.65 25.26
C TYR A 192 34.17 16.06 25.16
N MET A 193 33.32 16.30 24.16
CA MET A 193 32.78 17.65 23.97
C MET A 193 31.76 18.07 25.05
N ILE A 194 31.06 17.11 25.65
CA ILE A 194 30.17 17.45 26.74
C ILE A 194 31.00 18.04 27.88
N ASP A 195 32.18 17.46 28.09
CA ASP A 195 33.09 17.83 29.16
C ASP A 195 33.91 19.07 28.81
N HIS A 196 34.23 19.22 27.53
CA HIS A 196 35.03 20.33 27.05
C HIS A 196 34.33 20.99 25.86
N PRO A 197 33.34 21.85 26.14
CA PRO A 197 32.51 22.46 25.08
C PRO A 197 33.33 23.17 24.02
N THR A 198 34.40 23.81 24.46
CA THR A 198 35.22 24.60 23.54
C THR A 198 36.31 23.83 22.84
N ALA A 199 36.23 22.50 22.88
CA ALA A 199 37.21 21.64 22.22
C ALA A 199 37.43 21.97 20.73
N LYS A 200 38.70 21.97 20.34
CA LYS A 200 39.11 22.23 18.96
C LYS A 200 39.13 20.93 18.13
N ILE A 201 39.09 21.08 16.80
CA ILE A 201 39.06 19.92 15.90
C ILE A 201 40.23 18.97 16.07
N ASP A 202 41.43 19.52 16.22
CA ASP A 202 42.61 18.67 16.34
C ASP A 202 42.45 17.64 17.46
N LYS A 203 41.85 18.08 18.56
CA LYS A 203 41.70 17.23 19.73
C LYS A 203 40.55 16.25 19.53
N LEU A 204 39.44 16.75 18.99
CA LEU A 204 38.30 15.91 18.66
C LEU A 204 38.73 14.76 17.78
N MET A 205 39.76 14.99 16.96
CA MET A 205 40.14 13.97 15.99
C MET A 205 40.96 12.85 16.56
N GLU A 206 41.33 12.95 17.83
CA GLU A 206 41.97 11.83 18.50
C GLU A 206 40.91 10.78 18.83
N PHE A 207 39.65 11.21 18.81
CA PHE A 207 38.51 10.34 19.09
C PHE A 207 37.78 9.95 17.81
N LEU A 208 37.69 10.91 16.91
CA LEU A 208 36.97 10.79 15.65
C LEU A 208 37.93 11.12 14.50
N PRO A 209 38.77 10.14 14.13
CA PRO A 209 39.85 10.33 13.15
C PRO A 209 39.37 10.46 11.72
N GLY A 210 38.13 10.06 11.46
CA GLY A 210 37.61 10.15 10.11
C GLY A 210 36.42 9.25 9.85
N PRO A 211 35.86 9.38 8.64
CA PRO A 211 34.69 8.63 8.16
C PRO A 211 34.91 7.12 8.29
N ASP A 212 33.84 6.36 8.46
CA ASP A 212 33.95 4.92 8.47
C ASP A 212 32.85 4.31 7.60
N PHE A 213 33.20 3.97 6.37
CA PHE A 213 32.23 3.42 5.44
C PHE A 213 31.88 1.97 5.78
N PRO A 214 30.59 1.61 5.63
CA PRO A 214 30.09 0.23 5.78
C PRO A 214 30.79 -0.66 4.77
N THR A 215 31.16 -0.10 3.62
CA THR A 215 31.86 -0.85 2.60
C THR A 215 33.37 -0.94 2.85
N GLY A 216 33.81 -0.45 4.01
CA GLY A 216 35.23 -0.43 4.37
C GLY A 216 36.13 0.35 3.42
N ALA A 217 37.16 -0.32 2.91
CA ALA A 217 38.12 0.31 2.01
C ALA A 217 39.13 1.24 2.72
N ILE A 218 39.93 1.92 1.90
CA ILE A 218 40.98 2.83 2.36
C ILE A 218 40.62 4.31 2.08
N ILE A 219 40.59 5.12 3.13
CA ILE A 219 40.40 6.56 3.00
C ILE A 219 41.71 7.32 3.16
N GLN A 220 42.03 8.19 2.20
CA GLN A 220 43.32 8.87 2.16
C GLN A 220 43.22 10.40 2.19
N GLY A 221 43.90 11.02 3.14
CA GLY A 221 44.05 12.47 3.18
C GLY A 221 43.65 13.11 4.51
N ARG A 222 44.47 12.89 5.53
CA ARG A 222 44.18 13.44 6.86
C ARG A 222 43.89 14.93 6.79
N ASP A 223 44.61 15.63 5.92
CA ASP A 223 44.47 17.07 5.76
C ASP A 223 43.08 17.50 5.28
N GLU A 224 42.64 16.94 4.16
CA GLU A 224 41.29 17.25 3.66
C GLU A 224 40.22 16.80 4.67
N ILE A 225 40.48 15.73 5.41
CA ILE A 225 39.55 15.38 6.47
C ILE A 225 39.47 16.49 7.50
N LYS A 226 40.63 16.99 7.93
CA LYS A 226 40.67 18.07 8.91
C LYS A 226 39.90 19.24 8.34
N LYS A 227 40.14 19.56 7.07
CA LYS A 227 39.51 20.70 6.44
C LYS A 227 37.97 20.55 6.46
N ALA A 228 37.50 19.34 6.18
CA ALA A 228 36.05 19.10 6.13
C ALA A 228 35.41 19.20 7.51
N TYR A 229 36.09 18.67 8.52
CA TYR A 229 35.57 18.72 9.88
C TYR A 229 35.55 20.15 10.35
N GLU A 230 36.36 20.98 9.70
CA GLU A 230 36.51 22.36 10.09
C GLU A 230 35.47 23.24 9.40
N THR A 231 35.29 23.02 8.09
CA THR A 231 34.45 23.92 7.30
C THR A 231 33.23 23.23 6.71
N GLY A 232 33.25 21.90 6.71
CA GLY A 232 32.13 21.17 6.15
C GLY A 232 32.36 20.73 4.71
N LYS A 233 33.34 21.31 4.03
CA LYS A 233 33.74 20.83 2.70
C LYS A 233 35.15 20.23 2.75
N GLY A 234 35.44 19.33 1.81
CA GLY A 234 36.72 18.66 1.73
C GLY A 234 36.68 17.53 0.70
N ARG A 235 37.84 17.19 0.13
CA ARG A 235 37.89 16.13 -0.87
C ARG A 235 38.94 15.11 -0.50
N VAL A 236 38.49 13.91 -0.13
CA VAL A 236 39.36 12.85 0.32
C VAL A 236 39.39 11.78 -0.76
N VAL A 237 40.38 10.89 -0.74
CA VAL A 237 40.44 9.80 -1.70
C VAL A 237 40.01 8.49 -1.07
N VAL A 238 39.12 7.75 -1.72
CA VAL A 238 38.74 6.42 -1.25
C VAL A 238 39.17 5.34 -2.24
N ARG A 239 39.98 4.40 -1.76
CA ARG A 239 40.61 3.43 -2.64
C ARG A 239 40.36 2.00 -2.19
N SER A 240 40.18 1.09 -3.16
CA SER A 240 39.82 -0.30 -2.88
C SER A 240 40.92 -1.07 -2.15
N LYS A 241 40.53 -1.95 -1.23
CA LYS A 241 41.49 -2.85 -0.59
C LYS A 241 41.86 -3.94 -1.59
N THR A 242 43.16 -4.01 -1.91
CA THR A 242 43.68 -4.93 -2.91
C THR A 242 44.79 -5.83 -2.38
N GLU A 243 44.88 -7.04 -2.94
CA GLU A 243 45.98 -7.96 -2.64
C GLU A 243 46.44 -8.57 -3.96
N ILE A 244 47.72 -8.92 -4.04
CA ILE A 244 48.23 -9.60 -5.21
C ILE A 244 48.32 -11.09 -4.90
N GLU A 245 48.15 -11.93 -5.91
CA GLU A 245 48.20 -13.37 -5.71
C GLU A 245 48.93 -14.06 -6.85
N LYS A 246 50.11 -14.58 -6.55
CA LYS A 246 50.88 -15.28 -7.55
C LYS A 246 50.15 -16.56 -7.96
N LEU A 247 50.01 -16.78 -9.26
CA LEU A 247 49.42 -18.00 -9.78
C LEU A 247 50.46 -18.76 -10.60
N LYS A 248 50.16 -20.01 -10.94
CA LYS A 248 51.14 -20.86 -11.62
C LYS A 248 51.56 -20.33 -12.99
N GLY A 249 52.87 -20.17 -13.18
CA GLY A 249 53.42 -19.83 -14.48
C GLY A 249 53.75 -18.35 -14.72
N GLY A 250 54.22 -17.67 -13.69
CA GLY A 250 54.63 -16.28 -13.81
C GLY A 250 53.48 -15.27 -13.86
N LYS A 251 52.26 -15.76 -13.94
CA LYS A 251 51.08 -14.91 -13.97
C LYS A 251 50.74 -14.41 -12.57
N GLU A 252 50.50 -13.11 -12.44
CA GLU A 252 50.00 -12.58 -11.17
C GLU A 252 48.51 -12.30 -11.27
N GLN A 253 47.88 -12.11 -10.12
CA GLN A 253 46.44 -11.82 -10.08
C GLN A 253 46.08 -10.79 -9.01
N ILE A 254 45.42 -9.71 -9.43
CA ILE A 254 44.97 -8.65 -8.52
C ILE A 254 43.62 -9.01 -7.90
N VAL A 255 43.53 -9.01 -6.58
CA VAL A 255 42.29 -9.41 -5.94
C VAL A 255 41.70 -8.33 -5.05
N ILE A 256 40.48 -7.94 -5.36
CA ILE A 256 39.79 -6.85 -4.69
C ILE A 256 38.79 -7.38 -3.67
N THR A 257 38.84 -6.85 -2.45
CA THR A 257 38.04 -7.39 -1.35
C THR A 257 37.11 -6.33 -0.76
N GLU A 258 37.45 -5.07 -1.00
CA GLU A 258 36.63 -3.93 -0.56
C GLU A 258 36.64 -2.84 -1.62
N ILE A 259 35.49 -2.20 -1.81
CA ILE A 259 35.39 -1.11 -2.79
C ILE A 259 34.83 0.17 -2.16
N PRO A 260 34.90 1.28 -2.89
CA PRO A 260 34.52 2.59 -2.38
C PRO A 260 33.03 2.73 -2.16
N TYR A 261 32.67 3.47 -1.12
CA TYR A 261 31.27 3.76 -0.81
C TYR A 261 30.51 4.27 -2.03
N GLU A 262 29.21 4.00 -2.04
CA GLU A 262 28.31 4.42 -3.10
C GLU A 262 28.72 3.95 -4.49
N ILE A 263 29.54 2.90 -4.54
CA ILE A 263 29.95 2.37 -5.83
C ILE A 263 29.32 1.01 -6.12
N ASN A 264 28.69 0.92 -7.27
CA ASN A 264 27.99 -0.27 -7.74
C ASN A 264 28.96 -1.33 -8.26
N LYS A 265 28.98 -2.51 -7.63
CA LYS A 265 29.93 -3.59 -7.96
C LYS A 265 29.83 -4.10 -9.41
N ALA A 266 28.62 -4.33 -9.88
CA ALA A 266 28.43 -4.86 -11.22
C ALA A 266 28.96 -3.91 -12.27
N ASN A 267 28.69 -2.61 -12.09
CA ASN A 267 29.17 -1.60 -13.05
C ASN A 267 30.67 -1.46 -13.01
N LEU A 268 31.24 -1.54 -11.81
CA LEU A 268 32.67 -1.46 -11.63
C LEU A 268 33.31 -2.61 -12.41
N VAL A 269 32.87 -3.82 -12.12
CA VAL A 269 33.41 -5.01 -12.78
C VAL A 269 33.32 -4.91 -14.30
N LYS A 270 32.18 -4.46 -14.81
CA LYS A 270 31.99 -4.31 -16.26
C LYS A 270 32.99 -3.32 -16.84
N LYS A 271 33.17 -2.19 -16.16
CA LYS A 271 34.04 -1.12 -16.64
C LYS A 271 35.51 -1.55 -16.63
N ILE A 272 35.85 -2.41 -15.66
CA ILE A 272 37.18 -2.99 -15.61
C ILE A 272 37.41 -3.93 -16.77
N ASP A 273 36.37 -4.72 -17.08
CA ASP A 273 36.42 -5.64 -18.22
C ASP A 273 36.48 -4.88 -19.55
N ASP A 274 35.87 -3.69 -19.58
CA ASP A 274 35.95 -2.85 -20.76
C ASP A 274 37.39 -2.43 -21.03
N VAL A 275 38.15 -2.22 -19.96
CA VAL A 275 39.57 -1.93 -20.09
C VAL A 275 40.24 -3.11 -20.81
N ARG A 276 40.00 -4.32 -20.32
CA ARG A 276 40.51 -5.51 -20.99
C ARG A 276 40.08 -5.64 -22.46
N VAL A 277 38.78 -5.43 -22.73
CA VAL A 277 38.29 -5.60 -24.10
C VAL A 277 38.85 -4.56 -25.06
N ASN A 278 38.96 -3.32 -24.57
CA ASN A 278 39.52 -2.23 -25.37
C ASN A 278 41.04 -2.24 -25.46
N ASN A 279 41.68 -3.02 -24.59
CA ASN A 279 43.12 -2.93 -24.40
C ASN A 279 43.60 -1.50 -24.26
N LYS A 280 42.88 -0.71 -23.47
CA LYS A 280 43.27 0.66 -23.20
C LYS A 280 44.67 0.63 -22.64
N VAL A 281 44.90 -0.39 -21.81
CA VAL A 281 46.21 -0.63 -21.25
C VAL A 281 46.48 -2.12 -21.38
N ALA A 282 47.70 -2.46 -21.76
CA ALA A 282 48.08 -3.85 -21.99
C ALA A 282 48.23 -4.59 -20.66
N GLY A 283 47.99 -5.90 -20.67
CA GLY A 283 48.24 -6.72 -19.49
C GLY A 283 47.12 -7.59 -18.93
N ILE A 284 45.85 -7.18 -19.13
CA ILE A 284 44.73 -7.88 -18.49
C ILE A 284 44.27 -9.15 -19.21
N ALA A 285 44.25 -10.25 -18.48
CA ALA A 285 43.92 -11.56 -19.05
C ALA A 285 42.44 -11.87 -18.93
N GLU A 286 41.86 -11.60 -17.76
CA GLU A 286 40.47 -11.91 -17.51
C GLU A 286 39.99 -11.23 -16.22
N VAL A 287 38.71 -10.88 -16.17
CA VAL A 287 38.11 -10.26 -14.99
C VAL A 287 36.95 -11.11 -14.46
N ARG A 288 36.98 -11.46 -13.19
CA ARG A 288 36.00 -12.39 -12.61
C ARG A 288 35.40 -11.85 -11.33
N ASP A 289 34.08 -11.71 -11.29
CA ASP A 289 33.41 -11.43 -10.04
C ASP A 289 33.18 -12.76 -9.33
N GLU A 290 33.85 -12.95 -8.19
CA GLU A 290 33.79 -14.21 -7.46
C GLU A 290 33.14 -14.02 -6.09
N SER A 291 32.43 -12.92 -5.93
CA SER A 291 31.75 -12.63 -4.68
C SER A 291 30.59 -13.59 -4.48
N ASP A 292 30.49 -14.18 -3.30
CA ASP A 292 29.38 -15.08 -2.98
C ASP A 292 28.56 -14.52 -1.84
N ARG A 293 27.60 -15.30 -1.37
CA ARG A 293 26.69 -14.86 -0.31
C ARG A 293 27.41 -14.47 0.99
N ASP A 294 28.71 -14.75 1.06
CA ASP A 294 29.50 -14.42 2.26
C ASP A 294 30.94 -14.05 1.91
N GLY A 295 31.09 -13.00 1.11
CA GLY A 295 32.41 -12.53 0.72
C GLY A 295 32.37 -11.73 -0.57
N LEU A 296 33.16 -10.66 -0.63
CA LEU A 296 33.33 -9.89 -1.85
C LEU A 296 34.73 -10.14 -2.45
N ARG A 297 34.76 -10.61 -3.69
CA ARG A 297 36.02 -11.01 -4.30
C ARG A 297 36.05 -10.80 -5.80
N ILE A 298 36.78 -9.77 -6.23
CA ILE A 298 37.03 -9.55 -7.64
C ILE A 298 38.47 -9.92 -7.99
N ALA A 299 38.62 -10.84 -8.94
CA ALA A 299 39.92 -11.31 -9.37
C ALA A 299 40.22 -10.77 -10.78
N ILE A 300 41.29 -9.99 -10.88
CA ILE A 300 41.78 -9.51 -12.17
C ILE A 300 43.07 -10.25 -12.51
N GLU A 301 42.95 -11.30 -13.33
CA GLU A 301 44.10 -12.11 -13.68
C GLU A 301 44.89 -11.45 -14.80
N LEU A 302 46.20 -11.38 -14.63
CA LEU A 302 47.06 -10.70 -15.61
C LEU A 302 47.83 -11.71 -16.44
N LYS A 303 48.20 -11.30 -17.65
CA LYS A 303 49.01 -12.16 -18.50
C LYS A 303 50.43 -12.34 -17.93
N LYS A 304 51.13 -13.35 -18.42
CA LYS A 304 52.53 -13.55 -18.03
C LYS A 304 53.34 -12.34 -18.48
N ASP A 305 54.30 -11.93 -17.64
CA ASP A 305 55.18 -10.82 -17.99
C ASP A 305 54.38 -9.53 -18.26
N ALA A 306 53.43 -9.24 -17.38
CA ALA A 306 52.61 -8.03 -17.50
C ALA A 306 52.87 -7.12 -16.30
N ASN A 307 53.00 -5.82 -16.57
CA ASN A 307 53.38 -4.85 -15.54
C ASN A 307 52.24 -4.53 -14.56
N THR A 308 52.19 -5.27 -13.45
CA THR A 308 51.04 -5.18 -12.55
C THR A 308 50.92 -3.88 -11.76
N GLU A 309 52.01 -3.11 -11.71
CA GLU A 309 51.94 -1.77 -11.14
C GLU A 309 51.16 -0.87 -12.09
N LEU A 310 51.62 -0.81 -13.35
CA LEU A 310 50.98 0.01 -14.39
C LEU A 310 49.46 -0.22 -14.47
N VAL A 311 49.08 -1.50 -14.52
CA VAL A 311 47.68 -1.89 -14.59
C VAL A 311 46.86 -1.40 -13.39
N LEU A 312 47.29 -1.77 -12.19
CA LEU A 312 46.59 -1.35 -10.99
C LEU A 312 46.50 0.17 -10.90
N ASN A 313 47.58 0.86 -11.26
CA ASN A 313 47.56 2.32 -11.29
C ASN A 313 46.56 2.89 -12.29
N TYR A 314 46.48 2.26 -13.46
CA TYR A 314 45.55 2.73 -14.50
C TYR A 314 44.09 2.57 -14.05
N LEU A 315 43.76 1.40 -13.52
CA LEU A 315 42.43 1.18 -12.98
C LEU A 315 42.10 2.17 -11.88
N PHE A 316 43.06 2.50 -11.02
CA PHE A 316 42.78 3.49 -9.97
C PHE A 316 42.35 4.83 -10.57
N LYS A 317 43.02 5.24 -11.64
CA LYS A 317 42.75 6.54 -12.29
C LYS A 317 41.47 6.52 -13.11
N TYR A 318 41.33 5.50 -13.96
CA TYR A 318 40.26 5.49 -14.96
C TYR A 318 39.00 4.66 -14.63
N THR A 319 39.00 4.00 -13.48
CA THR A 319 37.77 3.41 -13.02
C THR A 319 37.42 3.90 -11.62
N ASP A 320 36.44 3.26 -11.01
CA ASP A 320 35.97 3.73 -9.74
C ASP A 320 36.56 2.81 -8.69
N LEU A 321 37.54 2.02 -9.12
CA LEU A 321 38.37 1.25 -8.20
C LEU A 321 38.91 2.21 -7.13
N GLN A 322 39.06 3.47 -7.55
CA GLN A 322 39.40 4.58 -6.67
C GLN A 322 38.61 5.78 -7.12
N ILE A 323 38.03 6.47 -6.15
CA ILE A 323 37.25 7.69 -6.39
C ILE A 323 37.64 8.81 -5.43
N ASN A 324 37.25 10.02 -5.78
CA ASN A 324 37.25 11.11 -4.82
C ASN A 324 35.94 11.07 -4.07
N TYR A 325 35.97 11.35 -2.78
CA TYR A 325 34.73 11.57 -2.02
C TYR A 325 34.71 13.00 -1.48
N ASN A 326 33.69 13.76 -1.90
CA ASN A 326 33.56 15.14 -1.47
C ASN A 326 32.60 15.35 -0.31
N PHE A 327 33.16 15.72 0.84
CA PHE A 327 32.35 16.22 1.94
C PHE A 327 31.65 17.48 1.47
N ASN A 328 30.39 17.61 1.84
CA ASN A 328 29.63 18.83 1.60
C ASN A 328 28.53 18.86 2.67
N MET A 329 28.97 18.79 3.92
CA MET A 329 28.09 18.70 5.07
C MET A 329 27.16 19.91 5.22
N VAL A 330 25.96 19.75 4.65
CA VAL A 330 24.85 20.68 4.88
C VAL A 330 23.70 20.00 5.62
N ALA A 331 23.07 20.75 6.53
CA ALA A 331 21.99 20.21 7.32
C ALA A 331 20.99 21.32 7.65
N ILE A 332 19.86 20.95 8.23
CA ILE A 332 18.88 21.94 8.65
C ILE A 332 19.03 22.25 10.15
N ASP A 333 19.42 23.50 10.41
CA ASP A 333 19.56 24.00 11.77
C ASP A 333 18.63 25.21 11.92
N ASN A 334 17.82 25.21 12.96
CA ASN A 334 16.87 26.30 13.13
C ASN A 334 16.13 26.59 11.82
N PHE A 335 15.52 25.56 11.23
CA PHE A 335 14.68 25.68 10.04
C PHE A 335 15.35 26.22 8.80
N THR A 336 16.68 26.33 8.83
CA THR A 336 17.39 26.84 7.65
C THR A 336 18.64 26.01 7.34
N PRO A 337 19.03 25.95 6.06
CA PRO A 337 20.22 25.19 5.66
C PRO A 337 21.53 25.83 6.16
N ARG A 338 22.42 25.00 6.69
CA ARG A 338 23.71 25.44 7.21
C ARG A 338 24.81 24.48 6.75
N GLN A 339 25.86 25.02 6.16
CA GLN A 339 27.04 24.19 5.95
C GLN A 339 27.76 24.13 7.28
N VAL A 340 28.00 22.93 7.77
CA VAL A 340 28.48 22.77 9.14
C VAL A 340 29.65 21.80 9.20
N GLY A 341 30.57 22.04 10.12
CA GLY A 341 31.66 21.12 10.34
C GLY A 341 31.32 20.24 11.53
N ILE A 342 32.27 19.41 11.94
CA ILE A 342 32.12 18.55 13.11
C ILE A 342 31.63 19.27 14.38
N VAL A 343 32.08 20.50 14.63
CA VAL A 343 31.72 21.17 15.90
C VAL A 343 30.24 21.59 16.09
N PRO A 344 29.68 22.35 15.12
CA PRO A 344 28.24 22.65 15.13
C PRO A 344 27.40 21.39 15.23
N ILE A 345 27.77 20.36 14.46
CA ILE A 345 27.08 19.08 14.49
C ILE A 345 27.02 18.44 15.89
N LEU A 346 28.18 18.28 16.50
CA LEU A 346 28.24 17.71 17.86
C LEU A 346 27.54 18.61 18.87
N SER A 347 27.67 19.91 18.69
CA SER A 347 27.07 20.81 19.66
C SER A 347 25.56 20.86 19.50
N SER A 348 25.08 20.83 18.25
CA SER A 348 23.63 20.82 18.01
C SER A 348 23.04 19.56 18.62
N TYR A 349 23.79 18.46 18.49
CA TYR A 349 23.38 17.19 19.06
C TYR A 349 23.23 17.25 20.56
N ILE A 350 24.27 17.76 21.22
CA ILE A 350 24.31 17.87 22.66
C ILE A 350 23.18 18.78 23.17
N ALA A 351 22.98 19.91 22.49
CA ALA A 351 21.92 20.83 22.88
C ALA A 351 20.57 20.10 22.81
N HIS A 352 20.38 19.32 21.75
CA HIS A 352 19.21 18.47 21.56
C HIS A 352 18.97 17.42 22.64
N ARG A 353 19.99 16.62 22.95
CA ARG A 353 19.85 15.66 24.05
C ARG A 353 19.46 16.37 25.34
N ARG A 354 20.08 17.51 25.61
CA ARG A 354 19.78 18.28 26.80
C ARG A 354 18.28 18.57 26.80
N GLU A 355 17.81 19.07 25.67
CA GLU A 355 16.39 19.38 25.51
C GLU A 355 15.51 18.18 25.83
N VAL A 356 15.90 17.02 25.30
CA VAL A 356 15.17 15.78 25.48
C VAL A 356 15.19 15.28 26.91
N ILE A 357 16.38 15.14 27.47
CA ILE A 357 16.52 14.68 28.85
C ILE A 357 15.76 15.58 29.84
N LEU A 358 15.84 16.90 29.65
CA LEU A 358 15.05 17.78 30.48
C LEU A 358 13.55 17.46 30.31
N ALA A 359 13.08 17.46 29.06
CA ALA A 359 11.70 17.11 28.75
C ALA A 359 11.29 15.73 29.30
N ARG A 360 12.10 14.72 29.03
CA ARG A 360 11.85 13.39 29.57
C ARG A 360 11.65 13.45 31.09
N SER A 361 12.46 14.24 31.76
CA SER A 361 12.48 14.26 33.21
C SER A 361 11.31 15.05 33.79
N ARG A 362 10.96 16.18 33.16
CA ARG A 362 9.75 16.89 33.57
C ARG A 362 8.54 15.95 33.48
N PHE A 363 8.50 15.15 32.43
CA PHE A 363 7.39 14.25 32.20
C PHE A 363 7.33 13.15 33.26
N ASP A 364 8.43 12.45 33.48
CA ASP A 364 8.41 11.42 34.52
C ASP A 364 8.11 11.99 35.90
N LYS A 365 8.55 13.22 36.13
CA LYS A 365 8.40 13.84 37.43
C LYS A 365 6.93 14.20 37.63
N GLU A 366 6.30 14.69 36.56
CA GLU A 366 4.86 14.97 36.63
C GLU A 366 4.00 13.73 36.99
N LYS A 367 4.33 12.58 36.42
CA LYS A 367 3.67 11.33 36.78
C LYS A 367 3.91 10.98 38.24
N ALA A 368 5.17 10.90 38.64
CA ALA A 368 5.47 10.65 40.04
C ALA A 368 4.71 11.60 40.98
N GLU A 369 4.68 12.90 40.66
CA GLU A 369 3.93 13.85 41.47
C GLU A 369 2.42 13.54 41.56
N LYS A 370 1.76 13.37 40.41
CA LYS A 370 0.30 13.18 40.40
C LYS A 370 -0.03 11.97 41.25
N ARG A 371 0.85 10.99 41.20
CA ARG A 371 0.66 9.75 41.93
C ARG A 371 0.83 9.93 43.42
N LEU A 372 1.99 10.48 43.79
CA LEU A 372 2.35 10.78 45.17
C LEU A 372 1.23 11.58 45.80
N HIS A 373 0.70 12.53 45.05
CA HIS A 373 -0.43 13.35 45.49
C HIS A 373 -1.66 12.48 45.83
N ILE A 374 -1.98 11.52 44.95
CA ILE A 374 -3.09 10.62 45.21
C ILE A 374 -2.80 9.72 46.42
N VAL A 375 -1.62 9.11 46.41
CA VAL A 375 -1.21 8.27 47.54
C VAL A 375 -1.31 9.01 48.87
N GLU A 376 -0.90 10.27 48.92
CA GLU A 376 -1.02 11.02 50.16
C GLU A 376 -2.47 11.07 50.64
N GLY A 377 -3.40 11.36 49.72
CA GLY A 377 -4.81 11.31 50.05
C GLY A 377 -5.31 9.94 50.54
N LEU A 378 -4.95 8.87 49.82
CA LEU A 378 -5.37 7.54 50.23
C LEU A 378 -4.96 7.22 51.65
N ILE A 379 -3.68 7.45 51.96
CA ILE A 379 -3.21 7.30 53.33
C ILE A 379 -4.11 8.06 54.30
N ARG A 380 -4.43 9.31 53.98
CA ARG A 380 -5.25 10.10 54.89
C ARG A 380 -6.62 9.49 55.04
N VAL A 381 -7.24 9.17 53.89
CA VAL A 381 -8.58 8.60 53.86
C VAL A 381 -8.72 7.40 54.81
N ILE A 382 -7.68 6.58 54.87
CA ILE A 382 -7.71 5.39 55.72
C ILE A 382 -7.93 5.78 57.19
N SER A 383 -7.37 6.93 57.56
CA SER A 383 -7.51 7.51 58.91
C SER A 383 -8.98 7.83 59.23
N ILE A 384 -9.74 8.19 58.21
CA ILE A 384 -11.11 8.61 58.38
C ILE A 384 -12.09 7.88 57.45
N LEU A 385 -11.89 6.57 57.28
CA LEU A 385 -12.72 5.77 56.38
C LEU A 385 -14.22 5.91 56.61
N ASP A 386 -14.63 5.63 57.84
CA ASP A 386 -16.04 5.63 58.20
C ASP A 386 -16.71 6.97 57.95
N GLU A 387 -16.03 8.05 58.32
CA GLU A 387 -16.57 9.39 58.07
C GLU A 387 -16.65 9.68 56.56
N VAL A 388 -15.68 9.16 55.79
CA VAL A 388 -15.67 9.33 54.33
C VAL A 388 -16.75 8.52 53.59
N ILE A 389 -17.01 7.29 54.03
CA ILE A 389 -18.07 6.48 53.47
C ILE A 389 -19.43 7.13 53.81
N ALA A 390 -19.55 7.63 55.04
CA ALA A 390 -20.77 8.31 55.45
C ALA A 390 -21.03 9.52 54.58
N LEU A 391 -19.96 10.24 54.27
CA LEU A 391 -20.07 11.47 53.51
C LEU A 391 -20.53 11.17 52.09
N ILE A 392 -19.96 10.11 51.51
CA ILE A 392 -20.33 9.67 50.18
C ILE A 392 -21.77 9.15 50.18
N ARG A 393 -22.08 8.31 51.17
CA ARG A 393 -23.45 7.88 51.40
C ARG A 393 -24.45 9.05 51.53
N ALA A 394 -24.00 10.22 51.97
CA ALA A 394 -24.90 11.36 52.13
C ALA A 394 -24.86 12.30 50.93
N SER A 395 -23.99 12.01 49.97
CA SER A 395 -23.84 12.88 48.82
C SER A 395 -24.87 12.50 47.72
N GLU A 396 -25.34 13.50 46.98
CA GLU A 396 -26.40 13.30 45.99
C GLU A 396 -25.91 12.60 44.71
N ASN A 397 -24.61 12.67 44.47
CA ASN A 397 -24.02 12.16 43.24
C ASN A 397 -22.50 12.33 43.25
N LYS A 398 -21.85 12.01 42.14
CA LYS A 398 -20.39 12.01 42.09
C LYS A 398 -19.86 13.42 42.35
N ALA A 399 -20.34 14.38 41.58
CA ALA A 399 -19.97 15.78 41.78
C ALA A 399 -20.10 16.22 43.24
N ASP A 400 -21.30 16.09 43.79
CA ASP A 400 -21.59 16.50 45.17
C ASP A 400 -20.66 15.81 46.17
N ALA A 401 -20.25 14.58 45.86
CA ALA A 401 -19.43 13.79 46.77
C ALA A 401 -18.01 14.37 46.81
N LYS A 402 -17.53 14.74 45.62
CA LYS A 402 -16.26 15.38 45.48
C LYS A 402 -16.32 16.75 46.17
N GLU A 403 -17.31 17.56 45.84
CA GLU A 403 -17.46 18.82 46.53
C GLU A 403 -17.42 18.61 48.04
N ASN A 404 -18.11 17.59 48.55
CA ASN A 404 -18.16 17.38 49.98
C ASN A 404 -16.80 16.97 50.52
N LEU A 405 -16.05 16.23 49.72
CA LEU A 405 -14.73 15.78 50.14
C LEU A 405 -13.76 16.96 50.25
N LYS A 406 -13.75 17.82 49.23
CA LYS A 406 -12.96 19.05 49.28
C LYS A 406 -13.35 19.90 50.49
N VAL A 407 -14.62 20.21 50.59
CA VAL A 407 -15.09 21.16 51.58
C VAL A 407 -15.01 20.65 53.02
N SER A 408 -15.29 19.38 53.24
CA SER A 408 -15.33 18.90 54.62
C SER A 408 -13.95 18.41 55.09
N TYR A 409 -13.19 17.77 54.21
CA TYR A 409 -11.89 17.19 54.61
C TYR A 409 -10.68 17.68 53.80
N ASP A 410 -10.86 18.72 53.00
CA ASP A 410 -9.73 19.39 52.35
C ASP A 410 -8.95 18.55 51.36
N PHE A 411 -9.61 17.62 50.70
CA PHE A 411 -8.95 16.93 49.60
C PHE A 411 -8.93 17.86 48.39
N THR A 412 -7.98 17.63 47.49
CA THR A 412 -8.01 18.36 46.24
C THR A 412 -8.90 17.61 45.25
N GLU A 413 -9.32 18.32 44.20
CA GLU A 413 -10.10 17.71 43.13
C GLU A 413 -9.46 16.39 42.72
N GLU A 414 -8.20 16.43 42.30
CA GLU A 414 -7.53 15.22 41.84
C GLU A 414 -7.64 14.07 42.85
N GLN A 415 -7.54 14.37 44.13
CA GLN A 415 -7.62 13.33 45.18
C GLN A 415 -9.06 12.87 45.36
N ALA A 416 -9.97 13.84 45.33
CA ALA A 416 -11.38 13.55 45.47
C ALA A 416 -11.80 12.57 44.39
N GLU A 417 -11.42 12.86 43.16
CA GLU A 417 -11.73 12.01 42.03
C GLU A 417 -11.14 10.61 42.17
N ALA A 418 -9.95 10.51 42.75
CA ALA A 418 -9.39 9.17 42.97
C ALA A 418 -10.14 8.41 44.05
N ILE A 419 -10.57 9.12 45.09
CA ILE A 419 -11.22 8.49 46.23
C ILE A 419 -12.61 7.98 45.86
N VAL A 420 -13.29 8.78 45.06
CA VAL A 420 -14.65 8.50 44.66
C VAL A 420 -14.78 7.41 43.57
N THR A 421 -13.67 7.14 42.88
CA THR A 421 -13.70 6.13 41.84
C THR A 421 -13.00 4.86 42.31
N LEU A 422 -12.71 4.79 43.62
CA LEU A 422 -12.23 3.52 44.19
C LEU A 422 -13.32 2.44 44.07
N GLN A 423 -12.93 1.21 43.89
CA GLN A 423 -13.88 0.11 43.91
C GLN A 423 -14.18 -0.34 45.33
N LEU A 424 -15.41 -0.81 45.56
CA LEU A 424 -15.86 -1.12 46.91
C LEU A 424 -14.87 -1.98 47.66
N TYR A 425 -14.24 -2.92 47.00
CA TYR A 425 -13.44 -3.89 47.75
C TYR A 425 -12.24 -3.20 48.43
N ARG A 426 -11.79 -2.09 47.86
CA ARG A 426 -10.72 -1.33 48.48
C ARG A 426 -11.05 -1.06 49.94
N LEU A 427 -12.33 -0.81 50.22
CA LEU A 427 -12.75 -0.63 51.61
C LEU A 427 -12.28 -1.71 52.60
N THR A 428 -11.79 -2.84 52.10
CA THR A 428 -11.38 -3.91 52.99
C THR A 428 -9.99 -3.62 53.54
N ASN A 429 -9.21 -2.86 52.77
CA ASN A 429 -7.84 -2.54 53.15
C ASN A 429 -7.71 -1.53 54.29
N THR A 430 -6.74 -1.77 55.17
CA THR A 430 -6.40 -0.79 56.19
C THR A 430 -4.90 -0.70 56.44
N ASP A 431 -4.11 -1.27 55.54
CA ASP A 431 -2.67 -1.17 55.62
C ASP A 431 -2.13 0.12 55.00
N VAL A 432 -1.65 0.98 55.89
CA VAL A 432 -1.02 2.21 55.48
C VAL A 432 0.43 1.99 55.05
N VAL A 433 1.04 0.89 55.51
CA VAL A 433 2.48 0.68 55.33
C VAL A 433 2.86 0.59 53.86
N VAL A 434 2.28 -0.38 53.18
CA VAL A 434 2.57 -0.58 51.77
C VAL A 434 2.51 0.73 50.98
N LEU A 435 1.49 1.53 51.26
CA LEU A 435 1.34 2.85 50.64
C LEU A 435 2.50 3.80 51.01
N GLN A 436 2.84 3.86 52.29
CA GLN A 436 4.01 4.61 52.74
C GLN A 436 5.31 4.22 52.04
N GLU A 437 5.45 2.93 51.70
CA GLU A 437 6.60 2.49 50.94
C GLU A 437 6.57 3.09 49.52
N GLU A 438 5.39 3.10 48.91
CA GLU A 438 5.24 3.76 47.61
C GLU A 438 5.56 5.27 47.70
N GLU A 439 5.10 5.91 48.78
CA GLU A 439 5.31 7.33 49.02
C GLU A 439 6.81 7.66 49.10
N ALA A 440 7.55 6.80 49.77
CA ALA A 440 8.99 6.96 49.86
C ALA A 440 9.68 6.77 48.50
N GLU A 441 9.35 5.68 47.81
CA GLU A 441 9.94 5.43 46.50
C GLU A 441 9.70 6.62 45.55
N LEU A 442 8.49 7.17 45.55
CA LEU A 442 8.16 8.32 44.70
C LEU A 442 8.90 9.60 45.13
N ARG A 443 8.96 9.85 46.44
CA ARG A 443 9.73 11.00 46.89
C ARG A 443 11.18 10.92 46.44
N GLU A 444 11.78 9.74 46.50
CA GLU A 444 13.14 9.60 45.99
C GLU A 444 13.19 9.91 44.49
N LYS A 445 12.29 9.31 43.72
CA LYS A 445 12.37 9.45 42.27
C LYS A 445 12.25 10.91 41.86
N ILE A 446 11.34 11.62 42.53
CA ILE A 446 11.15 13.04 42.28
C ILE A 446 12.42 13.87 42.61
N ALA A 447 13.11 13.52 43.69
CA ALA A 447 14.32 14.27 44.06
C ALA A 447 15.38 14.08 42.98
N MET A 448 15.64 12.83 42.59
CA MET A 448 16.57 12.58 41.48
C MET A 448 16.17 13.38 40.26
N LEU A 449 14.93 13.21 39.81
CA LEU A 449 14.48 13.92 38.62
C LEU A 449 14.58 15.44 38.77
N ALA A 450 14.23 15.96 39.94
CA ALA A 450 14.28 17.40 40.13
C ALA A 450 15.73 17.92 39.99
N ALA A 451 16.68 17.19 40.57
CA ALA A 451 18.10 17.51 40.48
C ALA A 451 18.61 17.55 39.03
N ILE A 452 18.26 16.56 38.23
CA ILE A 452 18.61 16.60 36.81
C ILE A 452 18.14 17.91 36.19
N ILE A 453 16.97 18.38 36.58
CA ILE A 453 16.40 19.52 35.91
C ILE A 453 17.03 20.80 36.44
N GLY A 454 17.39 20.79 37.72
CA GLY A 454 17.92 21.99 38.36
C GLY A 454 19.43 22.21 38.25
N ASP A 455 20.16 21.15 37.89
CA ASP A 455 21.61 21.17 37.88
C ASP A 455 22.23 20.71 36.57
N GLU A 456 22.86 21.64 35.88
CA GLU A 456 23.41 21.41 34.54
C GLU A 456 24.37 20.21 34.50
N ARG A 457 25.09 19.99 35.58
CA ARG A 457 26.16 19.00 35.59
C ARG A 457 25.62 17.59 35.85
N THR A 458 24.73 17.47 36.83
CA THR A 458 24.00 16.25 37.07
C THR A 458 23.37 15.80 35.74
N MET A 459 22.78 16.76 35.03
CA MET A 459 22.17 16.49 33.75
C MET A 459 23.16 16.00 32.72
N TYR A 460 24.30 16.67 32.58
CA TYR A 460 25.30 16.27 31.59
C TYR A 460 25.96 14.94 31.95
N ASN A 461 26.03 14.62 33.24
CA ASN A 461 26.50 13.29 33.61
C ASN A 461 25.56 12.22 33.06
N LEU A 462 24.27 12.41 33.28
CA LEU A 462 23.25 11.52 32.80
C LEU A 462 23.42 11.24 31.30
N MET A 463 23.70 12.31 30.57
CA MET A 463 23.78 12.20 29.13
C MET A 463 25.06 11.50 28.70
N LYS A 464 26.13 11.66 29.47
CA LYS A 464 27.34 10.91 29.22
C LYS A 464 27.11 9.43 29.55
N LYS A 465 26.48 9.18 30.71
CA LYS A 465 26.18 7.82 31.17
C LYS A 465 25.38 7.06 30.13
N GLU A 466 24.45 7.74 29.48
CA GLU A 466 23.60 7.07 28.51
C GLU A 466 24.32 6.83 27.20
N LEU A 467 25.04 7.82 26.71
CA LEU A 467 25.84 7.64 25.50
C LEU A 467 26.83 6.48 25.65
N ARG A 468 27.37 6.30 26.84
CA ARG A 468 28.31 5.22 27.03
C ARG A 468 27.59 3.86 27.01
N GLU A 469 26.37 3.81 27.53
CA GLU A 469 25.60 2.57 27.48
C GLU A 469 25.35 2.17 26.03
N VAL A 470 25.04 3.15 25.19
CA VAL A 470 24.79 2.93 23.78
C VAL A 470 26.05 2.42 23.05
N LYS A 471 27.19 3.04 23.35
CA LYS A 471 28.45 2.66 22.75
C LYS A 471 28.77 1.22 23.11
N LYS A 472 28.59 0.87 24.38
CA LYS A 472 28.96 -0.45 24.85
C LYS A 472 28.13 -1.51 24.17
N LYS A 473 26.93 -1.12 23.75
CA LYS A 473 25.96 -2.04 23.21
C LYS A 473 26.11 -2.18 21.69
N PHE A 474 26.27 -1.05 20.99
CA PHE A 474 26.24 -1.07 19.54
C PHE A 474 27.59 -0.89 18.86
N ALA A 475 28.66 -0.81 19.65
CA ALA A 475 29.99 -0.58 19.11
C ALA A 475 30.39 -1.74 18.21
N THR A 476 30.89 -1.40 17.04
CA THR A 476 31.55 -2.35 16.16
C THR A 476 32.88 -1.73 15.72
N PRO A 477 33.83 -2.57 15.30
CA PRO A 477 35.15 -2.15 14.82
C PRO A 477 35.11 -1.31 13.53
N ARG A 478 36.16 -0.50 13.31
CA ARG A 478 36.36 0.20 12.03
C ARG A 478 36.41 -0.76 10.87
N LEU A 479 35.83 -0.35 9.74
CA LEU A 479 35.89 -1.15 8.52
C LEU A 479 36.84 -0.50 7.53
N SER A 480 36.86 0.84 7.55
CA SER A 480 37.70 1.64 6.67
C SER A 480 39.01 1.99 7.37
N SER A 481 40.12 1.80 6.66
CA SER A 481 41.43 2.19 7.17
C SER A 481 41.77 3.66 6.84
N LEU A 482 42.44 4.34 7.76
CA LEU A 482 42.86 5.71 7.52
C LEU A 482 44.35 5.82 7.16
N GLU A 483 44.66 6.69 6.20
CA GLU A 483 46.04 6.90 5.74
C GLU A 483 46.23 8.37 5.41
N ASP A 484 47.42 8.90 5.69
CA ASP A 484 47.75 10.28 5.36
C ASP A 484 48.64 10.33 4.14
N ASN B 3 20.24 -35.43 -1.86
CA ASN B 3 19.58 -36.58 -2.48
C ASN B 3 18.16 -36.24 -2.96
N ILE B 4 17.69 -36.95 -3.98
CA ILE B 4 16.45 -36.60 -4.68
C ILE B 4 15.34 -37.67 -4.58
N GLN B 5 14.18 -37.38 -5.18
CA GLN B 5 13.01 -38.25 -5.07
C GLN B 5 12.21 -38.31 -6.38
N ASN B 6 12.26 -39.46 -7.05
CA ASN B 6 11.59 -39.60 -8.35
C ASN B 6 10.05 -39.62 -8.27
N MET B 7 9.40 -39.19 -9.33
CA MET B 7 7.95 -39.03 -9.33
C MET B 7 7.46 -39.02 -10.77
N SER B 8 6.42 -39.79 -11.06
CA SER B 8 5.90 -39.90 -12.43
C SER B 8 5.39 -38.56 -12.95
N LEU B 9 5.47 -38.37 -14.26
CA LEU B 9 4.79 -37.24 -14.87
C LEU B 9 3.29 -37.38 -14.62
N GLU B 10 2.72 -38.54 -14.96
CA GLU B 10 1.30 -38.79 -14.71
C GLU B 10 0.95 -38.34 -13.30
N ASP B 11 1.66 -38.86 -12.30
CA ASP B 11 1.36 -38.54 -10.92
C ASP B 11 1.60 -37.04 -10.57
N ILE B 12 2.73 -36.46 -10.99
CA ILE B 12 3.00 -35.05 -10.67
C ILE B 12 1.94 -34.12 -11.25
N MET B 13 1.73 -34.16 -12.57
CA MET B 13 0.72 -33.32 -13.24
C MET B 13 -0.64 -33.46 -12.59
N GLY B 14 -0.95 -34.66 -12.13
CA GLY B 14 -2.22 -34.92 -11.46
C GLY B 14 -2.30 -34.12 -10.18
N GLU B 15 -1.35 -34.34 -9.28
CA GLU B 15 -1.31 -33.69 -7.98
C GLU B 15 -1.37 -32.18 -8.12
N ARG B 16 -0.46 -31.63 -8.91
CA ARG B 16 -0.32 -30.19 -9.07
C ARG B 16 -1.62 -29.56 -9.57
N PHE B 17 -2.10 -30.02 -10.72
CA PHE B 17 -3.33 -29.44 -11.28
C PHE B 17 -4.57 -29.60 -10.38
N GLY B 18 -4.61 -30.69 -9.63
CA GLY B 18 -5.64 -30.89 -8.63
C GLY B 18 -5.64 -29.76 -7.62
N ARG B 19 -4.45 -29.35 -7.20
CA ARG B 19 -4.28 -28.23 -6.28
C ARG B 19 -4.83 -26.91 -6.85
N TYR B 20 -4.31 -26.50 -8.02
CA TYR B 20 -4.71 -25.23 -8.65
C TYR B 20 -6.20 -25.24 -8.95
N SER B 21 -6.66 -26.36 -9.50
CA SER B 21 -8.06 -26.57 -9.80
C SER B 21 -8.94 -26.28 -8.57
N LYS B 22 -8.71 -27.02 -7.49
CA LYS B 22 -9.52 -26.90 -6.29
C LYS B 22 -9.59 -25.46 -5.78
N TYR B 23 -8.40 -24.89 -5.52
CA TYR B 23 -8.26 -23.54 -5.00
C TYR B 23 -8.91 -22.47 -5.88
N ILE B 24 -8.65 -22.54 -7.19
CA ILE B 24 -9.21 -21.59 -8.14
C ILE B 24 -10.74 -21.62 -8.10
N ILE B 25 -11.29 -22.81 -7.89
CA ILE B 25 -12.73 -23.04 -7.81
C ILE B 25 -13.35 -22.57 -6.51
N GLN B 26 -12.74 -22.91 -5.38
CA GLN B 26 -13.33 -22.55 -4.08
C GLN B 26 -12.97 -21.14 -3.58
N ASP B 27 -11.75 -20.67 -3.89
CA ASP B 27 -11.19 -19.49 -3.22
C ASP B 27 -10.58 -18.39 -4.12
N ARG B 28 -10.88 -18.42 -5.41
CA ARG B 28 -10.56 -17.33 -6.32
C ARG B 28 -11.74 -16.93 -7.23
N ALA B 29 -12.07 -17.79 -8.20
CA ALA B 29 -12.94 -17.38 -9.32
C ALA B 29 -14.45 -17.28 -9.08
N LEU B 30 -15.00 -18.03 -8.13
CA LEU B 30 -16.46 -18.10 -8.02
C LEU B 30 -17.00 -17.64 -6.67
N PRO B 31 -18.17 -17.01 -6.69
CA PRO B 31 -18.86 -16.43 -5.53
C PRO B 31 -19.54 -17.47 -4.65
N ASP B 32 -19.65 -17.16 -3.36
CA ASP B 32 -20.32 -18.02 -2.42
C ASP B 32 -21.80 -17.78 -2.66
N ILE B 33 -22.59 -18.85 -2.69
CA ILE B 33 -24.00 -18.75 -3.05
C ILE B 33 -24.80 -17.89 -2.08
N ARG B 34 -24.28 -17.73 -0.86
CA ARG B 34 -24.97 -16.97 0.19
C ARG B 34 -24.76 -15.46 0.22
N ASP B 35 -23.52 -14.99 0.15
CA ASP B 35 -23.30 -13.55 0.23
C ASP B 35 -22.90 -12.96 -1.10
N GLY B 36 -22.71 -13.84 -2.08
CA GLY B 36 -22.42 -13.41 -3.44
C GLY B 36 -21.01 -12.86 -3.64
N LEU B 37 -20.15 -13.06 -2.67
CA LEU B 37 -18.80 -12.51 -2.77
C LEU B 37 -17.77 -13.56 -3.16
N LYS B 38 -16.84 -13.14 -4.00
CA LYS B 38 -15.57 -13.87 -4.13
C LYS B 38 -14.72 -13.57 -2.87
N PRO B 39 -13.75 -14.44 -2.55
CA PRO B 39 -12.97 -14.26 -1.31
C PRO B 39 -12.28 -12.89 -1.22
N VAL B 40 -11.67 -12.43 -2.31
CA VAL B 40 -11.08 -11.11 -2.30
C VAL B 40 -12.09 -10.02 -1.96
N GLN B 41 -13.27 -10.07 -2.56
CA GLN B 41 -14.29 -9.09 -2.23
C GLN B 41 -14.66 -9.09 -0.75
N ARG B 42 -14.75 -10.28 -0.14
CA ARG B 42 -15.10 -10.40 1.27
C ARG B 42 -14.04 -9.73 2.13
N ARG B 43 -12.79 -9.97 1.77
CA ARG B 43 -11.69 -9.51 2.57
C ARG B 43 -11.55 -7.99 2.50
N ILE B 44 -11.75 -7.45 1.31
CA ILE B 44 -11.82 -6.01 1.17
C ILE B 44 -12.85 -5.43 2.14
N LEU B 45 -14.04 -6.02 2.19
CA LEU B 45 -15.12 -5.48 3.02
C LEU B 45 -14.86 -5.72 4.50
N TYR B 46 -14.35 -6.90 4.84
CA TYR B 46 -14.19 -7.21 6.24
C TYR B 46 -13.11 -6.27 6.79
N SER B 47 -12.03 -6.17 6.04
CA SER B 47 -10.91 -5.34 6.42
C SER B 47 -11.32 -3.87 6.57
N MET B 48 -12.03 -3.34 5.56
CA MET B 48 -12.35 -1.92 5.60
C MET B 48 -13.23 -1.65 6.82
N ASN B 49 -14.10 -2.61 7.09
CA ASN B 49 -15.05 -2.47 8.17
C ASN B 49 -14.39 -2.59 9.56
N LYS B 50 -13.41 -3.47 9.66
CA LYS B 50 -12.68 -3.66 10.91
C LYS B 50 -11.93 -2.36 11.20
N ASP B 51 -11.45 -1.71 10.14
CA ASP B 51 -10.69 -0.48 10.29
C ASP B 51 -11.61 0.75 10.37
N SER B 52 -12.90 0.54 10.64
CA SER B 52 -13.83 1.65 10.84
C SER B 52 -14.04 2.53 9.60
N ASN B 53 -13.64 2.04 8.44
CA ASN B 53 -13.73 2.82 7.20
C ASN B 53 -15.13 2.74 6.51
N THR B 54 -16.13 3.33 7.14
CA THR B 54 -17.50 3.13 6.73
C THR B 54 -18.13 4.35 6.10
N PHE B 55 -19.36 4.20 5.58
CA PHE B 55 -19.98 5.25 4.78
C PHE B 55 -20.12 6.58 5.53
N ASP B 56 -20.19 6.46 6.85
CA ASP B 56 -20.51 7.59 7.70
C ASP B 56 -19.25 8.29 8.22
N LYS B 57 -18.08 7.88 7.76
CA LYS B 57 -16.82 8.43 8.26
C LYS B 57 -15.91 8.82 7.11
N SER B 58 -14.87 9.61 7.40
CA SER B 58 -14.03 10.17 6.34
C SER B 58 -13.52 9.12 5.35
N TYR B 59 -13.23 9.56 4.13
CA TYR B 59 -12.56 8.71 3.15
C TYR B 59 -11.15 8.43 3.63
N ARG B 60 -10.74 7.17 3.52
CA ARG B 60 -9.39 6.78 3.83
C ARG B 60 -8.64 6.45 2.53
N LYS B 61 -7.38 6.84 2.46
CA LYS B 61 -6.56 6.67 1.25
C LYS B 61 -6.48 5.21 0.82
N SER B 62 -6.73 4.95 -0.45
CA SER B 62 -6.89 3.55 -0.90
C SER B 62 -5.71 2.66 -0.53
N ALA B 63 -4.50 3.17 -0.74
CA ALA B 63 -3.27 2.42 -0.46
C ALA B 63 -3.19 1.90 0.99
N LYS B 64 -3.73 2.65 1.92
CA LYS B 64 -3.80 2.23 3.32
C LYS B 64 -4.83 1.09 3.46
N SER B 65 -5.97 1.20 2.78
CA SER B 65 -6.95 0.12 2.78
C SER B 65 -6.35 -1.15 2.20
N VAL B 66 -5.69 -1.02 1.05
CA VAL B 66 -5.11 -2.17 0.36
C VAL B 66 -3.97 -2.87 1.09
N GLY B 67 -3.10 -2.10 1.74
CA GLY B 67 -1.95 -2.65 2.42
C GLY B 67 -2.37 -3.44 3.64
N ASN B 68 -3.39 -2.94 4.33
CA ASN B 68 -3.93 -3.65 5.49
C ASN B 68 -4.61 -4.97 5.07
N ILE B 69 -5.32 -4.93 3.94
CA ILE B 69 -5.95 -6.13 3.38
C ILE B 69 -4.91 -7.17 3.01
N MET B 70 -3.86 -6.73 2.33
CA MET B 70 -2.80 -7.62 1.90
C MET B 70 -1.96 -8.18 3.06
N GLY B 71 -1.89 -7.45 4.17
CA GLY B 71 -1.00 -7.87 5.23
C GLY B 71 -1.74 -8.68 6.27
N ASN B 72 -3.06 -8.51 6.30
CA ASN B 72 -3.85 -9.26 7.26
C ASN B 72 -4.64 -10.43 6.70
N PHE B 73 -5.10 -10.37 5.44
CA PHE B 73 -6.05 -11.37 4.93
C PHE B 73 -5.79 -11.99 3.55
N HIS B 74 -5.38 -11.18 2.59
CA HIS B 74 -5.23 -11.61 1.20
C HIS B 74 -3.77 -11.60 0.78
N PRO B 75 -3.17 -12.78 0.62
CA PRO B 75 -1.73 -12.82 0.33
C PRO B 75 -1.45 -12.78 -1.17
N HIS B 76 -1.88 -11.71 -1.83
CA HIS B 76 -1.70 -11.61 -3.28
C HIS B 76 -1.25 -10.23 -3.67
N GLY B 77 -1.10 -10.00 -4.97
CA GLY B 77 -0.62 -8.70 -5.43
C GLY B 77 -1.51 -7.56 -4.97
N ASP B 78 -0.90 -6.43 -4.67
CA ASP B 78 -1.66 -5.24 -4.29
C ASP B 78 -2.57 -4.79 -5.43
N SER B 79 -2.05 -4.84 -6.64
CA SER B 79 -2.78 -4.41 -7.84
C SER B 79 -4.10 -5.17 -8.03
N SER B 80 -4.09 -6.48 -7.81
CA SER B 80 -5.32 -7.24 -7.89
C SER B 80 -6.31 -6.77 -6.85
N ILE B 81 -5.85 -6.67 -5.60
CA ILE B 81 -6.68 -6.12 -4.54
C ILE B 81 -7.26 -4.75 -4.92
N TYR B 82 -6.40 -3.82 -5.32
CA TYR B 82 -6.89 -2.52 -5.73
C TYR B 82 -7.91 -2.59 -6.88
N ASP B 83 -7.59 -3.33 -7.94
CA ASP B 83 -8.53 -3.50 -9.07
C ASP B 83 -9.92 -4.03 -8.63
N ALA B 84 -9.92 -5.07 -7.79
CA ALA B 84 -11.16 -5.54 -7.21
C ALA B 84 -11.90 -4.45 -6.42
N MET B 85 -11.18 -3.73 -5.57
CA MET B 85 -11.76 -2.64 -4.79
C MET B 85 -12.33 -1.57 -5.72
N VAL B 86 -11.56 -1.18 -6.71
CA VAL B 86 -12.03 -0.21 -7.70
C VAL B 86 -13.37 -0.65 -8.32
N ARG B 87 -13.41 -1.88 -8.85
CA ARG B 87 -14.61 -2.40 -9.50
C ARG B 87 -15.85 -2.28 -8.63
N MET B 88 -15.73 -2.66 -7.35
CA MET B 88 -16.87 -2.60 -6.44
C MET B 88 -17.46 -1.21 -6.29
N SER B 89 -16.75 -0.21 -6.83
CA SER B 89 -17.15 1.18 -6.67
C SER B 89 -17.70 1.74 -7.94
N GLN B 90 -17.60 0.97 -9.03
CA GLN B 90 -18.07 1.42 -10.34
C GLN B 90 -19.56 1.13 -10.51
N ASN B 91 -20.34 2.19 -10.65
CA ASN B 91 -21.79 2.03 -10.69
C ASN B 91 -22.30 1.65 -12.09
N TRP B 92 -21.39 1.34 -13.00
CA TRP B 92 -21.73 0.84 -14.33
C TRP B 92 -21.42 -0.65 -14.44
N LYS B 93 -20.93 -1.24 -13.36
CA LYS B 93 -20.64 -2.66 -13.30
C LYS B 93 -21.40 -3.26 -12.11
N ASN B 94 -21.73 -2.40 -11.15
CA ASN B 94 -22.45 -2.86 -9.97
C ASN B 94 -23.78 -2.16 -9.79
N ARG B 95 -24.83 -2.95 -9.56
CA ARG B 95 -26.17 -2.39 -9.47
C ARG B 95 -26.31 -1.65 -8.16
N GLU B 96 -25.62 -2.14 -7.15
CA GLU B 96 -25.57 -1.49 -5.86
C GLU B 96 -24.11 -1.42 -5.34
N ILE B 97 -23.40 -0.31 -5.61
CA ILE B 97 -21.98 -0.28 -5.27
C ILE B 97 -21.69 -0.48 -3.79
N LEU B 98 -20.67 -1.29 -3.51
CA LEU B 98 -20.31 -1.68 -2.16
C LEU B 98 -19.15 -0.85 -1.60
N VAL B 99 -18.40 -0.19 -2.49
CA VAL B 99 -17.34 0.73 -2.12
C VAL B 99 -17.56 2.10 -2.75
N GLU B 100 -17.48 3.17 -1.96
CA GLU B 100 -17.49 4.52 -2.52
C GLU B 100 -16.06 5.03 -2.65
N MET B 101 -15.72 5.49 -3.85
CA MET B 101 -14.39 5.94 -4.12
C MET B 101 -14.40 7.38 -4.60
N HIS B 102 -13.52 8.19 -4.02
CA HIS B 102 -13.38 9.58 -4.42
C HIS B 102 -12.22 9.68 -5.39
N GLY B 103 -12.47 10.26 -6.55
CA GLY B 103 -11.44 10.41 -7.56
C GLY B 103 -11.69 9.59 -8.81
N ASN B 104 -10.75 9.69 -9.74
CA ASN B 104 -10.80 8.92 -10.95
C ASN B 104 -10.84 7.40 -10.67
N ASN B 105 -12.03 6.82 -10.71
CA ASN B 105 -12.19 5.39 -10.51
C ASN B 105 -12.55 4.65 -11.81
N GLY B 106 -12.08 5.17 -12.93
CA GLY B 106 -12.43 4.60 -14.22
C GLY B 106 -13.65 5.26 -14.84
N SER B 107 -14.15 4.65 -15.90
CA SER B 107 -15.24 5.24 -16.65
C SER B 107 -15.80 4.20 -17.59
N MET B 108 -16.98 4.49 -18.16
CA MET B 108 -17.58 3.59 -19.12
C MET B 108 -16.72 3.45 -20.39
N ASP B 109 -15.84 4.40 -20.63
CA ASP B 109 -14.89 4.28 -21.74
C ASP B 109 -13.71 3.34 -21.42
N GLY B 110 -13.69 2.79 -20.21
CA GLY B 110 -12.65 1.84 -19.85
C GLY B 110 -11.27 2.47 -19.74
N ASP B 111 -11.21 3.78 -19.57
CA ASP B 111 -9.94 4.39 -19.29
C ASP B 111 -9.55 4.07 -17.83
N PRO B 112 -8.24 3.93 -17.59
CA PRO B 112 -7.73 3.39 -16.34
C PRO B 112 -8.05 4.32 -15.17
N PRO B 113 -8.38 3.72 -14.02
CA PRO B 113 -8.58 4.42 -12.76
C PRO B 113 -7.24 4.98 -12.30
N ALA B 114 -7.28 6.06 -11.54
CA ALA B 114 -6.06 6.57 -10.93
C ALA B 114 -5.45 5.49 -10.04
N ALA B 115 -4.11 5.50 -9.98
CA ALA B 115 -3.36 4.57 -9.13
C ALA B 115 -3.82 4.63 -7.68
N MET B 116 -3.66 3.54 -6.94
CA MET B 116 -4.05 3.60 -5.52
C MET B 116 -3.42 4.74 -4.63
N ARG B 117 -2.31 5.34 -5.02
CA ARG B 117 -1.80 6.48 -4.26
C ARG B 117 -2.67 7.74 -4.34
N TYR B 118 -3.52 7.84 -5.37
CA TYR B 118 -4.31 9.05 -5.59
C TYR B 118 -5.72 9.03 -5.02
N THR B 119 -6.29 7.84 -4.86
CA THR B 119 -7.71 7.73 -4.56
C THR B 119 -8.01 7.51 -3.07
N GLU B 120 -9.23 7.87 -2.68
CA GLU B 120 -9.71 7.66 -1.31
C GLU B 120 -10.93 6.75 -1.40
N ALA B 121 -11.21 5.99 -0.34
CA ALA B 121 -12.40 5.13 -0.33
C ALA B 121 -13.01 4.86 1.04
N ARG B 122 -14.17 4.21 1.01
CA ARG B 122 -14.86 3.76 2.20
C ARG B 122 -16.02 2.85 1.78
N LEU B 123 -16.53 2.07 2.72
CA LEU B 123 -17.71 1.24 2.45
C LEU B 123 -18.89 2.15 2.15
N SER B 124 -19.73 1.69 1.22
CA SER B 124 -21.03 2.34 0.99
C SER B 124 -21.95 2.04 2.16
N GLU B 125 -22.99 2.83 2.34
CA GLU B 125 -23.99 2.49 3.36
C GLU B 125 -24.56 1.06 3.20
N ILE B 126 -24.83 0.62 1.96
CA ILE B 126 -25.42 -0.71 1.78
C ILE B 126 -24.49 -1.88 2.13
N ALA B 127 -23.21 -1.75 1.80
CA ALA B 127 -22.18 -2.70 2.24
C ALA B 127 -22.27 -2.90 3.76
N GLY B 128 -22.55 -1.81 4.45
CA GLY B 128 -22.89 -1.89 5.86
C GLY B 128 -23.84 -3.05 6.15
N TYR B 129 -24.88 -3.19 5.32
CA TYR B 129 -25.89 -4.21 5.57
C TYR B 129 -25.39 -5.63 5.26
N LEU B 130 -24.37 -5.75 4.42
CA LEU B 130 -23.69 -7.03 4.23
C LEU B 130 -22.92 -7.50 5.47
N LEU B 131 -22.51 -6.55 6.31
CA LEU B 131 -21.66 -6.86 7.46
C LEU B 131 -22.41 -6.83 8.78
N GLN B 132 -23.61 -6.28 8.73
CA GLN B 132 -24.43 -6.14 9.92
C GLN B 132 -24.43 -7.41 10.77
N ASP B 133 -24.06 -7.27 12.04
CA ASP B 133 -24.17 -8.35 13.02
C ASP B 133 -22.94 -9.25 13.04
N ILE B 134 -21.95 -8.93 12.22
CA ILE B 134 -20.70 -9.70 12.20
C ILE B 134 -20.00 -9.77 13.56
N GLU B 135 -20.20 -8.75 14.40
CA GLU B 135 -19.64 -8.75 15.77
C GLU B 135 -20.42 -9.62 16.76
N LYS B 136 -21.41 -10.36 16.25
CA LYS B 136 -22.35 -11.06 17.13
C LYS B 136 -22.29 -12.58 17.04
N LYS B 137 -21.19 -13.11 16.53
CA LYS B 137 -20.95 -14.55 16.46
C LYS B 137 -22.02 -15.27 15.64
N THR B 138 -22.19 -14.79 14.40
CA THR B 138 -23.33 -15.16 13.57
C THR B 138 -22.89 -15.88 12.31
N VAL B 139 -21.60 -16.11 12.18
CA VAL B 139 -21.03 -16.58 10.94
C VAL B 139 -19.67 -17.24 11.23
N PRO B 140 -19.32 -18.28 10.49
CA PRO B 140 -18.10 -19.05 10.81
C PRO B 140 -16.79 -18.35 10.41
N PHE B 141 -15.85 -18.33 11.35
CA PHE B 141 -14.56 -17.69 11.15
C PHE B 141 -13.50 -18.74 10.96
N ALA B 142 -12.47 -18.38 10.19
CA ALA B 142 -11.30 -19.22 10.01
C ALA B 142 -10.04 -18.41 10.32
N TRP B 143 -8.94 -19.11 10.60
CA TRP B 143 -7.63 -18.46 10.72
C TRP B 143 -7.15 -17.94 9.37
N ASN B 144 -6.48 -16.79 9.38
CA ASN B 144 -5.83 -16.26 8.18
C ASN B 144 -4.49 -16.94 7.94
N PHE B 145 -3.88 -16.65 6.81
CA PHE B 145 -2.63 -17.31 6.43
C PHE B 145 -1.53 -17.12 7.46
N ASP B 146 -1.65 -16.08 8.26
CA ASP B 146 -0.70 -15.79 9.35
C ASP B 146 -0.92 -16.72 10.53
N ASP B 147 -2.19 -17.02 10.80
CA ASP B 147 -2.60 -17.61 12.06
C ASP B 147 -2.50 -16.56 13.16
N THR B 148 -2.65 -15.30 12.74
CA THR B 148 -2.60 -14.16 13.65
C THR B 148 -4.00 -13.60 13.87
N GLU B 149 -4.89 -13.86 12.93
CA GLU B 149 -6.19 -13.21 12.95
C GLU B 149 -7.25 -14.09 12.30
N LYS B 150 -8.45 -14.10 12.89
CA LYS B 150 -9.57 -14.81 12.28
C LYS B 150 -10.24 -13.92 11.24
N GLU B 151 -10.69 -14.55 10.15
CA GLU B 151 -11.52 -13.87 9.14
C GLU B 151 -12.81 -14.67 8.89
N PRO B 152 -13.84 -14.00 8.36
CA PRO B 152 -15.11 -14.68 8.10
C PRO B 152 -15.07 -15.45 6.78
N THR B 153 -15.56 -16.70 6.79
CA THR B 153 -15.65 -17.51 5.58
C THR B 153 -16.84 -17.06 4.71
N VAL B 154 -17.83 -16.47 5.37
CA VAL B 154 -18.97 -15.85 4.68
C VAL B 154 -19.45 -14.68 5.53
N LEU B 155 -20.13 -13.71 4.92
CA LEU B 155 -20.70 -12.58 5.66
C LEU B 155 -22.16 -12.82 5.99
N PRO B 156 -22.72 -12.06 6.94
CA PRO B 156 -24.10 -12.22 7.41
C PRO B 156 -25.14 -11.80 6.38
N ALA B 157 -24.71 -11.17 5.29
CA ALA B 157 -25.58 -10.72 4.20
C ALA B 157 -27.04 -10.42 4.54
N ALA B 158 -27.34 -9.17 4.85
CA ALA B 158 -28.72 -8.77 5.13
C ALA B 158 -29.53 -8.39 3.86
N PHE B 159 -28.90 -8.57 2.69
CA PHE B 159 -29.64 -8.61 1.42
C PHE B 159 -28.96 -9.60 0.49
N PRO B 160 -29.72 -10.17 -0.46
CA PRO B 160 -29.30 -11.25 -1.37
C PRO B 160 -28.36 -10.75 -2.46
N ASN B 161 -27.09 -10.63 -2.10
CA ASN B 161 -26.14 -9.88 -2.90
C ASN B 161 -25.80 -10.63 -4.18
N LEU B 162 -25.77 -11.97 -4.14
CA LEU B 162 -25.55 -12.78 -5.35
C LEU B 162 -26.35 -12.30 -6.56
N LEU B 163 -27.65 -12.11 -6.37
CA LEU B 163 -28.52 -11.70 -7.48
C LEU B 163 -28.49 -10.21 -7.74
N VAL B 164 -28.47 -9.41 -6.68
CA VAL B 164 -28.55 -7.97 -6.81
C VAL B 164 -27.37 -7.40 -7.60
N ASN B 165 -26.17 -7.83 -7.24
CA ASN B 165 -24.97 -7.34 -7.93
C ASN B 165 -24.41 -8.27 -9.00
N GLY B 166 -24.71 -9.56 -8.91
CA GLY B 166 -24.28 -10.52 -9.90
C GLY B 166 -22.84 -10.95 -9.69
N SER B 167 -22.24 -11.53 -10.72
CA SER B 167 -20.90 -12.06 -10.60
C SER B 167 -20.41 -12.63 -11.92
N THR B 168 -19.12 -12.90 -12.00
CA THR B 168 -18.45 -13.28 -13.24
C THR B 168 -16.97 -13.14 -12.94
N GLY B 169 -16.15 -14.19 -13.07
CA GLY B 169 -16.54 -15.56 -13.29
C GLY B 169 -15.74 -16.39 -14.30
N ILE B 170 -14.47 -16.70 -14.00
CA ILE B 170 -13.72 -17.73 -14.79
C ILE B 170 -12.72 -18.54 -13.96
N SER B 171 -12.97 -19.83 -13.75
CA SER B 171 -12.01 -20.65 -13.02
C SER B 171 -11.46 -21.81 -13.85
N ALA B 172 -11.36 -22.97 -13.23
CA ALA B 172 -10.93 -24.19 -13.92
C ALA B 172 -12.06 -25.23 -14.01
N GLY B 173 -12.48 -25.56 -15.22
CA GLY B 173 -13.59 -26.48 -15.41
C GLY B 173 -14.98 -25.86 -15.26
N TYR B 174 -15.02 -24.68 -14.65
CA TYR B 174 -16.26 -23.94 -14.46
C TYR B 174 -16.04 -22.45 -14.73
N ALA B 175 -17.13 -21.74 -14.96
CA ALA B 175 -17.11 -20.31 -15.18
C ALA B 175 -18.45 -19.80 -14.70
N THR B 176 -18.58 -18.50 -14.47
CA THR B 176 -19.82 -17.97 -13.96
C THR B 176 -20.18 -16.64 -14.57
N ASP B 177 -21.43 -16.52 -15.00
CA ASP B 177 -22.01 -15.21 -15.33
C ASP B 177 -23.42 -15.10 -14.75
N ILE B 178 -23.59 -14.21 -13.80
CA ILE B 178 -24.87 -13.93 -13.16
C ILE B 178 -25.07 -12.43 -13.26
N PRO B 179 -26.22 -12.01 -13.79
CA PRO B 179 -26.41 -10.58 -14.04
C PRO B 179 -26.98 -9.91 -12.82
N PRO B 180 -26.89 -8.58 -12.71
CA PRO B 180 -27.45 -7.84 -11.58
C PRO B 180 -28.97 -7.87 -11.65
N HIS B 181 -29.60 -7.55 -10.54
CA HIS B 181 -31.04 -7.54 -10.40
C HIS B 181 -31.49 -6.37 -9.52
N ASN B 182 -32.72 -5.94 -9.71
CA ASN B 182 -33.30 -4.90 -8.86
C ASN B 182 -33.47 -5.34 -7.40
N LEU B 183 -32.83 -4.63 -6.48
CA LEU B 183 -32.88 -5.00 -5.06
C LEU B 183 -34.31 -5.32 -4.56
N ALA B 184 -35.28 -4.44 -4.82
CA ALA B 184 -36.66 -4.67 -4.37
C ALA B 184 -37.25 -5.96 -4.90
N GLU B 185 -37.15 -6.15 -6.21
CA GLU B 185 -37.63 -7.37 -6.83
C GLU B 185 -37.03 -8.61 -6.18
N VAL B 186 -35.70 -8.66 -6.10
CA VAL B 186 -35.05 -9.80 -5.45
C VAL B 186 -35.63 -10.01 -4.06
N ILE B 187 -35.85 -8.91 -3.32
CA ILE B 187 -36.38 -9.04 -1.96
C ILE B 187 -37.83 -9.50 -1.96
N ASP B 188 -38.62 -8.97 -2.88
CA ASP B 188 -40.01 -9.43 -3.03
C ASP B 188 -40.07 -10.94 -3.27
N ALA B 189 -39.21 -11.44 -4.16
CA ALA B 189 -39.17 -12.86 -4.43
C ALA B 189 -38.87 -13.62 -3.13
N ALA B 190 -37.75 -13.31 -2.51
CA ALA B 190 -37.33 -14.01 -1.29
C ALA B 190 -38.41 -14.03 -0.21
N VAL B 191 -39.06 -12.90 0.00
CA VAL B 191 -40.14 -12.83 0.98
C VAL B 191 -41.26 -13.82 0.59
N TYR B 192 -41.59 -13.88 -0.69
CA TYR B 192 -42.60 -14.84 -1.16
C TYR B 192 -42.17 -16.27 -0.87
N MET B 193 -40.92 -16.56 -1.21
CA MET B 193 -40.39 -17.90 -1.02
C MET B 193 -40.26 -18.31 0.45
N ILE B 194 -40.26 -17.34 1.36
CA ILE B 194 -40.20 -17.65 2.76
C ILE B 194 -41.55 -18.19 3.22
N ASP B 195 -42.61 -17.70 2.57
CA ASP B 195 -43.99 -18.06 2.87
C ASP B 195 -44.42 -19.32 2.12
N HIS B 196 -43.74 -19.58 1.01
CA HIS B 196 -44.11 -20.62 0.08
C HIS B 196 -42.83 -21.30 -0.38
N PRO B 197 -42.21 -22.08 0.50
CA PRO B 197 -40.90 -22.71 0.25
C PRO B 197 -40.85 -23.48 -1.07
N THR B 198 -41.98 -24.07 -1.43
CA THR B 198 -42.08 -24.90 -2.63
C THR B 198 -42.47 -24.14 -3.89
N ALA B 199 -42.28 -22.82 -3.89
CA ALA B 199 -42.66 -21.98 -5.03
C ALA B 199 -41.96 -22.32 -6.34
N LYS B 200 -42.72 -22.24 -7.42
CA LYS B 200 -42.23 -22.61 -8.74
C LYS B 200 -41.73 -21.34 -9.43
N ILE B 201 -40.91 -21.49 -10.46
CA ILE B 201 -40.36 -20.34 -11.17
C ILE B 201 -41.43 -19.37 -11.70
N ASP B 202 -42.47 -19.90 -12.32
CA ASP B 202 -43.52 -19.05 -12.86
C ASP B 202 -44.07 -18.05 -11.84
N LYS B 203 -44.25 -18.49 -10.60
CA LYS B 203 -44.81 -17.59 -9.59
C LYS B 203 -43.75 -16.59 -9.14
N LEU B 204 -42.52 -17.07 -8.97
CA LEU B 204 -41.41 -16.19 -8.61
C LEU B 204 -41.21 -15.08 -9.63
N MET B 205 -41.40 -15.39 -10.91
CA MET B 205 -41.17 -14.40 -11.96
C MET B 205 -42.21 -13.27 -11.98
N GLU B 206 -43.25 -13.37 -11.17
CA GLU B 206 -44.16 -12.24 -11.01
C GLU B 206 -43.54 -11.20 -10.07
N PHE B 207 -42.63 -11.65 -9.22
CA PHE B 207 -41.92 -10.76 -8.30
C PHE B 207 -40.57 -10.34 -8.88
N LEU B 208 -39.89 -11.30 -9.50
CA LEU B 208 -38.56 -11.13 -10.10
C LEU B 208 -38.66 -11.42 -11.57
N PRO B 209 -39.06 -10.42 -12.37
CA PRO B 209 -39.26 -10.65 -13.81
C PRO B 209 -37.98 -10.84 -14.61
N GLY B 210 -36.85 -10.43 -14.05
CA GLY B 210 -35.59 -10.55 -14.77
C GLY B 210 -34.53 -9.56 -14.35
N PRO B 211 -33.36 -9.66 -14.97
CA PRO B 211 -32.19 -8.81 -14.68
C PRO B 211 -32.53 -7.33 -14.70
N ASP B 212 -31.77 -6.55 -13.94
CA ASP B 212 -31.84 -5.10 -14.01
C ASP B 212 -30.41 -4.56 -14.06
N PHE B 213 -29.95 -4.25 -15.27
CA PHE B 213 -28.59 -3.75 -15.44
C PHE B 213 -28.44 -2.31 -14.99
N PRO B 214 -27.30 -2.00 -14.35
CA PRO B 214 -26.89 -0.64 -13.98
C PRO B 214 -26.92 0.24 -15.21
N THR B 215 -26.61 -0.35 -16.34
CA THR B 215 -26.45 0.39 -17.58
C THR B 215 -27.79 0.59 -18.28
N GLY B 216 -28.83 -0.02 -17.72
CA GLY B 216 -30.19 0.16 -18.22
C GLY B 216 -30.49 -0.65 -19.47
N ALA B 217 -31.06 0.01 -20.48
CA ALA B 217 -31.33 -0.63 -21.78
C ALA B 217 -32.47 -1.67 -21.80
N ILE B 218 -32.62 -2.31 -22.97
CA ILE B 218 -33.75 -3.20 -23.22
C ILE B 218 -33.36 -4.68 -23.23
N ILE B 219 -34.03 -5.47 -22.41
CA ILE B 219 -33.81 -6.91 -22.35
C ILE B 219 -34.96 -7.69 -23.03
N GLN B 220 -34.65 -8.44 -24.09
CA GLN B 220 -35.63 -9.19 -24.90
C GLN B 220 -35.51 -10.69 -24.59
N GLY B 221 -36.57 -11.31 -24.08
CA GLY B 221 -36.59 -12.77 -24.02
C GLY B 221 -37.14 -13.48 -22.79
N ARG B 222 -38.41 -13.21 -22.47
CA ARG B 222 -39.09 -13.85 -21.33
C ARG B 222 -38.82 -15.37 -21.27
N ASP B 223 -38.90 -16.05 -22.42
CA ASP B 223 -38.65 -17.49 -22.48
C ASP B 223 -37.24 -17.91 -22.00
N GLU B 224 -36.19 -17.32 -22.57
CA GLU B 224 -34.83 -17.63 -22.12
C GLU B 224 -34.56 -17.20 -20.66
N ILE B 225 -35.15 -16.09 -20.23
CA ILE B 225 -35.09 -15.77 -18.81
C ILE B 225 -35.66 -16.91 -17.98
N LYS B 226 -36.85 -17.41 -18.32
CA LYS B 226 -37.43 -18.52 -17.57
C LYS B 226 -36.42 -19.67 -17.55
N LYS B 227 -35.83 -19.98 -18.70
CA LYS B 227 -34.93 -21.12 -18.79
C LYS B 227 -33.73 -20.87 -17.87
N ALA B 228 -33.15 -19.68 -17.96
CA ALA B 228 -32.01 -19.34 -17.08
C ALA B 228 -32.37 -19.48 -15.61
N TYR B 229 -33.53 -18.95 -15.24
CA TYR B 229 -33.96 -18.99 -13.85
C TYR B 229 -34.22 -20.41 -13.37
N GLU B 230 -34.39 -21.32 -14.32
CA GLU B 230 -34.67 -22.71 -14.00
C GLU B 230 -33.40 -23.56 -13.95
N THR B 231 -32.49 -23.32 -14.89
CA THR B 231 -31.36 -24.24 -15.05
C THR B 231 -30.00 -23.59 -14.88
N GLY B 232 -30.00 -22.28 -14.66
CA GLY B 232 -28.76 -21.52 -14.53
C GLY B 232 -28.15 -21.12 -15.87
N LYS B 233 -28.65 -21.69 -16.97
CA LYS B 233 -28.21 -21.29 -18.31
C LYS B 233 -29.36 -20.74 -19.16
N GLY B 234 -29.03 -19.79 -20.03
CA GLY B 234 -30.00 -19.10 -20.86
C GLY B 234 -29.34 -17.99 -21.67
N ARG B 235 -29.98 -17.59 -22.75
CA ARG B 235 -29.44 -16.54 -23.59
C ARG B 235 -30.53 -15.54 -23.86
N VAL B 236 -30.28 -14.32 -23.47
CA VAL B 236 -31.24 -13.25 -23.62
C VAL B 236 -30.62 -12.23 -24.60
N VAL B 237 -31.42 -11.31 -25.10
CA VAL B 237 -30.90 -10.25 -25.95
C VAL B 237 -30.93 -8.91 -25.24
N VAL B 238 -29.87 -8.12 -25.42
CA VAL B 238 -29.78 -6.81 -24.77
C VAL B 238 -29.56 -5.70 -25.79
N ARG B 239 -30.50 -4.76 -25.83
CA ARG B 239 -30.53 -3.78 -26.90
C ARG B 239 -30.55 -2.35 -26.37
N SER B 240 -29.84 -1.47 -27.05
CA SER B 240 -29.64 -0.10 -26.58
C SER B 240 -30.91 0.72 -26.66
N LYS B 241 -31.00 1.71 -25.78
CA LYS B 241 -32.12 2.65 -25.79
C LYS B 241 -31.80 3.77 -26.74
N THR B 242 -32.75 4.06 -27.63
CA THR B 242 -32.53 4.95 -28.76
C THR B 242 -33.67 5.97 -28.91
N GLU B 243 -33.44 6.96 -29.76
CA GLU B 243 -34.43 7.98 -30.05
C GLU B 243 -33.97 8.65 -31.34
N ILE B 244 -34.93 9.12 -32.14
CA ILE B 244 -34.59 9.85 -33.35
C ILE B 244 -34.90 11.33 -33.16
N GLU B 245 -33.92 12.17 -33.46
CA GLU B 245 -34.09 13.60 -33.39
C GLU B 245 -34.14 14.15 -34.80
N LYS B 246 -35.09 15.03 -35.07
CA LYS B 246 -35.12 15.70 -36.36
C LYS B 246 -34.13 16.87 -36.33
N LEU B 247 -33.39 17.03 -37.43
CA LEU B 247 -32.44 18.11 -37.59
C LEU B 247 -32.83 18.99 -38.77
N LYS B 248 -32.30 20.21 -38.83
CA LYS B 248 -32.55 21.12 -39.94
C LYS B 248 -32.22 20.44 -41.28
N GLY B 249 -32.76 21.00 -42.37
CA GLY B 249 -32.48 20.51 -43.71
C GLY B 249 -32.82 19.05 -43.99
N GLY B 250 -33.89 18.55 -43.37
CA GLY B 250 -34.37 17.21 -43.63
C GLY B 250 -33.46 16.07 -43.22
N LYS B 251 -32.47 16.37 -42.38
CA LYS B 251 -31.58 15.35 -41.86
C LYS B 251 -32.09 14.85 -40.51
N GLU B 252 -31.83 13.59 -40.19
CA GLU B 252 -32.29 12.98 -38.95
C GLU B 252 -31.09 12.54 -38.12
N GLN B 253 -31.33 12.14 -36.87
CA GLN B 253 -30.23 11.84 -35.96
C GLN B 253 -30.59 10.75 -34.96
N ILE B 254 -29.86 9.65 -34.99
CA ILE B 254 -30.07 8.57 -34.03
C ILE B 254 -29.26 8.89 -32.77
N VAL B 255 -29.92 8.88 -31.63
CA VAL B 255 -29.27 9.21 -30.37
C VAL B 255 -29.38 8.02 -29.41
N ILE B 256 -28.24 7.59 -28.88
CA ILE B 256 -28.22 6.46 -27.95
C ILE B 256 -28.00 6.94 -26.52
N THR B 257 -28.86 6.49 -25.60
CA THR B 257 -28.80 7.03 -24.25
C THR B 257 -28.56 5.97 -23.19
N GLU B 258 -28.69 4.71 -23.58
CA GLU B 258 -28.39 3.57 -22.71
C GLU B 258 -27.80 2.45 -23.55
N ILE B 259 -26.70 1.86 -23.09
CA ILE B 259 -26.08 0.79 -23.83
C ILE B 259 -26.03 -0.50 -23.01
N PRO B 260 -25.59 -1.59 -23.64
CA PRO B 260 -25.70 -2.90 -23.00
C PRO B 260 -24.60 -3.21 -21.98
N TYR B 261 -24.99 -3.93 -20.94
CA TYR B 261 -24.08 -4.32 -19.86
C TYR B 261 -22.73 -4.86 -20.37
N GLU B 262 -21.66 -4.53 -19.64
CA GLU B 262 -20.29 -4.96 -19.92
C GLU B 262 -19.77 -4.57 -21.30
N ILE B 263 -20.28 -3.48 -21.84
CA ILE B 263 -19.85 -3.02 -23.16
C ILE B 263 -19.11 -1.69 -23.02
N ASN B 264 -17.86 -1.68 -23.48
CA ASN B 264 -17.03 -0.50 -23.44
C ASN B 264 -17.52 0.57 -24.43
N LYS B 265 -18.03 1.69 -23.90
CA LYS B 265 -18.62 2.74 -24.73
C LYS B 265 -17.68 3.31 -25.79
N ALA B 266 -16.40 3.43 -25.45
CA ALA B 266 -15.43 3.99 -26.38
C ALA B 266 -15.25 3.07 -27.57
N ASN B 267 -15.18 1.76 -27.30
CA ASN B 267 -14.94 0.80 -28.38
C ASN B 267 -16.13 0.74 -29.31
N LEU B 268 -17.31 0.73 -28.71
CA LEU B 268 -18.59 0.77 -29.42
C LEU B 268 -18.62 1.91 -30.43
N VAL B 269 -18.30 3.12 -29.96
CA VAL B 269 -18.25 4.29 -30.83
C VAL B 269 -17.23 4.16 -31.99
N LYS B 270 -16.07 3.55 -31.75
CA LYS B 270 -15.12 3.31 -32.85
C LYS B 270 -15.73 2.33 -33.84
N LYS B 271 -16.31 1.25 -33.33
CA LYS B 271 -16.81 0.17 -34.19
C LYS B 271 -17.96 0.69 -35.07
N ILE B 272 -18.82 1.51 -34.49
CA ILE B 272 -19.86 2.21 -35.24
C ILE B 272 -19.28 3.15 -36.27
N ASP B 273 -18.30 3.95 -35.87
CA ASP B 273 -17.67 4.83 -36.83
C ASP B 273 -16.97 4.04 -37.93
N ASP B 274 -16.57 2.81 -37.62
CA ASP B 274 -16.00 1.94 -38.65
C ASP B 274 -17.04 1.58 -39.71
N VAL B 275 -18.26 1.32 -39.27
CA VAL B 275 -19.35 1.12 -40.21
C VAL B 275 -19.43 2.29 -41.19
N ARG B 276 -19.37 3.52 -40.67
CA ARG B 276 -19.46 4.68 -41.56
C ARG B 276 -18.27 4.77 -42.51
N VAL B 277 -17.07 4.71 -41.93
CA VAL B 277 -15.83 4.81 -42.69
C VAL B 277 -15.80 3.78 -43.80
N ASN B 278 -16.25 2.57 -43.48
CA ASN B 278 -16.26 1.49 -44.44
C ASN B 278 -17.50 1.51 -45.33
N ASN B 279 -18.47 2.34 -45.00
CA ASN B 279 -19.69 2.41 -45.81
C ASN B 279 -20.37 1.05 -45.89
N LYS B 280 -20.46 0.36 -44.76
CA LYS B 280 -21.05 -0.95 -44.68
C LYS B 280 -22.57 -0.85 -44.83
N VAL B 281 -23.11 0.31 -44.44
CA VAL B 281 -24.52 0.63 -44.69
C VAL B 281 -24.60 2.11 -45.05
N ALA B 282 -25.42 2.45 -46.04
CA ALA B 282 -25.47 3.83 -46.52
C ALA B 282 -26.12 4.81 -45.54
N GLY B 283 -25.64 6.06 -45.53
CA GLY B 283 -26.34 7.14 -44.85
C GLY B 283 -25.80 7.71 -43.55
N ILE B 284 -24.71 7.16 -43.02
CA ILE B 284 -24.12 7.75 -41.82
C ILE B 284 -23.18 8.93 -42.10
N ALA B 285 -23.57 10.09 -41.59
CA ALA B 285 -22.83 11.33 -41.85
C ALA B 285 -21.65 11.47 -40.89
N GLU B 286 -21.85 11.07 -39.64
CA GLU B 286 -20.88 11.35 -38.62
C GLU B 286 -21.28 10.73 -37.29
N VAL B 287 -20.32 10.15 -36.57
CA VAL B 287 -20.57 9.67 -35.23
C VAL B 287 -19.90 10.57 -34.21
N ARG B 288 -20.62 10.95 -33.16
CA ARG B 288 -20.05 11.76 -32.09
C ARG B 288 -20.42 11.19 -30.74
N ASP B 289 -19.46 11.12 -29.82
CA ASP B 289 -19.81 10.82 -28.43
C ASP B 289 -20.00 12.15 -27.70
N GLU B 290 -21.21 12.37 -27.20
CA GLU B 290 -21.53 13.64 -26.57
C GLU B 290 -21.85 13.45 -25.10
N SER B 291 -21.56 12.26 -24.57
CA SER B 291 -21.79 12.04 -23.14
C SER B 291 -20.89 12.99 -22.37
N ASP B 292 -21.40 13.51 -21.26
CA ASP B 292 -20.59 14.31 -20.37
C ASP B 292 -20.87 13.87 -18.93
N ARG B 293 -20.30 14.59 -17.97
CA ARG B 293 -20.33 14.19 -16.56
C ARG B 293 -21.74 13.86 -16.03
N ASP B 294 -22.77 14.33 -16.71
CA ASP B 294 -24.14 14.06 -16.25
C ASP B 294 -25.10 13.65 -17.36
N GLY B 295 -24.70 12.64 -18.13
CA GLY B 295 -25.55 12.06 -19.15
C GLY B 295 -24.77 11.36 -20.25
N LEU B 296 -25.13 10.12 -20.54
CA LEU B 296 -24.53 9.43 -21.69
C LEU B 296 -25.30 9.77 -22.97
N ARG B 297 -24.58 9.96 -24.07
CA ARG B 297 -25.22 10.37 -25.32
C ARG B 297 -24.36 10.14 -26.56
N ILE B 298 -24.81 9.26 -27.45
CA ILE B 298 -24.13 9.02 -28.72
C ILE B 298 -25.02 9.44 -29.89
N ALA B 299 -24.51 10.36 -30.72
CA ALA B 299 -25.27 10.99 -31.80
C ALA B 299 -24.78 10.36 -33.08
N ILE B 300 -25.67 9.71 -33.82
CA ILE B 300 -25.37 9.17 -35.12
C ILE B 300 -26.11 9.99 -36.16
N GLU B 301 -25.49 11.08 -36.59
CA GLU B 301 -26.13 11.98 -37.55
C GLU B 301 -26.17 11.34 -38.94
N LEU B 302 -27.35 11.26 -39.53
CA LEU B 302 -27.48 10.62 -40.83
C LEU B 302 -27.49 11.64 -41.95
N LYS B 303 -27.22 11.18 -43.17
CA LYS B 303 -27.24 12.06 -44.34
C LYS B 303 -28.68 12.41 -44.74
N LYS B 304 -28.82 13.29 -45.72
CA LYS B 304 -30.13 13.85 -46.09
C LYS B 304 -31.17 12.79 -46.41
N ASP B 305 -31.02 12.12 -47.55
CA ASP B 305 -32.03 11.19 -48.00
C ASP B 305 -31.65 9.76 -47.58
N ALA B 306 -31.55 9.57 -46.27
CA ALA B 306 -31.06 8.30 -45.72
C ALA B 306 -32.14 7.49 -45.01
N ASN B 307 -32.11 6.17 -45.22
CA ASN B 307 -33.11 5.29 -44.61
C ASN B 307 -32.75 5.04 -43.16
N THR B 308 -33.35 5.79 -42.24
CA THR B 308 -32.90 5.64 -40.86
C THR B 308 -33.18 4.24 -40.27
N GLU B 309 -34.17 3.53 -40.79
CA GLU B 309 -34.39 2.14 -40.37
C GLU B 309 -33.30 1.20 -40.86
N LEU B 310 -32.97 1.27 -42.14
CA LEU B 310 -31.87 0.45 -42.66
C LEU B 310 -30.64 0.57 -41.75
N VAL B 311 -30.31 1.79 -41.34
CA VAL B 311 -29.13 2.09 -40.52
C VAL B 311 -29.26 1.55 -39.10
N LEU B 312 -30.37 1.86 -38.46
CA LEU B 312 -30.58 1.40 -37.11
C LEU B 312 -30.50 -0.11 -37.05
N ASN B 313 -31.20 -0.79 -37.95
CA ASN B 313 -31.21 -2.25 -37.92
C ASN B 313 -29.83 -2.85 -38.12
N TYR B 314 -29.07 -2.25 -39.04
CA TYR B 314 -27.74 -2.75 -39.36
C TYR B 314 -26.86 -2.64 -38.14
N LEU B 315 -26.95 -1.48 -37.49
CA LEU B 315 -26.13 -1.24 -36.31
C LEU B 315 -26.41 -2.27 -35.23
N PHE B 316 -27.69 -2.48 -34.93
CA PHE B 316 -28.08 -3.53 -33.98
C PHE B 316 -27.51 -4.91 -34.30
N LYS B 317 -27.56 -5.30 -35.58
CA LYS B 317 -27.06 -6.62 -35.98
C LYS B 317 -25.52 -6.71 -36.00
N TYR B 318 -24.86 -5.80 -36.72
CA TYR B 318 -23.41 -5.92 -36.89
C TYR B 318 -22.51 -5.16 -35.90
N THR B 319 -23.07 -4.42 -34.97
CA THR B 319 -22.27 -3.95 -33.82
C THR B 319 -22.83 -4.42 -32.49
N ASP B 320 -22.33 -3.80 -31.43
CA ASP B 320 -22.64 -4.22 -30.07
C ASP B 320 -23.66 -3.30 -29.46
N LEU B 321 -24.28 -2.46 -30.30
CA LEU B 321 -25.44 -1.68 -29.87
C LEU B 321 -26.51 -2.67 -29.39
N GLN B 322 -26.36 -3.91 -29.86
CA GLN B 322 -27.15 -5.01 -29.37
C GLN B 322 -26.28 -6.25 -29.34
N ILE B 323 -26.37 -6.98 -28.24
CA ILE B 323 -25.55 -8.14 -27.93
C ILE B 323 -26.40 -9.24 -27.32
N ASN B 324 -25.82 -10.44 -27.23
CA ASN B 324 -26.40 -11.51 -26.40
C ASN B 324 -25.74 -11.55 -25.02
N TYR B 325 -26.57 -11.70 -23.99
CA TYR B 325 -26.10 -11.99 -22.66
C TYR B 325 -26.44 -13.43 -22.30
N ASN B 326 -25.44 -14.21 -21.92
CA ASN B 326 -25.65 -15.60 -21.51
C ASN B 326 -25.56 -15.79 -19.99
N PHE B 327 -26.66 -16.20 -19.37
CA PHE B 327 -26.63 -16.58 -17.98
C PHE B 327 -25.83 -17.86 -17.90
N ASN B 328 -24.90 -17.92 -16.97
CA ASN B 328 -24.24 -19.18 -16.63
C ASN B 328 -23.99 -19.17 -15.13
N MET B 329 -25.09 -19.22 -14.39
CA MET B 329 -25.09 -19.08 -12.95
C MET B 329 -24.49 -20.27 -12.21
N VAL B 330 -23.20 -20.15 -11.91
CA VAL B 330 -22.49 -21.10 -11.07
C VAL B 330 -22.01 -20.44 -9.79
N ALA B 331 -22.12 -21.17 -8.69
CA ALA B 331 -21.73 -20.63 -7.40
C ALA B 331 -21.21 -21.73 -6.48
N ILE B 332 -20.62 -21.31 -5.37
CA ILE B 332 -20.06 -22.25 -4.43
C ILE B 332 -21.09 -22.49 -3.34
N ASP B 333 -21.48 -23.75 -3.23
CA ASP B 333 -22.56 -24.19 -2.34
C ASP B 333 -22.07 -25.44 -1.65
N ASN B 334 -22.06 -25.42 -0.33
CA ASN B 334 -21.44 -26.51 0.42
C ASN B 334 -20.06 -26.86 -0.12
N PHE B 335 -19.20 -25.86 -0.28
CA PHE B 335 -17.80 -26.06 -0.68
C PHE B 335 -17.57 -26.57 -2.10
N THR B 336 -18.62 -26.64 -2.90
CA THR B 336 -18.45 -27.21 -4.24
C THR B 336 -19.18 -26.38 -5.29
N PRO B 337 -18.70 -26.42 -6.53
CA PRO B 337 -19.32 -25.58 -7.56
C PRO B 337 -20.62 -26.19 -8.06
N ARG B 338 -21.62 -25.34 -8.30
CA ARG B 338 -22.95 -25.78 -8.64
C ARG B 338 -23.61 -24.85 -9.65
N GLN B 339 -23.98 -25.39 -10.80
CA GLN B 339 -24.87 -24.68 -11.70
C GLN B 339 -26.24 -24.58 -11.03
N VAL B 340 -26.81 -23.37 -10.95
CA VAL B 340 -27.99 -23.13 -10.13
C VAL B 340 -28.94 -22.08 -10.70
N GLY B 341 -30.24 -22.33 -10.52
CA GLY B 341 -31.23 -21.34 -10.86
C GLY B 341 -31.70 -20.55 -9.65
N ILE B 342 -32.72 -19.75 -9.86
CA ILE B 342 -33.31 -18.91 -8.83
C ILE B 342 -33.65 -19.65 -7.53
N VAL B 343 -34.27 -20.81 -7.63
CA VAL B 343 -34.70 -21.52 -6.44
C VAL B 343 -33.55 -21.95 -5.51
N PRO B 344 -32.53 -22.64 -6.04
CA PRO B 344 -31.38 -22.96 -5.18
C PRO B 344 -30.75 -21.71 -4.58
N ILE B 345 -30.57 -20.64 -5.36
CA ILE B 345 -30.06 -19.37 -4.87
C ILE B 345 -30.87 -18.79 -3.71
N LEU B 346 -32.08 -18.35 -3.99
CA LEU B 346 -32.99 -17.86 -2.96
C LEU B 346 -33.08 -18.75 -1.73
N SER B 347 -33.16 -20.06 -1.93
CA SER B 347 -33.34 -20.93 -0.78
C SER B 347 -32.06 -20.97 0.04
N SER B 348 -30.92 -21.05 -0.64
CA SER B 348 -29.62 -21.07 0.04
C SER B 348 -29.43 -19.83 0.88
N TYR B 349 -29.98 -18.71 0.40
CA TYR B 349 -29.89 -17.42 1.06
C TYR B 349 -30.73 -17.41 2.31
N ILE B 350 -31.94 -17.93 2.17
CA ILE B 350 -32.89 -18.04 3.27
C ILE B 350 -32.35 -18.95 4.36
N ALA B 351 -31.74 -20.05 3.98
CA ALA B 351 -31.13 -20.95 4.94
C ALA B 351 -30.05 -20.20 5.70
N HIS B 352 -29.25 -19.42 4.97
CA HIS B 352 -28.15 -18.65 5.54
C HIS B 352 -28.63 -17.57 6.52
N ARG B 353 -29.66 -16.83 6.14
CA ARG B 353 -30.21 -15.81 7.02
C ARG B 353 -30.81 -16.41 8.27
N ARG B 354 -31.21 -17.66 8.18
CA ARG B 354 -31.84 -18.32 9.31
C ARG B 354 -30.75 -18.60 10.34
N GLU B 355 -29.66 -19.18 9.87
CA GLU B 355 -28.54 -19.50 10.73
C GLU B 355 -28.03 -18.22 11.39
N VAL B 356 -27.93 -17.16 10.58
CA VAL B 356 -27.47 -15.85 11.03
C VAL B 356 -28.35 -15.21 12.09
N ILE B 357 -29.67 -15.24 11.88
CA ILE B 357 -30.63 -14.68 12.84
C ILE B 357 -30.72 -15.53 14.12
N LEU B 358 -30.67 -16.84 13.96
CA LEU B 358 -30.63 -17.70 15.13
C LEU B 358 -29.35 -17.43 15.96
N ALA B 359 -28.20 -17.35 15.29
CA ALA B 359 -26.94 -17.06 15.98
C ALA B 359 -26.98 -15.69 16.66
N ARG B 360 -27.41 -14.69 15.90
CA ARG B 360 -27.56 -13.36 16.46
C ARG B 360 -28.35 -13.45 17.74
N SER B 361 -29.55 -14.02 17.64
CA SER B 361 -30.48 -14.05 18.77
C SER B 361 -29.95 -14.78 20.00
N ARG B 362 -29.22 -15.87 19.79
CA ARG B 362 -28.60 -16.58 20.90
C ARG B 362 -27.61 -15.64 21.62
N PHE B 363 -26.84 -14.91 20.83
CA PHE B 363 -25.81 -14.04 21.37
C PHE B 363 -26.39 -12.91 22.20
N ASP B 364 -27.44 -12.26 21.71
CA ASP B 364 -28.06 -11.17 22.44
C ASP B 364 -28.81 -11.65 23.69
N LYS B 365 -29.39 -12.85 23.61
CA LYS B 365 -30.10 -13.39 24.76
C LYS B 365 -29.10 -13.54 25.90
N GLU B 366 -27.97 -14.17 25.60
CA GLU B 366 -26.95 -14.41 26.62
C GLU B 366 -26.42 -13.12 27.28
N LYS B 367 -26.16 -12.07 26.50
CA LYS B 367 -25.84 -10.75 27.08
C LYS B 367 -26.92 -10.28 28.03
N ALA B 368 -28.18 -10.41 27.60
CA ALA B 368 -29.28 -9.91 28.40
C ALA B 368 -29.50 -10.69 29.69
N GLU B 369 -29.31 -12.02 29.65
CA GLU B 369 -29.42 -12.81 30.87
C GLU B 369 -28.33 -12.38 31.85
N LYS B 370 -27.09 -12.33 31.36
CA LYS B 370 -25.96 -12.00 32.21
C LYS B 370 -26.21 -10.67 32.89
N ARG B 371 -26.67 -9.70 32.12
CA ARG B 371 -27.06 -8.41 32.68
C ARG B 371 -28.25 -8.46 33.64
N LEU B 372 -29.32 -9.15 33.23
CA LEU B 372 -30.49 -9.34 34.07
C LEU B 372 -30.07 -9.86 35.44
N HIS B 373 -29.14 -10.80 35.42
CA HIS B 373 -28.66 -11.45 36.63
C HIS B 373 -27.97 -10.41 37.54
N ILE B 374 -27.11 -9.57 36.95
CA ILE B 374 -26.48 -8.48 37.68
C ILE B 374 -27.54 -7.53 38.26
N VAL B 375 -28.36 -6.98 37.39
CA VAL B 375 -29.43 -6.10 37.85
C VAL B 375 -30.30 -6.70 38.97
N GLU B 376 -30.58 -8.01 38.94
CA GLU B 376 -31.40 -8.60 40.01
C GLU B 376 -30.68 -8.45 41.34
N GLY B 377 -29.39 -8.76 41.35
CA GLY B 377 -28.56 -8.58 42.53
C GLY B 377 -28.48 -7.13 43.02
N LEU B 378 -28.29 -6.18 42.10
CA LEU B 378 -28.25 -4.76 42.48
C LEU B 378 -29.53 -4.27 43.13
N ILE B 379 -30.68 -4.69 42.60
CA ILE B 379 -31.95 -4.32 43.21
C ILE B 379 -32.01 -4.82 44.65
N ARG B 380 -31.47 -6.01 44.88
CA ARG B 380 -31.42 -6.55 46.22
C ARG B 380 -30.50 -5.75 47.14
N VAL B 381 -29.34 -5.36 46.59
CA VAL B 381 -28.29 -4.73 47.36
C VAL B 381 -28.76 -3.42 47.95
N ILE B 382 -29.52 -2.69 47.17
CA ILE B 382 -30.07 -1.42 47.62
C ILE B 382 -30.79 -1.54 48.97
N SER B 383 -31.58 -2.59 49.15
CA SER B 383 -32.36 -2.72 50.38
C SER B 383 -31.47 -3.01 51.59
N ILE B 384 -30.29 -3.55 51.31
CA ILE B 384 -29.32 -3.86 52.35
C ILE B 384 -27.97 -3.13 52.20
N LEU B 385 -28.00 -1.92 51.63
CA LEU B 385 -26.81 -1.10 51.36
C LEU B 385 -25.84 -1.00 52.52
N ASP B 386 -26.34 -0.48 53.63
CA ASP B 386 -25.53 -0.32 54.82
C ASP B 386 -24.93 -1.64 55.31
N GLU B 387 -25.76 -2.69 55.39
CA GLU B 387 -25.28 -3.98 55.89
C GLU B 387 -24.20 -4.56 54.98
N VAL B 388 -24.30 -4.28 53.69
CA VAL B 388 -23.32 -4.73 52.70
C VAL B 388 -22.00 -3.96 52.85
N ILE B 389 -22.09 -2.62 52.93
CA ILE B 389 -20.91 -1.81 53.18
C ILE B 389 -20.17 -2.28 54.44
N ALA B 390 -20.92 -2.48 55.52
CA ALA B 390 -20.35 -3.01 56.75
C ALA B 390 -19.68 -4.36 56.53
N LEU B 391 -20.34 -5.21 55.74
CA LEU B 391 -19.87 -6.56 55.50
C LEU B 391 -18.57 -6.54 54.73
N ILE B 392 -18.48 -5.61 53.79
CA ILE B 392 -17.24 -5.38 53.09
C ILE B 392 -16.14 -4.75 53.98
N ARG B 393 -16.48 -3.68 54.70
CA ARG B 393 -15.56 -3.07 55.66
C ARG B 393 -14.96 -4.15 56.56
N ALA B 394 -15.74 -5.18 56.86
CA ALA B 394 -15.31 -6.19 57.82
C ALA B 394 -14.49 -7.32 57.20
N SER B 395 -14.53 -7.44 55.88
CA SER B 395 -13.76 -8.46 55.16
C SER B 395 -12.29 -8.05 55.01
N GLU B 396 -11.39 -9.03 54.91
CA GLU B 396 -9.95 -8.74 54.84
C GLU B 396 -9.46 -8.38 53.43
N ASN B 397 -10.23 -8.73 52.41
CA ASN B 397 -9.88 -8.43 51.02
C ASN B 397 -10.99 -8.77 50.01
N LYS B 398 -10.66 -8.71 48.73
CA LYS B 398 -11.66 -8.87 47.69
C LYS B 398 -12.33 -10.25 47.73
N ALA B 399 -11.52 -11.31 47.64
CA ALA B 399 -12.04 -12.66 47.65
C ALA B 399 -12.87 -12.91 48.90
N ASP B 400 -12.36 -12.46 50.04
CA ASP B 400 -13.07 -12.63 51.28
C ASP B 400 -14.41 -11.87 51.26
N ALA B 401 -14.42 -10.67 50.68
CA ALA B 401 -15.66 -9.93 50.59
C ALA B 401 -16.71 -10.70 49.78
N LYS B 402 -16.27 -11.38 48.73
CA LYS B 402 -17.20 -12.16 47.92
C LYS B 402 -17.75 -13.36 48.70
N GLU B 403 -16.87 -14.17 49.27
CA GLU B 403 -17.32 -15.28 50.08
C GLU B 403 -18.36 -14.76 51.07
N ASN B 404 -18.03 -13.71 51.82
CA ASN B 404 -19.01 -13.18 52.80
C ASN B 404 -20.37 -12.78 52.18
N LEU B 405 -20.34 -12.26 50.96
CA LEU B 405 -21.56 -11.83 50.31
C LEU B 405 -22.38 -13.07 49.91
N LYS B 406 -21.69 -14.08 49.39
CA LYS B 406 -22.34 -15.31 49.02
C LYS B 406 -22.95 -15.97 50.24
N VAL B 407 -22.10 -16.28 51.22
CA VAL B 407 -22.53 -16.97 52.43
C VAL B 407 -23.63 -16.24 53.21
N SER B 408 -23.58 -14.91 53.23
CA SER B 408 -24.45 -14.17 54.13
C SER B 408 -25.72 -13.69 53.46
N TYR B 409 -25.67 -13.44 52.16
CA TYR B 409 -26.85 -12.93 51.45
C TYR B 409 -27.19 -13.70 50.17
N ASP B 410 -26.54 -14.84 49.98
CA ASP B 410 -26.82 -15.74 48.86
C ASP B 410 -26.73 -15.09 47.48
N PHE B 411 -25.82 -14.14 47.31
CA PHE B 411 -25.53 -13.64 45.98
C PHE B 411 -24.70 -14.72 45.28
N THR B 412 -24.77 -14.76 43.96
CA THR B 412 -23.91 -15.65 43.20
C THR B 412 -22.52 -15.02 43.01
N GLU B 413 -21.55 -15.86 42.71
CA GLU B 413 -20.26 -15.38 42.26
C GLU B 413 -20.35 -14.14 41.36
N GLU B 414 -21.08 -14.23 40.27
CA GLU B 414 -21.09 -13.16 39.27
C GLU B 414 -21.74 -11.87 39.78
N GLN B 415 -22.63 -12.01 40.76
CA GLN B 415 -23.24 -10.85 41.36
C GLN B 415 -22.30 -10.25 42.38
N ALA B 416 -21.58 -11.11 43.11
CA ALA B 416 -20.63 -10.65 44.11
C ALA B 416 -19.51 -9.88 43.43
N GLU B 417 -19.03 -10.44 42.31
CA GLU B 417 -18.00 -9.76 41.55
C GLU B 417 -18.43 -8.37 41.14
N ALA B 418 -19.69 -8.21 40.74
CA ALA B 418 -20.16 -6.93 40.25
C ALA B 418 -20.38 -5.92 41.37
N ILE B 419 -20.79 -6.42 42.53
CA ILE B 419 -21.07 -5.56 43.66
C ILE B 419 -19.76 -5.02 44.18
N VAL B 420 -18.91 -5.95 44.57
CA VAL B 420 -17.58 -5.65 45.07
C VAL B 420 -16.72 -4.76 44.16
N THR B 421 -17.01 -4.73 42.86
CA THR B 421 -16.22 -3.89 41.97
C THR B 421 -16.94 -2.64 41.51
N LEU B 422 -18.04 -2.31 42.16
CA LEU B 422 -18.65 -0.98 42.00
C LEU B 422 -17.71 0.15 42.53
N GLN B 423 -17.69 1.29 41.83
CA GLN B 423 -16.97 2.44 42.34
C GLN B 423 -17.79 3.11 43.43
N LEU B 424 -17.12 3.67 44.42
CA LEU B 424 -17.78 4.25 45.58
C LEU B 424 -18.94 5.19 45.25
N TYR B 425 -18.78 6.02 44.23
CA TYR B 425 -19.77 7.04 44.00
C TYR B 425 -21.14 6.42 43.67
N ARG B 426 -21.15 5.15 43.24
CA ARG B 426 -22.40 4.45 42.98
C ARG B 426 -23.32 4.40 44.22
N LEU B 427 -22.72 4.39 45.40
CA LEU B 427 -23.48 4.50 46.65
C LEU B 427 -24.33 5.76 46.76
N THR B 428 -24.16 6.71 45.82
CA THR B 428 -25.02 7.88 45.82
C THR B 428 -26.19 7.70 44.83
N ASN B 429 -26.03 6.75 43.91
CA ASN B 429 -27.06 6.45 42.91
C ASN B 429 -27.94 5.32 43.39
N THR B 430 -28.84 5.65 44.30
CA THR B 430 -29.50 4.64 45.10
C THR B 430 -30.99 4.54 44.67
N ASP B 431 -31.19 4.19 43.41
CA ASP B 431 -32.47 4.37 42.74
C ASP B 431 -33.05 3.04 42.23
N VAL B 432 -33.93 2.43 43.02
CA VAL B 432 -34.43 1.11 42.69
C VAL B 432 -35.37 1.10 41.50
N VAL B 433 -36.21 2.13 41.37
CA VAL B 433 -37.17 2.15 40.27
C VAL B 433 -36.52 2.13 38.88
N VAL B 434 -35.40 2.85 38.73
CA VAL B 434 -34.69 2.88 37.45
C VAL B 434 -34.15 1.47 37.10
N LEU B 435 -33.72 0.74 38.12
CA LEU B 435 -33.26 -0.63 37.92
C LEU B 435 -34.42 -1.57 37.59
N GLN B 436 -35.57 -1.35 38.19
CA GLN B 436 -36.74 -2.18 37.90
C GLN B 436 -37.22 -1.98 36.47
N GLU B 437 -37.10 -0.75 35.96
CA GLU B 437 -37.38 -0.50 34.56
C GLU B 437 -36.43 -1.33 33.71
N GLU B 438 -35.14 -1.26 34.03
CA GLU B 438 -34.16 -2.05 33.25
C GLU B 438 -34.45 -3.57 33.30
N GLU B 439 -34.74 -4.08 34.49
CA GLU B 439 -35.15 -5.47 34.65
C GLU B 439 -36.32 -5.81 33.73
N ALA B 440 -37.38 -5.01 33.78
CA ALA B 440 -38.56 -5.25 32.96
C ALA B 440 -38.19 -5.25 31.49
N GLU B 441 -37.50 -4.21 31.07
CA GLU B 441 -37.07 -4.14 29.68
C GLU B 441 -36.29 -5.39 29.26
N LEU B 442 -35.44 -5.91 30.15
CA LEU B 442 -34.61 -7.08 29.86
C LEU B 442 -35.42 -8.38 29.79
N ARG B 443 -36.30 -8.58 30.75
CA ARG B 443 -37.22 -9.72 30.71
C ARG B 443 -37.98 -9.75 29.39
N GLU B 444 -38.56 -8.62 29.00
CA GLU B 444 -39.22 -8.53 27.70
C GLU B 444 -38.28 -8.93 26.57
N LYS B 445 -37.12 -8.27 26.47
CA LYS B 445 -36.16 -8.57 25.41
C LYS B 445 -35.84 -10.06 25.34
N ILE B 446 -35.60 -10.66 26.50
CA ILE B 446 -35.26 -12.06 26.59
C ILE B 446 -36.43 -12.95 26.11
N ALA B 447 -37.66 -12.52 26.37
CA ALA B 447 -38.84 -13.30 25.93
C ALA B 447 -38.94 -13.29 24.40
N MET B 448 -38.80 -12.10 23.79
CA MET B 448 -38.80 -11.98 22.33
C MET B 448 -37.72 -12.85 21.68
N LEU B 449 -36.53 -12.87 22.27
CA LEU B 449 -35.42 -13.62 21.68
C LEU B 449 -35.59 -15.11 21.90
N ALA B 450 -36.07 -15.50 23.08
CA ALA B 450 -36.44 -16.90 23.31
C ALA B 450 -37.40 -17.36 22.21
N ALA B 451 -38.45 -16.57 21.97
CA ALA B 451 -39.45 -16.96 20.98
C ALA B 451 -38.87 -17.12 19.57
N ILE B 452 -37.99 -16.21 19.17
CA ILE B 452 -37.29 -16.36 17.91
C ILE B 452 -36.54 -17.69 17.84
N ILE B 453 -35.86 -18.02 18.92
CA ILE B 453 -35.04 -19.20 18.97
C ILE B 453 -35.87 -20.50 19.00
N GLY B 454 -37.06 -20.44 19.60
CA GLY B 454 -37.88 -21.62 19.80
C GLY B 454 -39.02 -21.85 18.81
N ASP B 455 -39.18 -20.95 17.84
CA ASP B 455 -40.24 -21.09 16.87
C ASP B 455 -39.83 -20.63 15.47
N GLU B 456 -39.66 -21.60 14.58
CA GLU B 456 -39.31 -21.35 13.20
C GLU B 456 -40.12 -20.24 12.50
N ARG B 457 -41.44 -20.20 12.71
CA ARG B 457 -42.25 -19.20 12.02
C ARG B 457 -42.00 -17.79 12.57
N THR B 458 -41.92 -17.68 13.90
CA THR B 458 -41.59 -16.41 14.53
C THR B 458 -40.25 -15.82 14.01
N MET B 459 -39.28 -16.70 13.79
CA MET B 459 -38.01 -16.34 13.20
C MET B 459 -38.14 -15.91 11.73
N TYR B 460 -38.89 -16.67 10.94
CA TYR B 460 -39.10 -16.35 9.52
C TYR B 460 -39.82 -15.01 9.37
N ASN B 461 -40.62 -14.66 10.36
CA ASN B 461 -41.29 -13.37 10.34
C ASN B 461 -40.31 -12.26 10.58
N LEU B 462 -39.36 -12.52 11.47
CA LEU B 462 -38.25 -11.59 11.69
C LEU B 462 -37.47 -11.36 10.38
N MET B 463 -37.18 -12.45 9.64
CA MET B 463 -36.52 -12.33 8.32
C MET B 463 -37.33 -11.48 7.35
N LYS B 464 -38.63 -11.73 7.28
CA LYS B 464 -39.43 -10.99 6.33
C LYS B 464 -39.43 -9.52 6.74
N LYS B 465 -39.63 -9.27 8.03
CA LYS B 465 -39.66 -7.89 8.54
C LYS B 465 -38.37 -7.15 8.23
N GLU B 466 -37.25 -7.82 8.43
CA GLU B 466 -35.96 -7.19 8.19
C GLU B 466 -35.70 -6.96 6.71
N LEU B 467 -36.07 -7.92 5.88
CA LEU B 467 -35.93 -7.78 4.44
C LEU B 467 -36.75 -6.60 3.93
N ARG B 468 -37.94 -6.39 4.49
CA ARG B 468 -38.78 -5.28 4.02
C ARG B 468 -38.18 -3.93 4.40
N GLU B 469 -37.61 -3.84 5.60
CA GLU B 469 -36.91 -2.63 6.00
C GLU B 469 -35.76 -2.29 5.02
N VAL B 470 -35.03 -3.32 4.56
CA VAL B 470 -33.93 -3.08 3.61
C VAL B 470 -34.46 -2.61 2.27
N LYS B 471 -35.60 -3.18 1.86
CA LYS B 471 -36.23 -2.78 0.62
C LYS B 471 -36.73 -1.34 0.75
N LYS B 472 -37.34 -1.01 1.89
CA LYS B 472 -37.88 0.34 2.07
C LYS B 472 -36.73 1.31 1.99
N LYS B 473 -35.61 0.92 2.58
CA LYS B 473 -34.47 1.81 2.69
C LYS B 473 -33.69 1.96 1.40
N PHE B 474 -33.49 0.87 0.66
CA PHE B 474 -32.60 0.93 -0.51
C PHE B 474 -33.29 0.74 -1.87
N ALA B 475 -34.60 0.59 -1.87
CA ALA B 475 -35.28 0.34 -3.13
C ALA B 475 -35.01 1.46 -4.13
N THR B 476 -34.65 1.07 -5.35
CA THR B 476 -34.67 2.01 -6.48
C THR B 476 -35.39 1.38 -7.66
N PRO B 477 -35.92 2.24 -8.55
CA PRO B 477 -36.66 1.88 -9.76
C PRO B 477 -35.86 0.99 -10.74
N ARG B 478 -36.56 0.21 -11.56
CA ARG B 478 -35.92 -0.53 -12.63
C ARG B 478 -35.21 0.45 -13.53
N LEU B 479 -34.09 0.01 -14.09
CA LEU B 479 -33.42 0.78 -15.11
C LEU B 479 -33.61 0.05 -16.45
N SER B 480 -33.41 -1.26 -16.44
CA SER B 480 -33.59 -2.07 -17.64
C SER B 480 -35.08 -2.38 -17.86
N SER B 481 -35.59 -2.08 -19.05
CA SER B 481 -36.96 -2.44 -19.40
C SER B 481 -37.05 -3.89 -19.93
N LEU B 482 -38.18 -4.55 -19.70
CA LEU B 482 -38.31 -5.91 -20.23
C LEU B 482 -39.27 -6.04 -21.42
N GLU B 483 -38.92 -6.88 -22.39
CA GLU B 483 -39.81 -7.23 -23.52
C GLU B 483 -39.73 -8.73 -23.79
N ASP B 484 -40.83 -9.34 -24.25
CA ASP B 484 -40.83 -10.79 -24.53
C ASP B 484 -40.80 -11.10 -26.03
N LYS C 36 -0.94 10.66 -26.50
CA LYS C 36 -1.22 11.13 -25.15
C LYS C 36 -2.42 12.07 -25.16
N LEU C 37 -2.49 12.92 -26.19
CA LEU C 37 -3.53 13.96 -26.33
C LEU C 37 -4.95 13.47 -26.57
N THR C 38 -5.89 14.00 -25.77
CA THR C 38 -7.30 13.81 -26.02
C THR C 38 -7.83 15.12 -26.58
N PRO C 39 -8.16 15.15 -27.88
CA PRO C 39 -8.47 16.39 -28.60
C PRO C 39 -9.91 16.86 -28.42
N ALA C 40 -10.18 18.13 -28.71
CA ALA C 40 -11.54 18.66 -28.67
C ALA C 40 -12.31 18.22 -29.92
N GLN C 41 -13.63 18.06 -29.78
CA GLN C 41 -14.43 17.53 -30.87
C GLN C 41 -14.28 18.36 -32.15
N SER C 42 -14.53 19.67 -32.07
CA SER C 42 -14.39 20.55 -33.22
C SER C 42 -13.13 21.42 -33.14
N LYS C 43 -12.33 21.41 -34.20
CA LYS C 43 -11.15 22.27 -34.34
C LYS C 43 -11.58 23.74 -34.40
N ASN C 44 -11.12 24.55 -33.45
CA ASN C 44 -11.49 25.96 -33.43
C ASN C 44 -10.49 26.85 -32.67
N PRO C 45 -9.54 27.45 -33.41
CA PRO C 45 -8.51 28.37 -32.89
C PRO C 45 -9.03 29.53 -32.04
N ALA C 46 -10.25 30.01 -32.29
CA ALA C 46 -10.77 31.17 -31.56
C ALA C 46 -11.26 30.83 -30.13
N LYS C 47 -11.53 29.56 -29.86
CA LYS C 47 -12.15 29.19 -28.60
C LYS C 47 -11.52 27.95 -27.94
N ASN C 48 -10.89 27.10 -28.74
CA ASN C 48 -10.32 25.87 -28.20
C ASN C 48 -9.27 26.07 -27.11
N GLU C 49 -9.38 25.29 -26.04
CA GLU C 49 -8.47 25.36 -24.91
C GLU C 49 -7.62 24.10 -24.80
N LEU C 50 -6.37 24.28 -24.38
CA LEU C 50 -5.44 23.17 -24.24
C LEU C 50 -4.99 23.06 -22.79
N TYR C 51 -5.42 22.01 -22.11
CA TYR C 51 -5.07 21.82 -20.72
C TYR C 51 -3.81 20.97 -20.56
N LEU C 52 -2.76 21.58 -20.01
CA LEU C 52 -1.56 20.83 -19.65
C LEU C 52 -1.70 20.35 -18.19
N VAL C 53 -2.00 19.07 -18.03
CA VAL C 53 -2.28 18.55 -16.71
C VAL C 53 -1.10 17.77 -16.18
N GLU C 54 -0.79 18.00 -14.90
CA GLU C 54 0.26 17.26 -14.21
C GLU C 54 -0.22 15.87 -13.85
N GLY C 55 -0.03 14.91 -14.76
CA GLY C 55 -0.23 13.51 -14.41
C GLY C 55 -1.29 12.79 -15.21
N ASP C 56 -1.09 11.50 -15.43
CA ASP C 56 -2.05 10.70 -16.21
C ASP C 56 -3.37 10.55 -15.43
N SER C 57 -3.26 10.24 -14.14
CA SER C 57 -4.42 10.13 -13.27
C SER C 57 -5.26 11.41 -13.23
N ALA C 58 -4.61 12.54 -13.02
CA ALA C 58 -5.35 13.80 -13.04
C ALA C 58 -5.84 14.13 -14.44
N GLY C 59 -5.08 13.72 -15.45
CA GLY C 59 -5.48 13.90 -16.83
C GLY C 59 -6.74 13.10 -17.16
N GLY C 60 -6.99 12.04 -16.39
CA GLY C 60 -8.21 11.28 -16.53
C GLY C 60 -9.39 12.05 -15.94
N SER C 61 -9.24 12.54 -14.71
CA SER C 61 -10.25 13.35 -14.05
C SER C 61 -10.61 14.55 -14.92
N ALA C 62 -9.67 14.99 -15.75
CA ALA C 62 -9.89 16.13 -16.64
C ALA C 62 -10.66 15.73 -17.91
N LYS C 63 -10.34 14.58 -18.48
CA LYS C 63 -11.10 14.07 -19.64
C LYS C 63 -12.58 13.97 -19.28
N GLN C 64 -12.86 13.30 -18.17
CA GLN C 64 -14.21 13.10 -17.66
C GLN C 64 -14.91 14.40 -17.24
N GLY C 65 -14.19 15.27 -16.53
CA GLY C 65 -14.74 16.54 -16.09
C GLY C 65 -14.98 17.60 -17.18
N ARG C 66 -14.24 17.51 -18.27
CA ARG C 66 -14.21 18.58 -19.28
C ARG C 66 -15.51 18.74 -20.10
N ASP C 67 -15.59 19.85 -20.83
CA ASP C 67 -16.53 19.98 -21.94
C ASP C 67 -15.75 19.62 -23.19
N ARG C 68 -16.10 18.50 -23.80
CA ARG C 68 -15.32 17.95 -24.90
C ARG C 68 -15.39 18.79 -26.20
N LYS C 69 -16.37 19.68 -26.28
CA LYS C 69 -16.60 20.41 -27.53
C LYS C 69 -15.41 21.29 -27.92
N PHE C 70 -14.79 21.92 -26.94
CA PHE C 70 -13.69 22.85 -27.24
C PHE C 70 -12.51 22.71 -26.29
N GLN C 71 -12.54 21.68 -25.43
CA GLN C 71 -11.47 21.50 -24.46
C GLN C 71 -10.71 20.22 -24.70
N ALA C 72 -9.42 20.37 -24.99
CA ALA C 72 -8.53 19.23 -25.13
C ALA C 72 -7.75 18.99 -23.84
N ILE C 73 -7.25 17.77 -23.66
CA ILE C 73 -6.48 17.42 -22.48
C ILE C 73 -5.18 16.79 -22.94
N LEU C 74 -4.08 17.22 -22.34
CA LEU C 74 -2.76 16.65 -22.65
C LEU C 74 -1.94 16.46 -21.38
N PRO C 75 -1.86 15.21 -20.89
CA PRO C 75 -1.12 14.88 -19.67
C PRO C 75 0.39 14.98 -19.85
N LEU C 76 1.05 15.72 -18.97
CA LEU C 76 2.51 15.69 -18.84
C LEU C 76 2.90 14.59 -17.87
N ARG C 77 3.68 13.61 -18.34
CA ARG C 77 4.08 12.50 -17.49
C ARG C 77 5.46 12.72 -16.86
N GLY C 78 5.49 13.32 -15.67
CA GLY C 78 6.76 13.56 -14.97
C GLY C 78 7.23 14.99 -15.12
N LYS C 79 8.28 15.36 -14.39
CA LYS C 79 8.76 16.75 -14.41
C LYS C 79 9.24 17.13 -15.80
N VAL C 80 8.72 18.23 -16.33
CA VAL C 80 9.18 18.79 -17.60
C VAL C 80 10.69 19.07 -17.59
N ILE C 81 11.33 18.91 -18.74
CA ILE C 81 12.75 19.23 -18.86
C ILE C 81 13.04 20.73 -18.74
N ASN C 82 13.99 21.09 -17.87
CA ASN C 82 14.42 22.49 -17.75
C ASN C 82 15.08 22.98 -19.04
N THR C 83 14.32 23.73 -19.83
CA THR C 83 14.79 24.17 -21.14
C THR C 83 15.85 25.28 -21.10
N ALA C 84 16.25 25.68 -19.89
CA ALA C 84 17.29 26.69 -19.75
C ALA C 84 18.58 26.08 -19.19
N LYS C 85 18.63 24.75 -19.09
CA LYS C 85 19.79 24.10 -18.53
C LYS C 85 20.34 23.03 -19.47
N ALA C 86 19.45 22.34 -20.18
CA ALA C 86 19.88 21.25 -21.05
C ALA C 86 20.32 21.80 -22.41
N LYS C 87 21.08 21.00 -23.15
CA LYS C 87 21.53 21.36 -24.49
C LYS C 87 20.37 21.25 -25.49
N MET C 88 20.31 22.17 -26.45
CA MET C 88 19.19 22.20 -27.41
C MET C 88 19.04 20.85 -28.12
N ALA C 89 20.13 20.09 -28.15
CA ALA C 89 20.09 18.73 -28.69
C ALA C 89 19.12 17.90 -27.87
N ASP C 90 19.48 17.67 -26.60
CA ASP C 90 18.65 16.87 -25.71
C ASP C 90 17.23 17.45 -25.51
N ILE C 91 17.08 18.76 -25.70
CA ILE C 91 15.77 19.42 -25.58
C ILE C 91 14.87 19.07 -26.76
N LEU C 92 15.48 18.84 -27.92
CA LEU C 92 14.73 18.49 -29.12
C LEU C 92 14.31 17.03 -29.08
N LYS C 93 15.11 16.21 -28.41
CA LYS C 93 14.84 14.78 -28.29
C LYS C 93 13.92 14.44 -27.11
N ASN C 94 13.23 15.43 -26.55
CA ASN C 94 12.34 15.20 -25.41
C ASN C 94 10.90 14.93 -25.82
N GLU C 95 10.37 13.76 -25.47
CA GLU C 95 9.02 13.40 -25.86
C GLU C 95 7.97 14.39 -25.35
N GLU C 96 7.98 14.70 -24.06
CA GLU C 96 7.03 15.67 -23.53
C GLU C 96 7.07 16.97 -24.35
N ILE C 97 8.28 17.50 -24.57
CA ILE C 97 8.45 18.74 -25.33
C ILE C 97 8.01 18.63 -26.80
N ASN C 98 8.39 17.54 -27.45
CA ASN C 98 8.03 17.35 -28.88
C ASN C 98 6.53 17.29 -29.15
N THR C 99 5.79 16.56 -28.31
CA THR C 99 4.34 16.49 -28.46
C THR C 99 3.63 17.83 -28.17
N MET C 100 4.25 18.70 -27.38
CA MET C 100 3.69 20.03 -27.14
C MET C 100 3.84 20.90 -28.38
N ILE C 101 5.01 20.85 -29.02
CA ILE C 101 5.21 21.62 -30.24
C ILE C 101 4.26 21.09 -31.30
N TYR C 102 4.05 19.77 -31.28
CA TYR C 102 3.16 19.10 -32.21
C TYR C 102 1.68 19.37 -31.96
N THR C 103 1.27 19.30 -30.70
CA THR C 103 -0.13 19.53 -30.35
C THR C 103 -0.48 21.03 -30.39
N ILE C 104 0.53 21.88 -30.19
CA ILE C 104 0.33 23.33 -30.27
C ILE C 104 0.20 23.71 -31.73
N GLY C 105 1.04 23.12 -32.57
CA GLY C 105 0.93 23.25 -34.01
C GLY C 105 1.45 24.54 -34.60
N ALA C 106 2.41 25.18 -33.92
CA ALA C 106 3.02 26.40 -34.44
C ALA C 106 4.51 26.24 -34.64
N GLY C 107 5.00 25.02 -34.44
CA GLY C 107 6.44 24.77 -34.50
C GLY C 107 7.11 25.53 -33.37
N VAL C 108 8.44 25.56 -33.36
CA VAL C 108 9.17 26.13 -32.23
C VAL C 108 10.18 27.19 -32.66
N GLY C 109 10.87 27.77 -31.68
CA GLY C 109 11.98 28.67 -31.94
C GLY C 109 11.59 29.87 -32.76
N ALA C 110 12.42 30.20 -33.75
CA ALA C 110 12.17 31.35 -34.62
C ALA C 110 11.28 30.97 -35.79
N ASP C 111 11.12 29.67 -35.99
CA ASP C 111 10.26 29.15 -37.05
C ASP C 111 8.84 28.97 -36.50
N PHE C 112 8.33 30.00 -35.83
CA PHE C 112 7.10 29.92 -35.05
C PHE C 112 6.05 30.95 -35.49
N SER C 113 4.96 30.46 -36.07
CA SER C 113 3.83 31.32 -36.41
C SER C 113 2.71 31.17 -35.39
N ILE C 114 2.34 32.27 -34.73
CA ILE C 114 1.22 32.25 -33.79
C ILE C 114 -0.10 32.17 -34.55
N GLU C 115 -0.04 32.48 -35.84
CA GLU C 115 -1.22 32.45 -36.70
C GLU C 115 -1.58 31.03 -37.12
N ASP C 116 -0.63 30.10 -36.98
CA ASP C 116 -0.88 28.71 -37.33
C ASP C 116 -1.02 27.84 -36.07
N ALA C 117 -1.43 28.47 -34.97
CA ALA C 117 -1.66 27.76 -33.71
C ALA C 117 -3.01 27.04 -33.73
N ASN C 118 -3.24 26.21 -32.73
CA ASN C 118 -4.47 25.44 -32.67
C ASN C 118 -5.35 25.77 -31.48
N TYR C 119 -4.88 26.66 -30.60
CA TYR C 119 -5.66 27.03 -29.42
C TYR C 119 -5.62 28.52 -29.10
N ASP C 120 -6.70 29.00 -28.50
CA ASP C 120 -6.82 30.40 -28.09
C ASP C 120 -6.23 30.57 -26.70
N LYS C 121 -6.35 29.52 -25.89
CA LYS C 121 -5.88 29.54 -24.52
C LYS C 121 -5.10 28.25 -24.24
N ILE C 122 -3.89 28.41 -23.70
CA ILE C 122 -3.13 27.25 -23.26
C ILE C 122 -3.06 27.25 -21.75
N ILE C 123 -3.81 26.35 -21.12
CA ILE C 123 -3.93 26.35 -19.66
C ILE C 123 -3.08 25.28 -18.96
N ILE C 124 -2.25 25.74 -18.02
CA ILE C 124 -1.42 24.86 -17.20
C ILE C 124 -2.16 24.53 -15.92
N MET C 125 -2.41 23.24 -15.70
CA MET C 125 -3.19 22.83 -14.54
C MET C 125 -2.46 21.78 -13.71
N THR C 126 -1.84 22.22 -12.62
CA THR C 126 -1.02 21.37 -11.76
C THR C 126 -1.70 21.24 -10.40
N ASP C 127 -1.20 20.31 -9.58
CA ASP C 127 -1.68 20.20 -8.20
C ASP C 127 -1.42 21.52 -7.51
N ALA C 128 -2.13 21.80 -6.43
CA ALA C 128 -1.82 22.97 -5.63
C ALA C 128 -0.82 22.58 -4.53
N ASP C 129 0.30 22.02 -4.97
CA ASP C 129 1.38 21.66 -4.05
C ASP C 129 2.70 22.22 -4.56
N THR C 130 3.79 21.91 -3.86
CA THR C 130 5.08 22.50 -4.20
C THR C 130 5.61 21.99 -5.54
N ASP C 131 5.33 20.72 -5.85
CA ASP C 131 5.79 20.16 -7.12
C ASP C 131 4.97 20.68 -8.28
N GLY C 132 3.72 21.01 -8.01
CA GLY C 132 2.91 21.69 -9.01
C GLY C 132 3.54 23.03 -9.31
N ALA C 133 3.85 23.76 -8.25
CA ALA C 133 4.59 25.02 -8.37
C ALA C 133 5.79 24.86 -9.29
N HIS C 134 6.63 23.87 -8.97
CA HIS C 134 7.84 23.62 -9.74
C HIS C 134 7.52 23.38 -11.21
N ILE C 135 6.56 22.49 -11.47
CA ILE C 135 6.17 22.16 -12.83
C ILE C 135 5.70 23.38 -13.60
N GLN C 136 4.96 24.28 -12.94
CA GLN C 136 4.52 25.50 -13.61
C GLN C 136 5.74 26.32 -14.00
N THR C 137 6.69 26.40 -13.07
CA THR C 137 7.94 27.11 -13.32
C THR C 137 8.72 26.60 -14.55
N LEU C 138 8.74 25.28 -14.73
CA LEU C 138 9.51 24.65 -15.80
C LEU C 138 8.87 24.82 -17.20
N LEU C 139 7.55 24.82 -17.23
CA LEU C 139 6.81 25.03 -18.46
C LEU C 139 6.86 26.49 -18.88
N LEU C 140 6.71 27.39 -17.90
CA LEU C 140 6.82 28.83 -18.19
C LEU C 140 8.15 29.17 -18.85
N THR C 141 9.25 28.66 -18.31
CA THR C 141 10.55 28.95 -18.91
C THR C 141 10.66 28.36 -20.32
N PHE C 142 9.92 27.28 -20.60
CA PHE C 142 9.89 26.74 -21.96
C PHE C 142 9.12 27.67 -22.90
N PHE C 143 7.93 28.09 -22.46
CA PHE C 143 7.07 28.95 -23.28
C PHE C 143 7.66 30.34 -23.43
N TYR C 144 8.58 30.67 -22.55
CA TYR C 144 9.27 31.96 -22.63
C TYR C 144 10.44 31.84 -23.62
N ARG C 145 11.31 30.86 -23.38
CA ARG C 145 12.51 30.72 -24.21
C ARG C 145 12.21 30.24 -25.64
N TYR C 146 11.07 29.59 -25.86
CA TYR C 146 10.84 28.97 -27.18
C TYR C 146 9.52 29.28 -27.88
N MET C 147 8.65 30.03 -27.22
CA MET C 147 7.38 30.44 -27.82
C MET C 147 6.94 31.79 -27.27
N ARG C 148 7.88 32.73 -27.22
CA ARG C 148 7.64 34.03 -26.60
C ARG C 148 6.34 34.68 -27.09
N PRO C 149 6.13 34.71 -28.42
CA PRO C 149 4.88 35.32 -28.92
C PRO C 149 3.64 34.78 -28.21
N LEU C 150 3.58 33.47 -27.99
CA LEU C 150 2.44 32.88 -27.29
C LEU C 150 2.27 33.51 -25.91
N VAL C 151 3.39 33.72 -25.21
CA VAL C 151 3.33 34.34 -23.88
C VAL C 151 3.07 35.86 -23.93
N GLU C 152 3.59 36.53 -24.96
CA GLU C 152 3.43 37.98 -25.09
C GLU C 152 2.03 38.39 -25.57
N ALA C 153 1.26 37.42 -26.06
CA ALA C 153 -0.10 37.69 -26.51
C ALA C 153 -1.15 37.31 -25.47
N GLY C 154 -0.71 37.10 -24.23
CA GLY C 154 -1.60 36.79 -23.12
C GLY C 154 -2.38 35.50 -23.35
N HIS C 155 -1.77 34.58 -24.07
CA HIS C 155 -2.39 33.31 -24.43
C HIS C 155 -2.09 32.16 -23.46
N VAL C 156 -1.19 32.38 -22.50
CA VAL C 156 -0.84 31.33 -21.55
C VAL C 156 -1.45 31.61 -20.20
N TYR C 157 -2.13 30.63 -19.63
CA TYR C 157 -2.78 30.78 -18.33
C TYR C 157 -2.39 29.68 -17.36
N ILE C 158 -2.90 29.78 -16.14
CA ILE C 158 -2.64 28.79 -15.13
C ILE C 158 -3.91 28.62 -14.32
N ALA C 159 -4.47 27.41 -14.34
CA ALA C 159 -5.68 27.15 -13.59
C ALA C 159 -5.41 27.42 -12.13
N LEU C 160 -6.42 27.89 -11.40
CA LEU C 160 -6.33 27.92 -9.95
C LEU C 160 -7.31 26.91 -9.38
N PRO C 161 -6.83 25.68 -9.12
CA PRO C 161 -7.61 24.69 -8.36
C PRO C 161 -7.87 25.22 -6.96
N PRO C 162 -8.94 24.75 -6.31
CA PRO C 162 -9.29 25.16 -4.95
C PRO C 162 -8.34 24.52 -3.94
N LEU C 163 -8.18 25.16 -2.77
CA LEU C 163 -7.37 24.60 -1.69
C LEU C 163 -8.21 23.87 -0.63
N TYR C 164 -9.46 24.29 -0.46
CA TYR C 164 -10.33 23.73 0.60
C TYR C 164 -11.79 23.51 0.16
N LYS C 165 -12.47 22.60 0.86
CA LYS C 165 -13.90 22.35 0.63
C LYS C 165 -14.68 22.23 1.96
N ALA C 177 -19.57 23.91 -0.21
CA ALA C 177 -18.85 25.17 -0.29
C ALA C 177 -17.35 24.99 -0.52
N TYR C 178 -16.78 25.82 -1.40
CA TYR C 178 -15.37 25.73 -1.77
C TYR C 178 -14.63 27.02 -1.47
N ALA C 179 -13.34 26.90 -1.14
CA ALA C 179 -12.54 28.09 -0.82
C ALA C 179 -11.10 28.00 -1.32
N TRP C 180 -10.58 29.15 -1.73
CA TRP C 180 -9.19 29.31 -2.11
C TRP C 180 -8.55 30.27 -1.09
N THR C 181 -7.72 29.74 -0.19
CA THR C 181 -7.05 30.56 0.83
C THR C 181 -7.80 30.65 2.17
N ASP C 182 -7.11 31.18 3.18
CA ASP C 182 -7.69 31.30 4.51
C ASP C 182 -8.96 32.15 4.51
N GLY C 183 -8.92 33.25 3.76
CA GLY C 183 -10.04 34.18 3.70
C GLY C 183 -11.40 33.52 3.52
N GLU C 184 -11.53 32.68 2.48
CA GLU C 184 -12.82 32.09 2.13
C GLU C 184 -13.30 30.99 3.09
N LEU C 185 -12.39 30.50 3.92
CA LEU C 185 -12.74 29.46 4.89
C LEU C 185 -13.47 30.07 6.10
N GLU C 186 -13.03 31.25 6.53
CA GLU C 186 -13.65 31.94 7.65
C GLU C 186 -15.14 32.17 7.41
N GLU C 187 -15.49 32.49 6.17
CA GLU C 187 -16.89 32.76 5.79
C GLU C 187 -17.68 31.47 5.62
N LEU C 188 -17.01 30.40 5.24
CA LEU C 188 -17.64 29.08 5.09
C LEU C 188 -17.93 28.46 6.46
N ARG C 189 -17.10 28.78 7.45
CA ARG C 189 -17.34 28.37 8.83
C ARG C 189 -18.69 28.92 9.30
N LYS C 190 -18.96 30.17 8.93
CA LYS C 190 -20.24 30.80 9.20
C LYS C 190 -21.35 30.13 8.39
N LEU C 198 -14.47 20.10 6.63
CA LEU C 198 -13.32 20.90 6.19
C LEU C 198 -12.18 20.06 5.57
N GLN C 199 -12.40 19.56 4.35
CA GLN C 199 -11.41 18.71 3.66
C GLN C 199 -10.35 19.52 2.89
N ARG C 200 -9.08 19.24 3.17
CA ARG C 200 -7.97 19.94 2.51
C ARG C 200 -7.45 19.17 1.29
N TYR C 201 -7.56 19.77 0.10
CA TYR C 201 -7.13 19.11 -1.13
C TYR C 201 -5.62 18.94 -1.22
N LYS C 202 -5.19 17.70 -1.37
CA LYS C 202 -3.77 17.38 -1.50
C LYS C 202 -3.36 17.32 -2.97
N GLY C 203 -4.33 17.24 -3.87
CA GLY C 203 -4.06 17.20 -5.30
C GLY C 203 -5.31 17.12 -6.15
N LEU C 204 -5.15 17.28 -7.46
CA LEU C 204 -6.24 17.10 -8.41
C LEU C 204 -6.81 15.69 -8.30
N GLY C 205 -5.98 14.75 -7.86
CA GLY C 205 -6.40 13.37 -7.68
C GLY C 205 -7.60 13.23 -6.78
N GLU C 206 -7.74 14.14 -5.81
CA GLU C 206 -8.77 14.02 -4.78
C GLU C 206 -10.16 14.51 -5.23
N MET C 207 -10.22 15.24 -6.33
CA MET C 207 -11.49 15.79 -6.81
C MET C 207 -12.22 14.86 -7.79
N ASN C 208 -13.51 14.64 -7.54
CA ASN C 208 -14.34 13.92 -8.49
C ASN C 208 -14.55 14.80 -9.71
N ALA C 209 -14.65 14.19 -10.88
CA ALA C 209 -14.75 14.92 -12.14
C ALA C 209 -15.85 15.99 -12.23
N ASP C 210 -16.91 15.82 -11.45
CA ASP C 210 -18.00 16.83 -11.41
C ASP C 210 -17.59 18.08 -10.63
N GLN C 211 -16.74 17.91 -9.61
CA GLN C 211 -16.22 19.04 -8.85
C GLN C 211 -15.17 19.79 -9.66
N LEU C 212 -14.34 19.03 -10.36
CA LEU C 212 -13.25 19.61 -11.16
C LEU C 212 -13.80 20.66 -12.13
N TRP C 213 -14.89 20.31 -12.79
CA TRP C 213 -15.52 21.18 -13.77
C TRP C 213 -16.09 22.44 -13.12
N GLU C 214 -16.97 22.24 -12.13
CA GLU C 214 -17.59 23.36 -11.43
C GLU C 214 -16.56 24.33 -10.80
N THR C 215 -15.42 23.80 -10.35
CA THR C 215 -14.44 24.63 -9.64
C THR C 215 -13.31 25.23 -10.50
N THR C 216 -12.88 24.53 -11.55
CA THR C 216 -11.68 25.00 -12.25
C THR C 216 -11.61 24.84 -13.76
N MET C 217 -12.54 24.10 -14.36
CA MET C 217 -12.49 23.93 -15.82
C MET C 217 -13.61 24.69 -16.52
N ASN C 218 -14.64 25.04 -15.78
CA ASN C 218 -15.77 25.75 -16.36
C ASN C 218 -15.47 27.23 -16.54
N PRO C 219 -15.47 27.70 -17.80
CA PRO C 219 -15.18 29.11 -18.11
C PRO C 219 -16.07 30.07 -17.32
N GLU C 220 -17.28 29.63 -16.98
CA GLU C 220 -18.23 30.49 -16.29
C GLU C 220 -18.04 30.50 -14.78
N THR C 221 -17.31 29.51 -14.25
CA THR C 221 -17.21 29.34 -12.81
C THR C 221 -15.76 29.41 -12.27
N ARG C 222 -14.79 29.62 -13.15
CA ARG C 222 -13.39 29.40 -12.79
C ARG C 222 -12.56 30.67 -12.76
N THR C 223 -11.35 30.55 -12.20
CA THR C 223 -10.38 31.64 -12.20
C THR C 223 -9.06 31.22 -12.86
N LEU C 224 -8.53 32.04 -13.76
CA LEU C 224 -7.24 31.78 -14.41
C LEU C 224 -6.26 32.95 -14.23
N ILE C 225 -5.01 32.65 -13.85
CA ILE C 225 -3.96 33.66 -13.92
C ILE C 225 -3.52 33.73 -15.39
N ARG C 226 -3.63 34.93 -15.98
CA ARG C 226 -3.15 35.14 -17.35
C ARG C 226 -1.72 35.67 -17.28
N VAL C 227 -0.78 34.89 -17.81
CA VAL C 227 0.62 35.29 -17.77
C VAL C 227 0.90 36.37 -18.79
N THR C 228 1.71 37.34 -18.37
CA THR C 228 1.96 38.54 -19.16
C THR C 228 3.39 38.99 -18.92
N ILE C 229 4.15 39.20 -20.00
CA ILE C 229 5.49 39.77 -19.85
C ILE C 229 5.40 41.30 -19.63
N GLU C 230 5.61 41.72 -18.38
CA GLU C 230 5.53 43.14 -17.99
C GLU C 230 6.79 43.93 -18.38
N ASP C 231 7.95 43.40 -18.00
CA ASP C 231 9.23 43.95 -18.46
C ASP C 231 10.12 42.83 -18.99
N LEU C 232 10.37 42.86 -20.29
CA LEU C 232 11.14 41.81 -20.96
C LEU C 232 12.54 41.65 -20.36
N ALA C 233 13.11 42.75 -19.87
CA ALA C 233 14.43 42.72 -19.28
C ALA C 233 14.42 42.21 -17.84
N ARG C 234 13.54 42.77 -17.00
CA ARG C 234 13.44 42.36 -15.61
C ARG C 234 12.95 40.91 -15.51
N ALA C 235 12.41 40.40 -16.61
CA ALA C 235 11.89 39.04 -16.68
C ALA C 235 12.90 38.02 -17.20
N GLU C 236 13.78 38.47 -18.09
CA GLU C 236 14.85 37.61 -18.60
C GLU C 236 15.83 37.22 -17.49
N ARG C 237 16.14 38.19 -16.64
CA ARG C 237 17.04 37.96 -15.51
C ARG C 237 16.43 36.90 -14.59
N ARG C 238 15.16 37.08 -14.23
CA ARG C 238 14.55 36.14 -13.30
C ARG C 238 14.53 34.70 -13.80
N VAL C 239 14.07 34.47 -15.01
CA VAL C 239 14.11 33.10 -15.54
C VAL C 239 15.56 32.62 -15.54
N ASN C 240 16.47 33.45 -16.05
CA ASN C 240 17.89 33.07 -16.13
C ASN C 240 18.54 32.78 -14.76
N VAL C 241 18.10 33.48 -13.72
CA VAL C 241 18.66 33.29 -12.38
C VAL C 241 18.06 32.09 -11.64
N LEU C 242 16.74 31.98 -11.69
CA LEU C 242 16.04 30.85 -11.08
C LEU C 242 16.27 29.53 -11.80
N MET C 243 16.38 29.56 -13.14
CA MET C 243 16.45 28.31 -13.91
C MET C 243 17.77 28.08 -14.66
N GLY C 244 18.71 29.02 -14.54
CA GLY C 244 19.96 28.95 -15.29
C GLY C 244 20.97 27.89 -14.84
N ASP C 245 22.04 27.74 -15.60
CA ASP C 245 23.06 26.73 -15.30
C ASP C 245 23.81 27.00 -13.99
N LYS C 246 24.00 28.26 -13.66
CA LYS C 246 24.85 28.64 -12.51
C LYS C 246 24.13 28.59 -11.16
N VAL C 247 24.74 27.94 -10.18
CA VAL C 247 24.11 27.75 -8.87
C VAL C 247 24.23 28.97 -7.96
N GLU C 248 25.43 29.56 -7.90
CA GLU C 248 25.71 30.61 -6.92
C GLU C 248 24.68 31.77 -6.88
N PRO C 249 24.22 32.25 -8.05
CA PRO C 249 23.24 33.36 -8.03
C PRO C 249 21.87 32.91 -7.51
N ARG C 250 21.43 31.72 -7.94
CA ARG C 250 20.21 31.10 -7.43
C ARG C 250 20.24 30.95 -5.91
N ARG C 251 21.32 30.37 -5.40
CA ARG C 251 21.46 30.18 -3.96
C ARG C 251 21.31 31.52 -3.25
N LYS C 252 21.94 32.55 -3.79
CA LYS C 252 21.88 33.89 -3.19
C LYS C 252 20.44 34.41 -3.21
N TRP C 253 19.82 34.36 -4.39
CA TRP C 253 18.44 34.78 -4.55
C TRP C 253 17.57 34.15 -3.48
N ILE C 254 17.75 32.83 -3.28
CA ILE C 254 17.00 32.12 -2.27
C ILE C 254 17.26 32.68 -0.88
N GLU C 255 18.54 32.88 -0.54
CA GLU C 255 18.93 33.46 0.75
C GLU C 255 18.25 34.80 1.01
N ASP C 256 18.14 35.61 -0.03
CA ASP C 256 17.63 36.97 0.10
C ASP C 256 16.11 37.05 0.09
N ASN C 257 15.46 36.12 -0.59
CA ASN C 257 14.01 36.20 -0.77
C ASN C 257 13.19 35.23 0.07
N VAL C 258 13.69 34.01 0.25
CA VAL C 258 12.94 32.99 0.98
C VAL C 258 13.04 33.12 2.49
N LYS C 259 11.89 33.21 3.15
CA LYS C 259 11.82 33.42 4.60
C LYS C 259 11.66 32.13 5.41
N PHE C 260 12.76 31.55 5.86
CA PHE C 260 12.73 30.29 6.61
C PHE C 260 12.10 30.37 8.00
N THR C 261 12.15 31.55 8.63
CA THR C 261 11.52 31.80 9.94
C THR C 261 12.16 30.98 11.05
N LYS D 36 17.45 -11.18 -19.48
CA LYS D 36 16.75 -11.85 -18.40
C LYS D 36 17.58 -12.99 -17.80
N LEU D 37 18.29 -13.72 -18.66
CA LEU D 37 19.13 -14.84 -18.22
C LEU D 37 20.39 -14.39 -17.49
N THR D 38 20.64 -14.99 -16.34
CA THR D 38 21.87 -14.76 -15.60
C THR D 38 22.77 -15.98 -15.73
N PRO D 39 23.80 -15.88 -16.57
CA PRO D 39 24.62 -17.04 -16.96
C PRO D 39 25.40 -17.62 -15.78
N ALA D 40 25.75 -18.91 -15.83
CA ALA D 40 26.75 -19.47 -14.92
C ALA D 40 28.12 -19.04 -15.40
N GLN D 41 29.06 -18.89 -14.47
CA GLN D 41 30.40 -18.39 -14.80
C GLN D 41 31.01 -19.16 -15.96
N SER D 42 31.37 -20.43 -15.72
CA SER D 42 31.95 -21.29 -16.75
C SER D 42 30.86 -22.10 -17.47
N LYS D 43 31.15 -22.50 -18.71
CA LYS D 43 30.22 -23.32 -19.48
C LYS D 43 30.55 -24.79 -19.24
N ASN D 44 29.52 -25.63 -19.09
CA ASN D 44 29.72 -27.04 -18.78
C ASN D 44 28.41 -27.81 -18.86
N PRO D 45 28.11 -28.42 -20.03
CA PRO D 45 26.88 -29.18 -20.23
C PRO D 45 26.73 -30.37 -19.28
N ALA D 46 27.75 -30.64 -18.45
CA ALA D 46 27.72 -31.80 -17.56
C ALA D 46 27.37 -31.46 -16.09
N LYS D 47 27.68 -30.23 -15.67
CA LYS D 47 27.46 -29.80 -14.30
C LYS D 47 26.42 -28.70 -14.19
N ASN D 48 26.53 -27.69 -15.06
CA ASN D 48 25.65 -26.53 -15.04
C ASN D 48 24.17 -26.87 -14.91
N GLU D 49 23.48 -26.11 -14.06
CA GLU D 49 22.05 -26.26 -13.85
C GLU D 49 21.32 -24.98 -14.26
N LEU D 50 20.07 -25.15 -14.68
CA LEU D 50 19.24 -24.02 -15.08
C LEU D 50 18.02 -23.92 -14.18
N TYR D 51 18.01 -22.92 -13.32
CA TYR D 51 16.87 -22.68 -12.46
C TYR D 51 15.86 -21.77 -13.18
N LEU D 52 14.62 -22.24 -13.29
CA LEU D 52 13.54 -21.47 -13.90
C LEU D 52 12.63 -20.93 -12.81
N VAL D 53 12.93 -19.73 -12.35
CA VAL D 53 12.30 -19.17 -11.18
C VAL D 53 11.00 -18.46 -11.56
N GLU D 54 9.99 -18.59 -10.71
CA GLU D 54 8.74 -17.89 -10.91
C GLU D 54 8.85 -16.46 -10.38
N GLY D 55 9.05 -15.51 -11.28
CA GLY D 55 9.03 -14.11 -10.93
C GLY D 55 10.39 -13.44 -10.93
N ASP D 56 10.43 -12.17 -11.27
CA ASP D 56 11.67 -11.42 -11.29
C ASP D 56 12.26 -11.33 -9.89
N SER D 57 11.42 -11.00 -8.92
CA SER D 57 11.85 -10.80 -7.55
C SER D 57 12.56 -11.99 -6.91
N ALA D 58 12.04 -13.19 -7.13
CA ALA D 58 12.68 -14.39 -6.61
C ALA D 58 13.88 -14.74 -7.49
N GLY D 59 13.80 -14.37 -8.76
CA GLY D 59 14.96 -14.50 -9.64
C GLY D 59 16.14 -13.75 -9.06
N GLY D 60 15.85 -12.66 -8.35
CA GLY D 60 16.88 -11.86 -7.72
C GLY D 60 17.42 -12.50 -6.45
N SER D 61 16.52 -12.97 -5.59
CA SER D 61 16.92 -13.69 -4.40
C SER D 61 17.77 -14.89 -4.80
N ALA D 62 17.44 -15.47 -5.96
CA ALA D 62 18.15 -16.64 -6.47
C ALA D 62 19.49 -16.27 -7.13
N LYS D 63 19.53 -15.15 -7.85
CA LYS D 63 20.78 -14.64 -8.40
C LYS D 63 21.77 -14.47 -7.24
N GLN D 64 21.26 -13.92 -6.15
CA GLN D 64 22.06 -13.67 -4.95
C GLN D 64 22.46 -14.99 -4.26
N GLY D 65 21.50 -15.87 -4.02
CA GLY D 65 21.78 -17.11 -3.32
C GLY D 65 22.63 -18.15 -4.03
N ARG D 66 22.59 -18.17 -5.36
CA ARG D 66 23.21 -19.24 -6.15
C ARG D 66 24.73 -19.37 -5.95
N ASP D 67 25.28 -20.40 -6.59
CA ASP D 67 26.73 -20.59 -6.75
C ASP D 67 27.07 -20.32 -8.22
N ARG D 68 27.60 -19.13 -8.49
CA ARG D 68 27.74 -18.66 -9.88
C ARG D 68 28.58 -19.55 -10.80
N LYS D 69 29.40 -20.42 -10.22
CA LYS D 69 30.29 -21.24 -11.05
C LYS D 69 29.55 -22.28 -11.91
N PHE D 70 28.36 -22.69 -11.48
CA PHE D 70 27.61 -23.71 -12.24
C PHE D 70 26.09 -23.56 -12.23
N GLN D 71 25.56 -22.63 -11.46
CA GLN D 71 24.12 -22.41 -11.41
C GLN D 71 23.71 -21.13 -12.13
N ALA D 72 22.90 -21.29 -13.18
CA ALA D 72 22.36 -20.14 -13.91
C ALA D 72 20.91 -19.87 -13.50
N ILE D 73 20.40 -18.68 -13.79
CA ILE D 73 19.04 -18.32 -13.40
C ILE D 73 18.28 -17.75 -14.58
N LEU D 74 17.05 -18.21 -14.79
CA LEU D 74 16.18 -17.62 -15.82
C LEU D 74 14.79 -17.38 -15.28
N PRO D 75 14.46 -16.12 -14.98
CA PRO D 75 13.14 -15.73 -14.45
C PRO D 75 12.03 -15.81 -15.49
N LEU D 76 10.92 -16.42 -15.10
CA LEU D 76 9.70 -16.43 -15.90
C LEU D 76 8.77 -15.33 -15.44
N ARG D 77 8.55 -14.31 -16.28
CA ARG D 77 7.61 -13.24 -15.95
C ARG D 77 6.19 -13.67 -16.34
N GLY D 78 5.34 -13.95 -15.35
CA GLY D 78 3.94 -14.26 -15.62
C GLY D 78 3.65 -15.72 -15.90
N LYS D 79 2.36 -16.07 -15.89
CA LYS D 79 1.91 -17.43 -16.20
C LYS D 79 2.38 -17.83 -17.59
N VAL D 80 2.83 -19.07 -17.74
CA VAL D 80 3.36 -19.56 -19.00
C VAL D 80 2.28 -20.04 -19.95
N ILE D 81 2.49 -19.84 -21.25
CA ILE D 81 1.51 -20.18 -22.27
C ILE D 81 1.22 -21.67 -22.34
N ASN D 82 -0.07 -22.01 -22.29
CA ASN D 82 -0.50 -23.41 -22.40
C ASN D 82 -0.26 -23.98 -23.78
N THR D 83 0.79 -24.79 -23.90
CA THR D 83 1.22 -25.27 -25.20
C THR D 83 0.37 -26.42 -25.73
N ALA D 84 -0.68 -26.77 -24.99
CA ALA D 84 -1.64 -27.77 -25.44
C ALA D 84 -2.89 -27.11 -26.02
N LYS D 85 -3.14 -25.86 -25.63
CA LYS D 85 -4.35 -25.14 -26.03
C LYS D 85 -4.13 -24.19 -27.20
N ALA D 86 -2.98 -23.53 -27.23
CA ALA D 86 -2.78 -22.43 -28.17
C ALA D 86 -2.12 -22.86 -29.48
N LYS D 87 -2.36 -22.10 -30.54
CA LYS D 87 -1.85 -22.39 -31.88
C LYS D 87 -0.33 -22.36 -31.94
N MET D 88 0.28 -23.31 -32.65
CA MET D 88 1.73 -23.42 -32.72
C MET D 88 2.40 -22.14 -33.25
N ALA D 89 1.58 -21.21 -33.74
CA ALA D 89 2.06 -19.93 -34.25
C ALA D 89 2.21 -18.93 -33.12
N ASP D 90 1.12 -18.71 -32.37
CA ASP D 90 1.15 -17.85 -31.19
C ASP D 90 2.22 -18.34 -30.21
N ILE D 91 2.56 -19.63 -30.31
CA ILE D 91 3.58 -20.25 -29.46
C ILE D 91 5.00 -19.83 -29.82
N LEU D 92 5.40 -20.03 -31.07
CA LEU D 92 6.75 -19.65 -31.48
C LEU D 92 6.96 -18.15 -31.22
N LYS D 93 5.86 -17.40 -31.21
CA LYS D 93 5.89 -15.95 -31.06
C LYS D 93 5.96 -15.49 -29.60
N ASN D 94 5.77 -16.41 -28.66
CA ASN D 94 5.79 -16.08 -27.23
C ASN D 94 7.20 -15.89 -26.67
N GLU D 95 7.46 -14.73 -26.07
CA GLU D 95 8.83 -14.38 -25.67
C GLU D 95 9.42 -15.30 -24.59
N GLU D 96 8.60 -15.72 -23.65
CA GLU D 96 9.08 -16.68 -22.63
C GLU D 96 9.58 -17.97 -23.27
N ILE D 97 8.76 -18.54 -24.16
CA ILE D 97 9.10 -19.79 -24.83
C ILE D 97 10.37 -19.69 -25.67
N ASN D 98 10.44 -18.67 -26.53
CA ASN D 98 11.61 -18.52 -27.40
C ASN D 98 12.92 -18.44 -26.61
N THR D 99 12.93 -17.70 -25.50
CA THR D 99 14.16 -17.49 -24.73
C THR D 99 14.61 -18.76 -24.00
N MET D 100 13.68 -19.65 -23.71
CA MET D 100 14.01 -20.96 -23.16
C MET D 100 14.60 -21.88 -24.22
N ILE D 101 13.91 -22.00 -25.36
CA ILE D 101 14.41 -22.82 -26.46
C ILE D 101 15.87 -22.42 -26.78
N TYR D 102 16.20 -21.13 -26.64
CA TYR D 102 17.55 -20.63 -26.93
C TYR D 102 18.56 -20.88 -25.80
N THR D 103 18.21 -20.53 -24.57
CA THR D 103 19.13 -20.70 -23.44
C THR D 103 19.41 -22.17 -23.14
N ILE D 104 18.36 -23.00 -23.16
CA ILE D 104 18.56 -24.45 -23.05
C ILE D 104 19.41 -24.87 -24.25
N GLY D 105 19.13 -24.24 -25.39
CA GLY D 105 20.01 -24.29 -26.55
C GLY D 105 20.13 -25.63 -27.26
N ALA D 106 19.01 -26.16 -27.71
CA ALA D 106 19.02 -27.42 -28.43
C ALA D 106 17.93 -27.45 -29.48
N GLY D 107 17.39 -26.27 -29.80
CA GLY D 107 16.27 -26.16 -30.72
C GLY D 107 14.99 -26.63 -30.06
N VAL D 108 13.99 -26.98 -30.86
CA VAL D 108 12.69 -27.40 -30.32
C VAL D 108 12.10 -28.62 -31.06
N GLY D 109 11.26 -29.36 -30.34
CA GLY D 109 10.49 -30.43 -30.94
C GLY D 109 11.26 -31.48 -31.71
N ALA D 110 10.96 -31.58 -33.00
CA ALA D 110 11.50 -32.64 -33.86
C ALA D 110 12.92 -32.36 -34.33
N ASP D 111 13.37 -31.13 -34.11
CA ASP D 111 14.75 -30.74 -34.41
C ASP D 111 15.50 -30.50 -33.10
N PHE D 112 15.30 -31.41 -32.15
CA PHE D 112 15.84 -31.28 -30.80
C PHE D 112 16.92 -32.32 -30.49
N SER D 113 18.16 -31.87 -30.39
CA SER D 113 19.28 -32.76 -30.09
C SER D 113 19.72 -32.63 -28.63
N ILE D 114 19.39 -33.62 -27.81
CA ILE D 114 19.80 -33.64 -26.41
C ILE D 114 21.30 -33.43 -26.28
N GLU D 115 22.01 -33.89 -27.31
CA GLU D 115 23.47 -33.85 -27.32
C GLU D 115 24.03 -32.44 -27.11
N ASP D 116 23.45 -31.44 -27.78
CA ASP D 116 24.01 -30.09 -27.75
C ASP D 116 23.30 -29.14 -26.76
N ALA D 117 22.65 -29.69 -25.75
CA ALA D 117 22.04 -28.89 -24.68
C ALA D 117 23.13 -28.23 -23.84
N ASN D 118 22.74 -27.27 -23.01
CA ASN D 118 23.72 -26.55 -22.20
C ASN D 118 23.74 -27.00 -20.75
N TYR D 119 22.63 -27.58 -20.31
CA TYR D 119 22.49 -27.94 -18.91
C TYR D 119 22.24 -29.42 -18.73
N ASP D 120 22.68 -29.93 -17.58
CA ASP D 120 22.45 -31.31 -17.21
C ASP D 120 21.21 -31.38 -16.33
N LYS D 121 20.88 -30.27 -15.69
CA LYS D 121 19.69 -30.18 -14.85
C LYS D 121 18.91 -28.89 -15.11
N ILE D 122 17.70 -29.03 -15.61
CA ILE D 122 16.74 -27.93 -15.66
C ILE D 122 15.85 -28.03 -14.43
N ILE D 123 15.91 -27.03 -13.56
CA ILE D 123 15.17 -27.09 -12.32
C ILE D 123 14.04 -26.05 -12.30
N ILE D 124 12.81 -26.53 -12.11
CA ILE D 124 11.68 -25.62 -12.00
C ILE D 124 11.51 -25.22 -10.54
N MET D 125 11.51 -23.91 -10.29
CA MET D 125 11.43 -23.40 -8.92
C MET D 125 10.35 -22.34 -8.79
N THR D 126 9.24 -22.72 -8.18
CA THR D 126 8.10 -21.84 -8.03
C THR D 126 7.80 -21.62 -6.55
N ASP D 127 6.95 -20.65 -6.24
CA ASP D 127 6.42 -20.54 -4.89
C ASP D 127 5.79 -21.88 -4.62
N ALA D 128 5.70 -22.27 -3.36
CA ALA D 128 4.98 -23.49 -3.03
C ALA D 128 3.52 -23.13 -2.72
N ASP D 129 2.91 -22.37 -3.63
CA ASP D 129 1.49 -22.05 -3.51
C ASP D 129 0.74 -22.61 -4.71
N THR D 130 -0.56 -22.35 -4.80
CA THR D 130 -1.36 -22.99 -5.86
C THR D 130 -1.00 -22.47 -7.23
N ASP D 131 -0.67 -21.18 -7.32
CA ASP D 131 -0.23 -20.64 -8.60
C ASP D 131 1.14 -21.20 -8.94
N GLY D 132 1.88 -21.59 -7.92
CA GLY D 132 3.15 -22.27 -8.12
C GLY D 132 2.91 -23.60 -8.83
N ALA D 133 1.91 -24.33 -8.34
CA ALA D 133 1.57 -25.62 -8.96
C ALA D 133 1.14 -25.43 -10.41
N HIS D 134 0.27 -24.46 -10.65
CA HIS D 134 -0.15 -24.16 -12.01
C HIS D 134 1.06 -23.97 -12.94
N ILE D 135 1.99 -23.08 -12.58
CA ILE D 135 3.18 -22.85 -13.41
C ILE D 135 3.96 -24.13 -13.74
N GLN D 136 4.12 -25.00 -12.75
CA GLN D 136 4.82 -26.25 -13.00
C GLN D 136 4.08 -26.99 -14.10
N THR D 137 2.81 -27.25 -13.85
CA THR D 137 1.88 -27.79 -14.86
C THR D 137 2.14 -27.27 -16.29
N LEU D 138 1.97 -25.96 -16.49
CA LEU D 138 2.19 -25.35 -17.78
C LEU D 138 3.56 -25.68 -18.39
N LEU D 139 4.63 -25.48 -17.61
CA LEU D 139 5.99 -25.79 -18.07
C LEU D 139 6.15 -27.25 -18.44
N LEU D 140 5.72 -28.12 -17.53
CA LEU D 140 5.84 -29.56 -17.73
C LEU D 140 5.21 -30.02 -19.04
N THR D 141 4.05 -29.46 -19.39
CA THR D 141 3.40 -29.89 -20.63
C THR D 141 4.10 -29.30 -21.87
N PHE D 142 4.96 -28.31 -21.65
CA PHE D 142 5.79 -27.76 -22.74
C PHE D 142 7.01 -28.63 -23.01
N PHE D 143 7.66 -29.09 -21.94
CA PHE D 143 8.82 -29.95 -22.06
C PHE D 143 8.38 -31.31 -22.58
N TYR D 144 7.18 -31.71 -22.19
CA TYR D 144 6.61 -32.96 -22.67
C TYR D 144 6.39 -32.84 -24.15
N ARG D 145 5.59 -31.86 -24.55
CA ARG D 145 5.21 -31.70 -25.94
C ARG D 145 6.38 -31.34 -26.87
N TYR D 146 7.22 -30.38 -26.48
CA TYR D 146 8.21 -29.84 -27.42
C TYR D 146 9.69 -30.18 -27.14
N MET D 147 9.95 -30.93 -26.08
CA MET D 147 11.30 -31.36 -25.75
C MET D 147 11.27 -32.69 -25.00
N ARG D 148 10.53 -33.66 -25.55
CA ARG D 148 10.29 -34.95 -24.88
C ARG D 148 11.59 -35.65 -24.43
N PRO D 149 12.59 -35.70 -25.32
CA PRO D 149 13.92 -36.26 -25.02
C PRO D 149 14.55 -35.74 -23.70
N LEU D 150 14.32 -34.45 -23.39
CA LEU D 150 14.89 -33.86 -22.18
C LEU D 150 14.23 -34.42 -20.92
N VAL D 151 12.90 -34.47 -20.92
CA VAL D 151 12.14 -35.02 -19.79
C VAL D 151 12.30 -36.53 -19.71
N GLU D 152 12.52 -37.18 -20.86
CA GLU D 152 12.61 -38.64 -20.94
C GLU D 152 13.92 -39.17 -20.36
N ALA D 153 14.96 -38.34 -20.38
CA ALA D 153 16.27 -38.74 -19.87
C ALA D 153 16.42 -38.38 -18.39
N GLY D 154 15.34 -37.85 -17.80
CA GLY D 154 15.36 -37.49 -16.39
C GLY D 154 16.19 -36.25 -16.12
N HIS D 155 16.16 -35.30 -17.06
CA HIS D 155 16.93 -34.07 -16.93
C HIS D 155 16.08 -32.90 -16.40
N VAL D 156 14.79 -33.15 -16.21
CA VAL D 156 13.89 -32.10 -15.73
C VAL D 156 13.45 -32.36 -14.30
N TYR D 157 13.90 -31.52 -13.38
CA TYR D 157 13.60 -31.65 -11.96
C TYR D 157 12.69 -30.53 -11.47
N ILE D 158 12.18 -30.67 -10.26
CA ILE D 158 11.40 -29.63 -9.61
C ILE D 158 11.97 -29.43 -8.22
N ALA D 159 12.22 -28.19 -7.85
CA ALA D 159 12.82 -27.93 -6.55
C ALA D 159 11.77 -27.83 -5.48
N LEU D 160 11.99 -28.50 -4.35
CA LEU D 160 11.06 -28.40 -3.23
C LEU D 160 11.57 -27.39 -2.18
N PRO D 161 11.01 -26.17 -2.21
CA PRO D 161 11.27 -25.18 -1.17
C PRO D 161 10.53 -25.60 0.09
N PRO D 162 11.03 -25.19 1.26
CA PRO D 162 10.40 -25.53 2.54
C PRO D 162 9.12 -24.73 2.74
N LEU D 163 8.26 -25.21 3.63
CA LEU D 163 6.99 -24.53 3.89
C LEU D 163 6.95 -23.94 5.30
N TYR D 164 7.88 -24.35 6.17
CA TYR D 164 7.86 -23.92 7.57
C TYR D 164 9.25 -23.55 8.09
N LYS D 165 9.32 -22.52 8.93
CA LYS D 165 10.59 -22.06 9.48
C LYS D 165 10.47 -21.61 10.93
N TYR D 178 13.81 -25.44 10.10
CA TYR D 178 13.32 -25.70 8.74
C TYR D 178 12.72 -27.09 8.62
N ALA D 179 11.57 -27.16 7.93
CA ALA D 179 10.87 -28.43 7.69
C ALA D 179 9.86 -28.28 6.56
N TRP D 180 9.79 -29.30 5.71
CA TRP D 180 8.95 -29.29 4.52
C TRP D 180 7.56 -29.87 4.79
N THR D 181 7.51 -30.93 5.59
CA THR D 181 6.26 -31.64 5.85
C THR D 181 5.71 -31.35 7.24
N ASP D 182 4.44 -30.96 7.31
CA ASP D 182 3.78 -30.72 8.59
C ASP D 182 4.28 -31.68 9.66
N GLY D 183 4.51 -32.92 9.27
CA GLY D 183 5.04 -33.93 10.17
C GLY D 183 6.38 -33.55 10.76
N GLU D 184 7.29 -33.09 9.90
CA GLU D 184 8.60 -32.61 10.35
C GLU D 184 8.46 -31.33 11.20
N LEU D 185 7.31 -30.66 11.09
CA LEU D 185 7.05 -29.45 11.84
C LEU D 185 6.97 -29.72 13.35
N GLU D 186 5.93 -30.43 13.78
CA GLU D 186 5.72 -30.74 15.19
C GLU D 186 6.98 -31.33 15.84
N GLU D 187 7.85 -31.91 15.02
CA GLU D 187 9.08 -32.53 15.52
C GLU D 187 10.17 -31.50 15.85
N LEU D 188 10.10 -30.31 15.24
CA LEU D 188 11.05 -29.24 15.52
C LEU D 188 10.59 -28.35 16.68
N ARG D 189 9.32 -28.47 17.05
CA ARG D 189 8.76 -27.78 18.22
C ARG D 189 9.11 -28.56 19.49
N LYS D 190 9.40 -29.85 19.32
CA LYS D 190 9.90 -30.66 20.42
C LYS D 190 11.37 -30.33 20.67
N GLN D 191 12.07 -30.00 19.59
CA GLN D 191 13.50 -29.65 19.67
C GLN D 191 13.72 -28.15 19.65
N GLN D 199 7.53 -19.15 10.98
CA GLN D 199 7.04 -18.33 9.87
C GLN D 199 6.61 -19.18 8.67
N ARG D 200 5.30 -19.34 8.50
CA ARG D 200 4.72 -20.09 7.36
C ARG D 200 4.98 -19.42 6.00
N TYR D 201 5.91 -19.98 5.22
CA TYR D 201 6.36 -19.37 3.97
C TYR D 201 5.31 -19.36 2.83
N LYS D 202 4.84 -18.15 2.51
CA LYS D 202 3.79 -17.99 1.49
C LYS D 202 4.35 -17.93 0.06
N GLY D 203 5.67 -17.79 -0.06
CA GLY D 203 6.32 -17.74 -1.36
C GLY D 203 7.83 -17.65 -1.30
N LEU D 204 8.47 -17.67 -2.47
CA LEU D 204 9.93 -17.54 -2.54
C LEU D 204 10.44 -16.19 -2.02
N GLY D 205 9.70 -15.12 -2.33
CA GLY D 205 10.10 -13.76 -1.99
C GLY D 205 10.24 -13.50 -0.51
N GLU D 206 9.81 -14.47 0.29
CA GLU D 206 9.81 -14.33 1.75
C GLU D 206 11.18 -14.59 2.38
N MET D 207 12.02 -15.36 1.70
CA MET D 207 13.33 -15.75 2.21
C MET D 207 14.46 -14.84 1.78
N ASN D 208 15.52 -14.80 2.60
CA ASN D 208 16.77 -14.12 2.23
C ASN D 208 17.64 -15.07 1.40
N ALA D 209 18.57 -14.49 0.63
CA ALA D 209 19.45 -15.25 -0.24
C ALA D 209 20.22 -16.40 0.45
N ASP D 210 20.82 -16.13 1.62
CA ASP D 210 21.51 -17.20 2.35
C ASP D 210 20.49 -18.30 2.72
N GLN D 211 19.25 -17.87 2.97
CA GLN D 211 18.16 -18.80 3.28
C GLN D 211 17.83 -19.70 2.09
N LEU D 212 17.72 -19.10 0.90
CA LEU D 212 17.41 -19.84 -0.33
C LEU D 212 18.42 -20.94 -0.60
N TRP D 213 19.69 -20.56 -0.67
CA TRP D 213 20.77 -21.48 -0.99
C TRP D 213 20.78 -22.68 -0.06
N GLU D 214 20.78 -22.41 1.25
CA GLU D 214 20.94 -23.46 2.25
C GLU D 214 19.87 -24.54 2.15
N THR D 215 18.64 -24.12 1.84
CA THR D 215 17.48 -25.02 1.88
C THR D 215 17.15 -25.68 0.54
N THR D 216 17.32 -24.97 -0.57
CA THR D 216 16.85 -25.49 -1.84
C THR D 216 17.81 -25.41 -3.03
N MET D 217 18.84 -24.58 -2.95
CA MET D 217 19.74 -24.43 -4.10
C MET D 217 21.07 -25.16 -3.94
N ASN D 218 21.47 -25.41 -2.69
CA ASN D 218 22.73 -26.10 -2.43
C ASN D 218 22.58 -27.60 -2.68
N PRO D 219 23.25 -28.10 -3.74
CA PRO D 219 23.14 -29.46 -4.27
C PRO D 219 23.31 -30.53 -3.21
N GLU D 220 23.98 -30.19 -2.11
CA GLU D 220 24.16 -31.13 -1.00
C GLU D 220 22.92 -31.15 -0.09
N THR D 221 22.44 -29.96 0.25
CA THR D 221 21.40 -29.82 1.27
C THR D 221 19.95 -29.83 0.76
N ARG D 222 19.76 -29.96 -0.55
CA ARG D 222 18.44 -29.79 -1.14
C ARG D 222 17.77 -31.11 -1.46
N THR D 223 16.48 -31.05 -1.83
CA THR D 223 15.76 -32.19 -2.37
C THR D 223 15.07 -31.79 -3.68
N LEU D 224 15.01 -32.71 -4.65
CA LEU D 224 14.41 -32.45 -5.96
C LEU D 224 13.50 -33.58 -6.47
N ILE D 225 12.26 -33.25 -6.84
CA ILE D 225 11.37 -34.22 -7.47
C ILE D 225 11.79 -34.40 -8.92
N ARG D 226 12.44 -35.51 -9.23
CA ARG D 226 12.92 -35.78 -10.60
C ARG D 226 11.81 -36.41 -11.44
N VAL D 227 11.32 -35.68 -12.44
CA VAL D 227 10.21 -36.15 -13.26
C VAL D 227 10.65 -37.20 -14.26
N THR D 228 10.24 -38.44 -14.02
CA THR D 228 10.43 -39.54 -14.95
C THR D 228 9.07 -39.89 -15.58
N ILE D 229 9.06 -40.15 -16.88
CA ILE D 229 7.85 -40.63 -17.53
C ILE D 229 7.78 -42.16 -17.36
N GLU D 230 6.85 -42.63 -16.52
CA GLU D 230 6.74 -44.06 -16.19
C GLU D 230 5.99 -44.86 -17.24
N ASP D 231 4.89 -44.28 -17.73
CA ASP D 231 4.04 -44.91 -18.73
C ASP D 231 3.71 -43.87 -19.79
N LEU D 232 4.19 -44.11 -21.01
CA LEU D 232 4.02 -43.14 -22.10
C LEU D 232 2.56 -42.89 -22.43
N ALA D 233 1.76 -43.95 -22.39
CA ALA D 233 0.34 -43.87 -22.71
C ALA D 233 -0.46 -43.18 -21.60
N ARG D 234 -0.30 -43.66 -20.37
CA ARG D 234 -1.05 -43.12 -19.23
C ARG D 234 -0.68 -41.68 -18.87
N ALA D 235 0.39 -41.17 -19.48
CA ALA D 235 0.80 -39.79 -19.26
C ALA D 235 0.22 -38.88 -20.34
N GLU D 236 0.32 -39.31 -21.59
CA GLU D 236 -0.29 -38.56 -22.69
C GLU D 236 -1.76 -38.25 -22.39
N ARG D 237 -2.49 -39.24 -21.85
CA ARG D 237 -3.90 -39.07 -21.50
C ARG D 237 -4.06 -38.08 -20.33
N ARG D 238 -3.16 -38.16 -19.36
CA ARG D 238 -3.25 -37.31 -18.19
C ARG D 238 -2.99 -35.84 -18.52
N VAL D 239 -1.98 -35.57 -19.36
CA VAL D 239 -1.68 -34.20 -19.78
C VAL D 239 -2.82 -33.62 -20.61
N ASN D 240 -3.38 -34.42 -21.52
CA ASN D 240 -4.51 -33.96 -22.32
C ASN D 240 -5.80 -33.66 -21.55
N VAL D 241 -6.34 -34.63 -20.83
CA VAL D 241 -7.54 -34.35 -20.04
C VAL D 241 -7.37 -33.01 -19.32
N LEU D 242 -6.17 -32.78 -18.78
CA LEU D 242 -5.93 -31.60 -17.95
C LEU D 242 -5.63 -30.29 -18.68
N MET D 243 -4.92 -30.37 -19.81
CA MET D 243 -4.37 -29.15 -20.41
C MET D 243 -4.92 -28.78 -21.77
N GLY D 244 -5.69 -29.69 -22.37
CA GLY D 244 -6.13 -29.55 -23.75
C GLY D 244 -7.35 -28.66 -24.01
N ASP D 245 -7.74 -28.54 -25.27
CA ASP D 245 -8.89 -27.74 -25.66
C ASP D 245 -10.17 -28.13 -24.92
N LYS D 246 -10.53 -29.41 -24.98
CA LYS D 246 -11.84 -29.87 -24.51
C LYS D 246 -12.07 -29.64 -23.00
N VAL D 247 -13.15 -28.93 -22.67
CA VAL D 247 -13.47 -28.61 -21.29
C VAL D 247 -14.21 -29.73 -20.52
N GLU D 248 -15.15 -30.41 -21.19
CA GLU D 248 -15.94 -31.44 -20.51
C GLU D 248 -15.10 -32.48 -19.75
N PRO D 249 -14.18 -33.16 -20.46
CA PRO D 249 -13.36 -34.17 -19.79
C PRO D 249 -12.65 -33.62 -18.56
N ARG D 250 -12.00 -32.47 -18.70
CA ARG D 250 -11.38 -31.78 -17.57
C ARG D 250 -12.36 -31.56 -16.40
N ARG D 251 -13.54 -31.02 -16.71
CA ARG D 251 -14.57 -30.83 -15.68
C ARG D 251 -14.83 -32.17 -15.01
N LYS D 252 -15.02 -33.22 -15.81
CA LYS D 252 -15.27 -34.57 -15.28
C LYS D 252 -14.11 -35.07 -14.43
N TRP D 253 -12.89 -34.96 -14.94
CA TRP D 253 -11.71 -35.36 -14.17
C TRP D 253 -11.69 -34.70 -12.79
N ILE D 254 -12.03 -33.41 -12.73
CA ILE D 254 -12.06 -32.69 -11.47
C ILE D 254 -13.12 -33.25 -10.53
N GLU D 255 -14.34 -33.38 -11.04
CA GLU D 255 -15.44 -33.98 -10.29
C GLU D 255 -15.10 -35.35 -9.69
N ASP D 256 -14.27 -36.13 -10.40
CA ASP D 256 -13.85 -37.46 -9.93
C ASP D 256 -12.73 -37.41 -8.89
N ASN D 257 -11.69 -36.64 -9.17
CA ASN D 257 -10.46 -36.71 -8.38
C ASN D 257 -10.30 -35.68 -7.27
N VAL D 258 -11.03 -34.57 -7.34
CA VAL D 258 -10.83 -33.48 -6.39
C VAL D 258 -11.88 -33.47 -5.29
N LYS D 259 -11.48 -33.83 -4.07
CA LYS D 259 -12.42 -33.83 -2.96
C LYS D 259 -12.62 -32.43 -2.33
N PHE D 260 -13.76 -31.82 -2.62
CA PHE D 260 -14.15 -30.57 -1.96
C PHE D 260 -14.64 -30.81 -0.53
N THR D 261 -14.11 -31.86 0.11
CA THR D 261 -14.50 -32.26 1.46
C THR D 261 -15.94 -31.87 1.81
MG MG I . 38.71 6.59 -10.30
MG MG J . 10.31 5.43 -9.03
MG MG K . -24.86 -6.97 -32.19
MG MG L . -2.42 -6.25 -13.19
MG MG M . 1.08 16.20 -5.66
MG MG N . 2.64 -16.62 -4.80
C01 TR6 O . 5.03 8.24 -14.10
C02 TR6 O . 4.04 8.98 -14.74
C03 TR6 O . 3.74 10.27 -14.31
F04 TR6 O . 2.80 10.96 -14.90
C05 TR6 O . 4.44 10.81 -13.24
C06 TR6 O . 5.42 10.08 -12.60
F07 TR6 O . 6.07 10.64 -11.56
C08 TR6 O . 5.73 8.77 -13.03
N09 TR6 O . 6.68 7.99 -12.42
C10 TR6 O . 7.68 7.56 -13.23
N11 TR6 O . 7.70 7.93 -14.52
C12 TR6 O . 8.67 7.52 -15.36
N13 TR6 O . 8.68 7.94 -16.75
C14 TR6 O . 7.46 8.71 -16.87
C15 TR6 O . 7.44 9.14 -18.30
C16 TR6 O . 8.68 9.79 -18.79
N17 TR6 O . 8.59 10.70 -19.97
C18 TR6 O . 8.44 8.32 -19.04
C19 TR6 O . 9.03 7.39 -18.05
C20 TR6 O . 9.69 6.73 -14.89
C21 TR6 O . 9.70 6.34 -13.55
C22 TR6 O . 8.68 6.75 -12.70
C23 TR6 O . 8.67 6.37 -11.36
C24 TR6 O . 7.61 6.82 -10.56
C25 TR6 O . 6.62 7.64 -11.13
C26 TR6 O . 7.51 6.48 -9.11
O27 TR6 O . 8.34 5.69 -8.60
O28 TR6 O . 6.61 7.01 -8.43
O29 TR6 O . 9.58 5.65 -10.93
F30 TR6 O . 10.62 6.35 -15.75
H011 TR6 O . 5.23 7.32 -14.41
H021 TR6 O . 3.55 8.59 -15.49
H051 TR6 O . 4.23 11.70 -12.93
H141 TR6 O . 7.53 9.53 -16.30
H142 TR6 O . 6.68 8.19 -16.63
H151 TR6 O . 6.58 9.23 -18.80
H161 TR6 O . 9.32 9.99 -18.11
H171 TR6 O . 8.70 11.58 -19.68
H172 TR6 O . 7.76 10.61 -20.37
H181 TR6 O . 8.23 8.06 -19.98
H191 TR6 O . 10.00 7.41 -18.16
H192 TR6 O . 8.68 6.46 -18.17
H211 TR6 O . 10.42 5.76 -13.22
H251 TR6 O . 5.88 7.96 -10.56
C01 TR6 P . 4.89 -8.91 -13.82
C02 TR6 P . 6.05 -9.66 -13.68
C03 TR6 P . 5.99 -10.96 -13.23
F04 TR6 P . 7.05 -11.68 -13.09
C05 TR6 P . 4.76 -11.51 -12.91
C06 TR6 P . 3.61 -10.76 -13.03
F07 TR6 P . 2.43 -11.34 -12.72
C08 TR6 P . 3.67 -9.45 -13.48
N09 TR6 P . 2.54 -8.69 -13.62
C10 TR6 P . 2.25 -8.31 -14.86
N11 TR6 P . 3.04 -8.69 -15.88
C12 TR6 P . 2.78 -8.33 -17.14
N13 TR6 P . 3.67 -8.79 -18.19
C14 TR6 P . 4.76 -9.46 -17.53
C15 TR6 P . 5.60 -9.98 -18.64
C16 TR6 P . 4.94 -10.93 -19.60
N17 TR6 P . 5.78 -11.84 -20.43
C18 TR6 P . 5.04 -9.47 -19.93
C19 TR6 P . 3.86 -8.61 -19.62
C20 TR6 P . 1.68 -7.57 -17.44
C21 TR6 P . 0.83 -7.15 -16.41
C22 TR6 P . 1.11 -7.53 -15.11
C23 TR6 P . 0.30 -7.13 -14.04
C24 TR6 P . 0.66 -7.56 -12.76
C25 TR6 P . 1.80 -8.34 -12.58
C26 TR6 P . -0.13 -7.20 -11.55
O27 TR6 P . 0.18 -7.72 -10.46
O28 TR6 P . -1.08 -6.40 -11.67
O29 TR6 P . -0.70 -6.44 -14.26
F30 TR6 P . 1.46 -7.25 -18.70
H011 TR6 P . 4.94 -7.98 -14.13
H021 TR6 P . 6.92 -9.27 -13.91
H051 TR6 P . 4.71 -12.41 -12.60
H141 TR6 P . 4.41 -10.23 -17.00
H142 TR6 P . 5.25 -8.85 -16.96
H151 TR6 P . 6.60 -9.93 -18.62
H161 TR6 P . 4.06 -11.23 -19.33
H171 TR6 P . 6.02 -12.58 -19.93
H172 TR6 P . 6.53 -11.40 -20.71
H181 TR6 P . 5.69 -9.23 -20.66
H191 TR6 P . 3.09 -8.97 -20.10
H192 TR6 P . 4.01 -7.66 -19.86
H211 TR6 P . 0.03 -6.60 -16.62
H251 TR6 P . 2.05 -8.64 -11.66
#